data_6QNA
#
_entry.id   6QNA
#
_cell.length_a   43.440
_cell.length_b   76.270
_cell.length_c   130.030
_cell.angle_alpha   89.66
_cell.angle_beta   87.35
_cell.angle_gamma   88.60
#
_symmetry.space_group_name_H-M   'P 1'
#
loop_
_entity.id
_entity.type
_entity.pdbx_description
1 polymer 'B13 Heavy chain'
2 polymer 'B4 light chain'
3 non-polymer GLYCEROL
4 water water
#
loop_
_entity_poly.entity_id
_entity_poly.type
_entity_poly.pdbx_seq_one_letter_code
_entity_poly.pdbx_strand_id
1 'polypeptide(L)'
;QVQLQESGPSLVKPSQTLSLTCTVSGLSLSDHNVGWIRQAPGKALEWLGVIYKEGDKDYNPALKSRLSITKDNSKSQVSL
SLSSVTTEDTATYYCATLGCYFVEGVGYDCTYGLQHTTFHDAWGQGLLVTVSSASTTAPKVYPLSSCCGDKSSSTVTLGC
LVSSYMPEPVTVTWNSGALKSGVHTFPAVLQSSGLYSLSSMVTVPGSTSGTQTFTCNVAHPASSTKVDKAVDPRCGKHHH
HHH
;
H,A,C,E
2 'polypeptide(L)'
;QAVLTQPPSVSGSLGQRVSITCSGSSSNIGRWGVNWYQQVPGSGLRTIIYYESSRPSGVPDRFSGSKSGNTATLTISSLQ
AEDEADYFCATGDYNIAVFGSGTTLIVMGQPKSPPSVTLFPPSTEELNGNKATLVCLISDFYPGSVTVVWKADGSTITRN
VETTRASKQSNSKYAASSYLSLTSSDWKSKGSYSCEVTHEGSTVTKTVKPSECS
;
L,B,D,F
#
loop_
_chem_comp.id
_chem_comp.type
_chem_comp.name
_chem_comp.formula
GOL non-polymer GLYCEROL 'C3 H8 O3'
#
# COMPACT_ATOMS: atom_id res chain seq x y z
N VAL A 2 33.51 53.75 -35.14
CA VAL A 2 33.34 53.42 -33.74
C VAL A 2 34.20 52.21 -33.37
N GLN A 3 35.12 52.41 -32.43
CA GLN A 3 35.97 51.32 -31.96
C GLN A 3 36.32 51.57 -30.50
N LEU A 4 36.44 50.49 -29.75
CA LEU A 4 36.95 50.51 -28.39
C LEU A 4 38.21 49.67 -28.34
N GLN A 5 39.29 50.25 -27.84
CA GLN A 5 40.60 49.60 -27.85
C GLN A 5 41.20 49.70 -26.45
N GLU A 6 41.53 48.55 -25.87
CA GLU A 6 42.22 48.52 -24.59
C GLU A 6 43.72 48.64 -24.80
N SER A 7 44.40 49.22 -23.81
CA SER A 7 45.85 49.34 -23.86
C SER A 7 46.37 49.43 -22.44
N GLY A 8 47.67 49.16 -22.31
CA GLY A 8 48.31 49.11 -21.02
C GLY A 8 49.25 47.93 -20.92
N PRO A 9 50.02 47.85 -19.85
CA PRO A 9 50.96 46.73 -19.68
C PRO A 9 50.21 45.40 -19.66
N SER A 10 50.77 44.42 -20.38
CA SER A 10 50.27 43.05 -20.35
C SER A 10 50.96 42.21 -19.29
N LEU A 11 51.91 42.79 -18.57
CA LEU A 11 52.63 42.09 -17.50
C LEU A 11 52.77 43.04 -16.33
N VAL A 12 52.19 42.66 -15.19
CA VAL A 12 52.28 43.44 -13.96
C VAL A 12 52.76 42.52 -12.85
N LYS A 13 53.48 43.10 -11.90
CA LYS A 13 53.99 42.33 -10.77
C LYS A 13 52.91 42.18 -9.70
N PRO A 14 52.92 41.06 -8.98
CA PRO A 14 51.92 40.87 -7.92
C PRO A 14 52.04 41.94 -6.85
N SER A 15 50.90 42.25 -6.22
CA SER A 15 50.71 43.27 -5.19
C SER A 15 50.77 44.69 -5.76
N GLN A 16 51.04 44.86 -7.05
CA GLN A 16 51.05 46.18 -7.66
C GLN A 16 49.68 46.47 -8.26
N THR A 17 49.57 47.62 -8.92
CA THR A 17 48.30 48.09 -9.47
C THR A 17 48.26 47.87 -10.97
N LEU A 18 47.18 47.23 -11.43
CA LEU A 18 46.94 47.04 -12.86
C LEU A 18 46.18 48.26 -13.38
N SER A 19 46.74 48.92 -14.38
CA SER A 19 46.14 50.12 -14.97
C SER A 19 45.97 49.91 -16.47
N LEU A 20 44.75 50.08 -16.95
CA LEU A 20 44.45 49.95 -18.37
C LEU A 20 43.72 51.19 -18.85
N THR A 21 43.80 51.43 -20.16
CA THR A 21 43.13 52.54 -20.80
C THR A 21 42.28 52.03 -21.94
N CYS A 22 41.02 52.49 -22.00
CA CYS A 22 40.11 52.17 -23.10
C CYS A 22 39.93 53.44 -23.93
N THR A 23 40.53 53.47 -25.12
CA THR A 23 40.43 54.61 -26.01
C THR A 23 39.23 54.43 -26.92
N VAL A 24 38.31 55.38 -26.90
CA VAL A 24 37.06 55.30 -27.64
C VAL A 24 37.19 56.17 -28.88
N SER A 25 37.17 55.54 -30.05
CA SER A 25 37.22 56.26 -31.32
C SER A 25 35.81 56.41 -31.90
N GLY A 26 35.66 57.40 -32.77
CA GLY A 26 34.41 57.64 -33.47
C GLY A 26 33.20 57.78 -32.58
N LEU A 27 33.41 58.31 -31.38
CA LEU A 27 32.35 58.38 -30.38
C LEU A 27 32.73 59.42 -29.34
N SER A 28 31.73 59.91 -28.62
CA SER A 28 31.90 60.96 -27.62
C SER A 28 31.54 60.40 -26.25
N LEU A 29 32.51 60.38 -25.33
CA LEU A 29 32.29 59.87 -23.98
C LEU A 29 31.25 60.67 -23.20
N SER A 30 30.85 61.84 -23.69
CA SER A 30 29.88 62.66 -22.98
C SER A 30 28.57 61.90 -22.76
N ASP A 31 28.05 61.24 -23.79
CA ASP A 31 26.76 60.58 -23.72
C ASP A 31 26.88 59.08 -23.96
N HIS A 32 27.94 58.46 -23.46
CA HIS A 32 28.09 57.01 -23.54
C HIS A 32 28.61 56.46 -22.22
N ASN A 33 27.91 55.45 -21.70
CA ASN A 33 28.38 54.71 -20.54
C ASN A 33 29.40 53.67 -20.98
N VAL A 34 30.52 53.60 -20.27
CA VAL A 34 31.59 52.65 -20.58
C VAL A 34 31.88 51.83 -19.34
N GLY A 35 31.92 50.50 -19.50
CA GLY A 35 32.19 49.59 -18.41
C GLY A 35 33.36 48.67 -18.72
N TRP A 36 33.73 47.89 -17.72
CA TRP A 36 34.84 46.95 -17.83
C TRP A 36 34.40 45.56 -17.41
N ILE A 37 34.79 44.56 -18.19
CA ILE A 37 34.54 43.16 -17.90
C ILE A 37 35.82 42.39 -18.18
N ARG A 38 36.11 41.38 -17.36
CA ARG A 38 37.30 40.56 -17.54
C ARG A 38 36.91 39.09 -17.62
N GLN A 39 37.83 38.29 -18.16
CA GLN A 39 37.63 36.85 -18.31
C GLN A 39 38.95 36.16 -17.96
N ALA A 40 38.96 35.46 -16.82
CA ALA A 40 40.14 34.71 -16.42
C ALA A 40 40.31 33.50 -17.33
N PRO A 41 41.55 32.97 -17.45
CA PRO A 41 41.78 31.79 -18.30
C PRO A 41 40.86 30.63 -17.96
N GLY A 42 39.98 30.29 -18.89
CA GLY A 42 39.01 29.23 -18.68
C GLY A 42 38.07 29.49 -17.53
N LYS A 43 37.51 30.70 -17.46
CA LYS A 43 36.57 31.08 -16.40
C LYS A 43 35.44 31.88 -17.01
N ALA A 44 34.36 32.01 -16.25
CA ALA A 44 33.23 32.82 -16.70
C ALA A 44 33.58 34.31 -16.68
N LEU A 45 32.76 35.09 -17.36
CA LEU A 45 32.93 36.53 -17.39
C LEU A 45 32.65 37.13 -16.00
N GLU A 46 33.43 38.14 -15.64
CA GLU A 46 33.31 38.81 -14.36
C GLU A 46 33.15 40.30 -14.59
N TRP A 47 32.03 40.86 -14.13
CA TRP A 47 31.81 42.29 -14.23
C TRP A 47 32.69 43.03 -13.23
N LEU A 48 33.30 44.11 -13.70
CA LEU A 48 34.16 44.94 -12.85
C LEU A 48 33.43 46.22 -12.42
N GLY A 49 33.02 47.04 -13.38
CA GLY A 49 32.34 48.27 -13.05
C GLY A 49 32.01 49.04 -14.31
N VAL A 50 31.38 50.21 -14.11
CA VAL A 50 30.96 51.06 -15.22
C VAL A 50 30.96 52.50 -14.75
N ILE A 51 31.39 53.40 -15.63
CA ILE A 51 31.30 54.84 -15.40
C ILE A 51 30.24 55.40 -16.34
N TYR A 52 29.25 56.08 -15.78
CA TYR A 52 28.13 56.57 -16.56
C TYR A 52 28.46 57.88 -17.25
N LYS A 53 27.52 58.34 -18.08
CA LYS A 53 27.70 59.56 -18.87
C LYS A 53 28.22 60.72 -18.03
N GLU A 54 27.55 61.01 -16.92
CA GLU A 54 27.84 62.20 -16.13
C GLU A 54 28.94 61.99 -15.10
N GLY A 55 29.65 60.87 -15.16
CA GLY A 55 30.73 60.59 -14.23
C GLY A 55 30.36 59.73 -13.05
N ASP A 56 29.11 59.29 -12.96
CA ASP A 56 28.70 58.40 -11.88
C ASP A 56 29.26 56.99 -12.11
N LYS A 57 29.41 56.23 -11.03
CA LYS A 57 30.12 54.97 -11.09
C LYS A 57 29.39 53.89 -10.31
N ASP A 58 29.48 52.66 -10.80
CA ASP A 58 29.06 51.47 -10.09
C ASP A 58 30.17 50.43 -10.19
N TYR A 59 30.34 49.65 -9.12
CA TYR A 59 31.42 48.67 -9.06
C TYR A 59 30.88 47.31 -8.62
N ASN A 60 31.65 46.28 -8.94
CA ASN A 60 31.42 44.95 -8.40
C ASN A 60 31.66 44.97 -6.90
N PRO A 61 30.68 44.59 -6.07
CA PRO A 61 30.91 44.64 -4.61
C PRO A 61 32.10 43.82 -4.15
N ALA A 62 32.37 42.68 -4.79
CA ALA A 62 33.47 41.82 -4.38
C ALA A 62 34.83 42.46 -4.65
N LEU A 63 34.92 43.39 -5.61
CA LEU A 63 36.18 44.02 -5.97
C LEU A 63 36.21 45.52 -5.70
N LYS A 64 35.12 46.09 -5.16
CA LYS A 64 35.00 47.54 -4.99
C LYS A 64 36.22 48.14 -4.30
N SER A 65 36.73 47.50 -3.25
CA SER A 65 37.82 48.10 -2.47
C SER A 65 39.09 48.25 -3.30
N ARG A 66 39.30 47.40 -4.30
CA ARG A 66 40.50 47.44 -5.12
C ARG A 66 40.28 48.13 -6.46
N LEU A 67 39.08 48.63 -6.73
CA LEU A 67 38.68 49.06 -8.06
C LEU A 67 38.57 50.58 -8.13
N SER A 68 39.00 51.14 -9.25
CA SER A 68 38.87 52.57 -9.53
C SER A 68 38.70 52.76 -11.03
N ILE A 69 37.63 53.47 -11.41
CA ILE A 69 37.36 53.77 -12.81
C ILE A 69 37.15 55.27 -12.93
N THR A 70 37.96 55.91 -13.78
CA THR A 70 37.85 57.33 -14.09
C THR A 70 37.76 57.49 -15.60
N LYS A 71 37.62 58.74 -16.05
CA LYS A 71 37.44 58.99 -17.47
C LYS A 71 37.76 60.45 -17.78
N ASP A 72 38.26 60.67 -18.99
CA ASP A 72 38.63 62.00 -19.48
C ASP A 72 37.90 62.22 -20.81
N ASN A 73 36.80 62.97 -20.76
CA ASN A 73 35.99 63.21 -21.96
C ASN A 73 36.83 63.77 -23.10
N SER A 74 37.74 64.70 -22.81
CA SER A 74 38.51 65.34 -23.87
C SER A 74 39.45 64.36 -24.54
N LYS A 75 40.08 63.47 -23.77
CA LYS A 75 40.99 62.48 -24.33
C LYS A 75 40.27 61.27 -24.90
N SER A 76 38.96 61.17 -24.74
CA SER A 76 38.19 60.01 -25.17
C SER A 76 38.74 58.72 -24.55
N GLN A 77 39.06 58.78 -23.26
CA GLN A 77 39.70 57.68 -22.56
C GLN A 77 38.93 57.34 -21.29
N VAL A 78 38.82 56.05 -21.01
CA VAL A 78 38.31 55.55 -19.74
C VAL A 78 39.42 54.74 -19.09
N SER A 79 39.62 54.95 -17.79
CA SER A 79 40.72 54.34 -17.06
C SER A 79 40.22 53.27 -16.11
N LEU A 80 41.03 52.24 -15.92
CA LEU A 80 40.74 51.18 -14.97
C LEU A 80 41.97 50.95 -14.10
N SER A 81 41.78 51.03 -12.78
CA SER A 81 42.83 50.71 -11.82
C SER A 81 42.36 49.56 -10.94
N LEU A 82 43.20 48.53 -10.82
CA LEU A 82 42.97 47.41 -9.92
C LEU A 82 44.23 47.24 -9.08
N SER A 83 44.10 47.48 -7.78
CA SER A 83 45.26 47.47 -6.89
C SER A 83 45.44 46.10 -6.25
N SER A 84 46.66 45.89 -5.73
CA SER A 84 47.02 44.67 -5.00
C SER A 84 46.63 43.42 -5.77
N VAL A 85 47.11 43.34 -7.02
CA VAL A 85 46.73 42.24 -7.88
C VAL A 85 47.46 40.96 -7.46
N THR A 86 46.79 39.83 -7.67
CA THR A 86 47.36 38.51 -7.47
C THR A 86 47.20 37.71 -8.76
N THR A 87 47.62 36.45 -8.73
CA THR A 87 47.47 35.59 -9.90
C THR A 87 46.01 35.41 -10.28
N GLU A 88 45.10 35.49 -9.30
CA GLU A 88 43.68 35.43 -9.59
C GLU A 88 43.22 36.54 -10.52
N ASP A 89 43.95 37.65 -10.58
CA ASP A 89 43.59 38.78 -11.42
C ASP A 89 44.11 38.66 -12.85
N THR A 90 44.87 37.61 -13.15
CA THR A 90 45.25 37.34 -14.53
C THR A 90 44.00 37.03 -15.35
N ALA A 91 43.77 37.81 -16.40
CA ALA A 91 42.54 37.69 -17.16
C ALA A 91 42.66 38.51 -18.44
N THR A 92 41.72 38.29 -19.35
CA THR A 92 41.56 39.14 -20.53
C THR A 92 40.52 40.20 -20.20
N TYR A 93 40.94 41.46 -20.20
CA TYR A 93 40.09 42.57 -19.79
C TYR A 93 39.46 43.23 -21.00
N TYR A 94 38.14 43.44 -20.93
CA TYR A 94 37.36 44.04 -22.01
C TYR A 94 36.74 45.34 -21.52
N CYS A 95 36.73 46.34 -22.39
CA CYS A 95 35.88 47.50 -22.19
C CYS A 95 34.76 47.50 -23.22
N ALA A 96 33.61 48.01 -22.82
CA ALA A 96 32.42 47.95 -23.67
C ALA A 96 31.48 49.07 -23.24
N THR A 97 30.61 49.45 -24.17
CA THR A 97 29.59 50.44 -23.85
C THR A 97 28.43 49.80 -23.11
N LEU A 98 27.77 50.60 -22.27
CA LEU A 98 26.58 50.17 -21.55
C LEU A 98 25.40 50.89 -22.20
N GLY A 99 24.95 50.35 -23.33
CA GLY A 99 23.88 50.98 -24.09
C GLY A 99 22.54 50.78 -23.42
N CYS A 100 21.82 51.87 -23.23
CA CYS A 100 20.53 51.85 -22.55
C CYS A 100 19.43 52.26 -23.52
N TYR A 101 18.23 51.76 -23.26
CA TYR A 101 17.10 51.91 -24.17
C TYR A 101 15.81 51.89 -23.36
N PHE A 102 14.78 52.53 -23.90
CA PHE A 102 13.48 52.59 -23.26
C PHE A 102 12.59 51.49 -23.82
N VAL A 103 12.08 50.64 -22.94
CA VAL A 103 11.12 49.62 -23.30
C VAL A 103 9.73 50.19 -23.03
N GLU A 104 8.98 50.43 -24.11
CA GLU A 104 7.71 51.15 -24.07
C GLU A 104 6.85 50.75 -22.87
N GLY A 105 6.70 49.45 -22.64
CA GLY A 105 5.80 48.96 -21.61
C GLY A 105 6.36 48.88 -20.21
N VAL A 106 7.68 48.65 -20.09
CA VAL A 106 8.29 48.41 -18.78
C VAL A 106 9.05 49.63 -18.30
N GLY A 107 10.09 50.01 -19.03
CA GLY A 107 10.92 51.14 -18.61
C GLY A 107 12.29 51.06 -19.27
N TYR A 108 13.29 51.55 -18.54
CA TYR A 108 14.66 51.58 -19.03
C TYR A 108 15.39 50.29 -18.67
N ASP A 109 16.25 49.84 -19.58
CA ASP A 109 17.15 48.72 -19.33
C ASP A 109 18.38 48.92 -20.20
N CYS A 110 19.45 48.22 -19.86
CA CYS A 110 20.75 48.47 -20.48
C CYS A 110 21.45 47.16 -20.80
N THR A 111 22.34 47.21 -21.79
CA THR A 111 23.08 46.06 -22.26
C THR A 111 24.56 46.43 -22.42
N TYR A 112 25.44 45.63 -21.82
CA TYR A 112 26.87 45.80 -22.06
C TYR A 112 27.24 45.30 -23.45
N GLY A 113 28.14 46.03 -24.11
CA GLY A 113 28.55 45.66 -25.46
C GLY A 113 27.58 46.09 -26.55
N LEU A 114 26.70 47.05 -26.27
CA LEU A 114 25.74 47.53 -27.24
C LEU A 114 25.73 49.05 -27.23
N GLN A 115 25.54 49.65 -28.41
CA GLN A 115 25.46 51.10 -28.52
C GLN A 115 24.01 51.55 -28.36
N HIS A 116 23.82 52.70 -27.73
CA HIS A 116 22.51 53.02 -27.15
C HIS A 116 21.46 53.33 -28.21
N THR A 117 21.85 53.92 -29.34
CA THR A 117 20.87 54.28 -30.36
C THR A 117 20.97 53.40 -31.60
N THR A 118 22.17 53.20 -32.15
CA THR A 118 22.31 52.39 -33.34
C THR A 118 22.14 50.91 -33.06
N PHE A 119 22.25 50.49 -31.79
CA PHE A 119 22.14 49.09 -31.39
C PHE A 119 23.19 48.23 -32.09
N HIS A 120 24.37 48.79 -32.31
CA HIS A 120 25.48 48.08 -32.91
C HIS A 120 26.32 47.40 -31.82
N ASP A 121 27.09 46.41 -32.24
CA ASP A 121 28.03 45.77 -31.34
C ASP A 121 29.09 46.77 -30.90
N ALA A 122 29.45 46.73 -29.62
CA ALA A 122 30.38 47.70 -29.07
C ALA A 122 31.24 47.03 -27.99
N TRP A 123 32.05 46.07 -28.41
CA TRP A 123 33.02 45.41 -27.53
C TRP A 123 34.42 45.83 -27.91
N GLY A 124 35.28 45.93 -26.90
CA GLY A 124 36.70 46.06 -27.16
C GLY A 124 37.29 44.75 -27.63
N GLN A 125 38.52 44.81 -28.12
CA GLN A 125 39.18 43.60 -28.60
C GLN A 125 39.56 42.69 -27.45
N GLY A 126 39.82 43.26 -26.27
CA GLY A 126 40.28 42.49 -25.14
C GLY A 126 41.78 42.52 -25.03
N LEU A 127 42.30 42.70 -23.82
CA LEU A 127 43.73 42.74 -23.59
C LEU A 127 44.08 41.77 -22.48
N LEU A 128 44.85 40.73 -22.82
CA LEU A 128 45.35 39.80 -21.82
C LEU A 128 46.46 40.48 -21.02
N VAL A 129 46.31 40.52 -19.71
CA VAL A 129 47.37 40.98 -18.80
C VAL A 129 47.60 39.88 -17.78
N THR A 130 48.87 39.57 -17.54
CA THR A 130 49.27 38.45 -16.70
C THR A 130 49.96 38.97 -15.45
N VAL A 131 49.47 38.56 -14.29
CA VAL A 131 50.08 38.91 -13.02
C VAL A 131 51.17 37.88 -12.73
N SER A 132 52.42 38.27 -12.91
CA SER A 132 53.54 37.36 -12.74
C SER A 132 54.78 38.16 -12.38
N SER A 133 55.68 37.51 -11.65
CA SER A 133 56.94 38.12 -11.26
C SER A 133 58.04 37.95 -12.31
N ALA A 134 57.86 37.02 -13.25
CA ALA A 134 58.81 36.85 -14.33
C ALA A 134 58.97 38.14 -15.13
N SER A 135 60.14 38.32 -15.72
CA SER A 135 60.47 39.53 -16.46
C SER A 135 60.12 39.37 -17.93
N THR A 136 60.23 40.47 -18.67
CA THR A 136 59.86 40.52 -20.08
C THR A 136 61.00 39.94 -20.92
N THR A 137 60.76 38.81 -21.57
CA THR A 137 61.74 38.14 -22.42
C THR A 137 61.27 38.20 -23.87
N ALA A 138 62.06 38.86 -24.72
CA ALA A 138 61.74 38.93 -26.13
C ALA A 138 61.96 37.58 -26.82
N PRO A 139 61.20 37.29 -27.86
CA PRO A 139 61.34 35.98 -28.53
C PRO A 139 62.50 35.93 -29.51
N LYS A 140 63.12 34.76 -29.58
CA LYS A 140 64.03 34.41 -30.67
C LYS A 140 63.24 33.60 -31.69
N VAL A 141 63.22 34.07 -32.92
CA VAL A 141 62.39 33.50 -33.99
C VAL A 141 63.31 32.77 -34.96
N TYR A 142 62.95 31.53 -35.29
CA TYR A 142 63.75 30.67 -36.15
C TYR A 142 62.92 30.18 -37.34
N PRO A 143 63.55 29.92 -38.48
CA PRO A 143 62.80 29.41 -39.64
C PRO A 143 62.57 27.91 -39.55
N LEU A 144 61.39 27.49 -39.97
CA LEU A 144 61.02 26.08 -40.00
C LEU A 144 60.99 25.60 -41.44
N SER A 145 61.67 24.49 -41.70
CA SER A 145 61.73 23.91 -43.04
C SER A 145 61.63 22.39 -42.90
N SER A 146 60.69 21.80 -43.61
CA SER A 146 60.39 20.38 -43.53
C SER A 146 61.13 19.64 -44.62
N CYS A 147 62.40 19.98 -44.81
CA CYS A 147 63.21 19.35 -45.85
C CYS A 147 63.99 18.16 -45.36
N CYS A 148 64.36 18.16 -44.08
CA CYS A 148 65.14 17.08 -43.50
C CYS A 148 64.40 15.75 -43.61
N SER A 152 61.27 16.51 -51.62
CA SER A 152 60.58 17.18 -52.72
C SER A 152 59.12 16.73 -52.81
N SER A 153 58.25 17.43 -52.10
CA SER A 153 56.82 17.14 -52.10
C SER A 153 56.08 18.11 -53.01
N SER A 154 54.78 17.85 -53.20
CA SER A 154 53.97 18.71 -54.05
C SER A 154 53.63 20.02 -53.36
N THR A 155 53.35 19.96 -52.06
CA THR A 155 52.99 21.13 -51.27
C THR A 155 54.08 21.36 -50.23
N VAL A 156 55.01 22.26 -50.54
CA VAL A 156 56.05 22.62 -49.57
C VAL A 156 55.41 23.22 -48.34
N THR A 157 55.95 22.90 -47.17
CA THR A 157 55.44 23.38 -45.90
C THR A 157 56.58 24.01 -45.14
N LEU A 158 56.42 25.29 -44.80
CA LEU A 158 57.42 26.06 -44.06
C LEU A 158 56.72 26.84 -42.96
N GLY A 159 57.53 27.46 -42.10
CA GLY A 159 56.95 28.23 -41.03
C GLY A 159 58.00 28.97 -40.23
N CYS A 160 57.55 29.56 -39.12
CA CYS A 160 58.40 30.30 -38.20
C CYS A 160 58.16 29.78 -36.79
N LEU A 161 59.24 29.50 -36.08
CA LEU A 161 59.19 29.14 -34.67
C LEU A 161 59.49 30.38 -33.84
N VAL A 162 58.50 30.83 -33.08
CA VAL A 162 58.65 31.95 -32.15
C VAL A 162 58.91 31.34 -30.78
N SER A 163 60.18 31.34 -30.36
CA SER A 163 60.63 30.50 -29.25
C SER A 163 61.02 31.35 -28.04
N SER A 164 60.61 30.88 -26.86
CA SER A 164 61.12 31.34 -25.56
C SER A 164 60.89 32.84 -25.38
N TYR A 165 59.63 33.18 -25.18
CA TYR A 165 59.25 34.56 -24.91
C TYR A 165 58.31 34.63 -23.70
N MET A 166 58.26 35.82 -23.10
CA MET A 166 57.42 36.14 -21.96
C MET A 166 57.21 37.65 -21.93
N PRO A 167 55.96 38.11 -21.83
CA PRO A 167 54.74 37.32 -21.72
C PRO A 167 53.91 37.23 -23.01
N GLU A 168 52.82 36.45 -22.97
CA GLU A 168 51.84 36.45 -24.05
C GLU A 168 51.27 37.86 -24.23
N PRO A 169 50.85 38.22 -25.45
CA PRO A 169 50.90 37.40 -26.66
C PRO A 169 51.92 37.88 -27.69
N VAL A 170 52.13 37.10 -28.74
CA VAL A 170 52.81 37.56 -29.94
C VAL A 170 51.82 37.46 -31.09
N THR A 171 52.07 38.26 -32.12
CA THR A 171 51.24 38.29 -33.32
C THR A 171 52.12 38.06 -34.54
N VAL A 172 51.73 37.09 -35.37
CA VAL A 172 52.52 36.67 -36.52
C VAL A 172 51.71 36.92 -37.79
N THR A 173 52.32 37.61 -38.73
CA THR A 173 51.79 37.74 -40.10
C THR A 173 52.87 37.29 -41.08
N TRP A 174 52.49 37.23 -42.35
CA TRP A 174 53.42 36.80 -43.40
C TRP A 174 53.38 37.82 -44.53
N ASN A 175 54.58 38.29 -44.91
CA ASN A 175 54.74 39.26 -45.99
C ASN A 175 53.87 40.51 -45.77
N SER A 176 53.99 41.07 -44.55
CA SER A 176 53.30 42.30 -44.18
C SER A 176 51.79 42.17 -44.34
N GLY A 177 51.26 41.00 -44.02
CA GLY A 177 49.83 40.74 -44.09
C GLY A 177 49.30 40.43 -45.46
N ALA A 178 50.15 40.35 -46.48
CA ALA A 178 49.68 40.04 -47.83
C ALA A 178 49.31 38.58 -47.96
N LEU A 179 50.10 37.68 -47.38
CA LEU A 179 49.86 36.24 -47.47
C LEU A 179 48.97 35.82 -46.31
N LYS A 180 47.75 35.37 -46.62
CA LYS A 180 46.84 34.86 -45.61
C LYS A 180 46.29 33.49 -45.95
N SER A 181 46.25 33.16 -47.24
CA SER A 181 45.77 31.84 -47.65
C SER A 181 46.80 30.77 -47.29
N GLY A 182 46.33 29.70 -46.66
CA GLY A 182 47.18 28.59 -46.28
C GLY A 182 48.00 28.80 -45.03
N VAL A 183 47.82 29.91 -44.32
CA VAL A 183 48.58 30.17 -43.10
C VAL A 183 47.79 29.68 -41.90
N HIS A 184 48.52 29.23 -40.88
CA HIS A 184 47.90 28.89 -39.60
C HIS A 184 48.89 29.15 -38.48
N THR A 185 48.53 30.05 -37.57
CA THR A 185 49.33 30.35 -36.39
C THR A 185 48.75 29.56 -35.21
N PHE A 186 49.60 28.75 -34.58
CA PHE A 186 49.15 27.86 -33.52
C PHE A 186 49.18 28.58 -32.16
N PRO A 187 48.31 28.17 -31.24
CA PRO A 187 48.41 28.70 -29.87
C PRO A 187 49.75 28.35 -29.23
N ALA A 188 50.16 29.19 -28.29
CA ALA A 188 51.46 29.02 -27.65
C ALA A 188 51.41 27.93 -26.58
N VAL A 189 52.53 27.23 -26.43
CA VAL A 189 52.72 26.26 -25.36
C VAL A 189 53.65 26.86 -24.33
N LEU A 190 53.52 26.40 -23.08
CA LEU A 190 54.38 26.82 -21.98
C LEU A 190 55.29 25.66 -21.61
N GLN A 191 56.59 25.90 -21.59
CA GLN A 191 57.60 24.86 -21.48
C GLN A 191 58.21 24.84 -20.08
N SER A 192 59.10 23.88 -19.87
CA SER A 192 59.79 23.74 -18.59
C SER A 192 60.53 25.00 -18.20
N SER A 193 61.12 25.69 -19.19
CA SER A 193 61.89 26.90 -18.92
C SER A 193 61.05 28.03 -18.35
N GLY A 194 59.73 27.88 -18.31
CA GLY A 194 58.86 28.95 -17.85
C GLY A 194 58.56 30.00 -18.90
N LEU A 195 58.88 29.76 -20.16
CA LEU A 195 58.65 30.71 -21.23
C LEU A 195 57.70 30.11 -22.27
N TYR A 196 57.14 30.98 -23.11
CA TYR A 196 56.19 30.58 -24.12
C TYR A 196 56.89 30.36 -25.46
N SER A 197 56.32 29.44 -26.26
CA SER A 197 56.75 29.24 -27.63
C SER A 197 55.54 28.87 -28.47
N LEU A 198 55.47 29.41 -29.69
CA LEU A 198 54.44 29.03 -30.64
C LEU A 198 55.06 28.97 -32.04
N SER A 199 54.27 28.47 -32.98
CA SER A 199 54.71 28.32 -34.35
C SER A 199 53.60 28.77 -35.30
N SER A 200 54.00 29.33 -36.43
CA SER A 200 53.09 29.67 -37.51
C SER A 200 53.55 28.93 -38.77
N MET A 201 52.60 28.41 -39.52
CA MET A 201 52.88 27.51 -40.63
C MET A 201 52.26 28.05 -41.92
N VAL A 202 52.94 27.80 -43.04
CA VAL A 202 52.43 28.13 -44.36
C VAL A 202 52.49 26.88 -45.23
N THR A 203 51.35 26.45 -45.73
CA THR A 203 51.26 25.39 -46.73
C THR A 203 50.89 26.04 -48.05
N VAL A 204 51.71 25.84 -49.07
CA VAL A 204 51.51 26.48 -50.36
C VAL A 204 51.76 25.47 -51.48
N PRO A 205 50.87 25.37 -52.47
CA PRO A 205 51.05 24.49 -53.62
C PRO A 205 51.80 25.17 -54.76
N GLY A 210 57.78 26.65 -55.33
CA GLY A 210 57.01 27.88 -55.44
C GLY A 210 57.61 28.88 -56.40
N THR A 211 57.17 30.13 -56.29
CA THR A 211 57.67 31.20 -57.15
C THR A 211 57.65 32.52 -56.39
N GLN A 212 57.96 32.47 -55.09
CA GLN A 212 57.78 33.63 -54.23
C GLN A 212 58.66 33.47 -52.99
N THR A 213 58.93 34.60 -52.35
CA THR A 213 59.67 34.62 -51.10
C THR A 213 58.71 34.66 -49.92
N PHE A 214 59.12 34.08 -48.80
CA PHE A 214 58.29 33.98 -47.61
C PHE A 214 59.05 34.56 -46.41
N THR A 215 58.56 35.67 -45.88
CA THR A 215 59.06 36.23 -44.63
C THR A 215 57.90 36.36 -43.64
N CYS A 216 58.16 35.97 -42.40
CA CYS A 216 57.17 36.06 -41.33
C CYS A 216 57.47 37.27 -40.46
N ASN A 217 56.42 37.96 -40.04
CA ASN A 217 56.54 39.20 -39.28
C ASN A 217 56.04 38.93 -37.86
N VAL A 218 56.98 38.79 -36.92
CA VAL A 218 56.67 38.54 -35.53
C VAL A 218 56.72 39.86 -34.77
N ALA A 219 55.79 40.04 -33.83
CA ALA A 219 55.72 41.24 -33.01
C ALA A 219 55.38 40.85 -31.59
N HIS A 220 56.13 41.42 -30.63
CA HIS A 220 55.96 41.13 -29.21
C HIS A 220 55.88 42.46 -28.48
N PRO A 221 54.68 43.04 -28.37
CA PRO A 221 54.56 44.40 -27.81
C PRO A 221 55.10 44.54 -26.41
N ALA A 222 55.08 43.48 -25.60
CA ALA A 222 55.58 43.57 -24.23
C ALA A 222 57.05 43.96 -24.19
N SER A 223 57.85 43.44 -25.12
CA SER A 223 59.26 43.79 -25.23
C SER A 223 59.52 44.82 -26.31
N SER A 224 58.47 45.34 -26.94
CA SER A 224 58.57 46.35 -27.99
C SER A 224 59.45 45.89 -29.15
N THR A 225 59.52 44.59 -29.37
CA THR A 225 60.32 44.02 -30.43
C THR A 225 59.45 43.64 -31.63
N LYS A 226 60.07 43.64 -32.80
CA LYS A 226 59.37 43.34 -34.05
C LYS A 226 60.40 42.79 -35.03
N VAL A 227 60.27 41.51 -35.38
CA VAL A 227 61.27 40.80 -36.17
C VAL A 227 60.63 40.34 -37.48
N ASP A 228 61.28 40.67 -38.60
CA ASP A 228 60.99 40.06 -39.89
C ASP A 228 62.02 38.99 -40.17
N LYS A 229 61.56 37.80 -40.53
CA LYS A 229 62.43 36.64 -40.69
C LYS A 229 62.12 35.95 -42.01
N ALA A 230 63.08 35.95 -42.92
CA ALA A 230 62.94 35.27 -44.19
C ALA A 230 63.13 33.77 -44.01
N VAL A 231 62.28 32.99 -44.69
CA VAL A 231 62.26 31.54 -44.56
C VAL A 231 62.59 30.95 -45.93
N ASP A 232 63.69 30.21 -46.00
CA ASP A 232 64.15 29.61 -47.24
C ASP A 232 63.26 28.43 -47.61
N PRO A 233 62.50 28.50 -48.71
CA PRO A 233 61.62 27.38 -49.08
C PRO A 233 62.38 26.28 -49.80
N ARG A 234 63.49 26.63 -50.44
CA ARG A 234 64.18 25.70 -51.33
C ARG A 234 65.01 24.70 -50.54
N CYS A 235 65.14 23.51 -51.12
CA CYS A 235 65.64 22.29 -50.47
C CYS A 235 66.99 21.90 -51.08
N GLY A 236 66.95 21.15 -52.18
CA GLY A 236 68.14 20.58 -52.77
C GLY A 236 69.14 21.58 -53.28
N LYS A 237 68.79 22.86 -53.31
CA LYS A 237 69.73 23.90 -53.70
C LYS A 237 70.53 24.41 -52.52
N HIS A 238 69.88 24.64 -51.38
CA HIS A 238 70.58 25.11 -50.19
C HIS A 238 71.54 24.04 -49.67
N HIS A 239 71.01 22.85 -49.39
CA HIS A 239 71.85 21.76 -48.88
C HIS A 239 72.85 21.26 -49.91
N HIS A 240 72.62 21.53 -51.19
CA HIS A 240 73.57 21.17 -52.24
C HIS A 240 73.39 22.06 -53.47
N VAL B 3 25.14 34.62 -8.86
CA VAL B 3 25.62 34.16 -10.15
C VAL B 3 24.49 33.45 -10.90
N LEU B 4 24.47 33.59 -12.22
CA LEU B 4 23.48 32.95 -13.07
C LEU B 4 23.95 31.55 -13.46
N THR B 5 23.06 30.57 -13.33
CA THR B 5 23.41 29.18 -13.57
C THR B 5 23.13 28.81 -15.02
N GLN B 6 24.18 28.37 -15.72
CA GLN B 6 24.10 27.83 -17.07
C GLN B 6 24.61 26.41 -17.09
N PRO B 7 24.12 25.57 -17.99
CA PRO B 7 24.72 24.24 -18.16
C PRO B 7 26.12 24.35 -18.70
N PRO B 8 27.07 23.57 -18.16
CA PRO B 8 28.46 23.70 -18.62
C PRO B 8 28.65 23.49 -20.10
N SER B 9 27.86 22.61 -20.73
CA SER B 9 28.00 22.36 -22.15
C SER B 9 26.73 21.71 -22.68
N VAL B 10 26.43 21.99 -23.95
CA VAL B 10 25.34 21.36 -24.67
C VAL B 10 25.85 20.91 -26.03
N SER B 11 25.16 19.93 -26.61
CA SER B 11 25.57 19.34 -27.87
C SER B 11 24.43 19.41 -28.88
N GLY B 12 24.79 19.30 -30.15
CA GLY B 12 23.81 19.31 -31.22
C GLY B 12 24.49 19.09 -32.54
N SER B 13 23.70 18.64 -33.51
CA SER B 13 24.18 18.35 -34.85
C SER B 13 23.77 19.44 -35.82
N LEU B 14 24.37 19.41 -37.00
CA LEU B 14 24.12 20.44 -38.00
C LEU B 14 22.64 20.49 -38.39
N GLY B 15 22.08 21.69 -38.41
CA GLY B 15 20.69 21.89 -38.77
C GLY B 15 19.68 21.62 -37.67
N GLN B 16 20.11 21.11 -36.52
CA GLN B 16 19.21 20.82 -35.42
C GLN B 16 19.13 22.01 -34.47
N ARG B 17 18.02 22.07 -33.74
CA ARG B 17 17.79 23.15 -32.78
C ARG B 17 18.38 22.79 -31.42
N VAL B 18 19.06 23.75 -30.80
CA VAL B 18 19.65 23.58 -29.49
C VAL B 18 19.27 24.79 -28.64
N SER B 19 19.06 24.54 -27.35
CA SER B 19 18.66 25.58 -26.41
C SER B 19 19.60 25.59 -25.22
N ILE B 20 19.94 26.80 -24.77
CA ILE B 20 20.83 27.01 -23.63
C ILE B 20 20.05 27.82 -22.59
N THR B 21 19.93 27.27 -21.39
CA THR B 21 19.18 27.92 -20.33
C THR B 21 20.09 28.79 -19.46
N CYS B 22 19.45 29.72 -18.74
CA CYS B 22 20.17 30.66 -17.87
C CYS B 22 19.22 31.01 -16.74
N SER B 23 19.38 30.34 -15.60
CA SER B 23 18.48 30.48 -14.47
C SER B 23 19.08 31.44 -13.44
N GLY B 24 18.24 32.35 -12.94
CA GLY B 24 18.66 33.26 -11.90
C GLY B 24 17.68 33.28 -10.74
N SER B 25 17.23 34.47 -10.35
CA SER B 25 16.26 34.62 -9.27
C SER B 25 15.25 35.68 -9.68
N SER B 26 14.28 35.90 -8.79
CA SER B 26 13.26 36.91 -9.04
C SER B 26 13.83 38.33 -9.02
N SER B 27 15.01 38.52 -8.43
CA SER B 27 15.57 39.86 -8.33
C SER B 27 16.23 40.31 -9.63
N ASN B 28 16.91 39.40 -10.32
CA ASN B 28 17.65 39.78 -11.52
C ASN B 28 16.90 39.41 -12.80
N ILE B 29 16.83 38.12 -13.12
CA ILE B 29 16.22 37.71 -14.39
C ILE B 29 14.72 37.96 -14.37
N GLY B 30 14.07 37.73 -13.23
CA GLY B 30 12.63 37.92 -13.16
C GLY B 30 12.19 39.35 -13.34
N ARG B 31 13.07 40.30 -13.04
CA ARG B 31 12.75 41.72 -13.11
C ARG B 31 13.35 42.42 -14.33
N TRP B 32 14.61 42.14 -14.65
CA TRP B 32 15.35 42.90 -15.64
C TRP B 32 15.61 42.08 -16.89
N GLY B 33 16.06 42.76 -17.94
CA GLY B 33 16.31 42.09 -19.20
C GLY B 33 17.53 41.20 -19.15
N VAL B 34 17.57 40.27 -20.11
CA VAL B 34 18.65 39.29 -20.22
C VAL B 34 19.38 39.52 -21.53
N ASN B 35 20.69 39.33 -21.51
CA ASN B 35 21.53 39.51 -22.70
C ASN B 35 22.41 38.28 -22.86
N TRP B 36 22.78 37.99 -24.11
CA TRP B 36 23.59 36.82 -24.43
C TRP B 36 24.79 37.25 -25.28
N TYR B 37 25.91 36.55 -25.07
CA TYR B 37 27.16 36.88 -25.73
C TYR B 37 27.83 35.63 -26.27
N GLN B 38 28.47 35.75 -27.43
CA GLN B 38 29.15 34.65 -28.09
C GLN B 38 30.65 34.93 -28.12
N GLN B 39 31.44 33.88 -27.91
CA GLN B 39 32.90 33.98 -27.96
C GLN B 39 33.44 32.72 -28.62
N VAL B 40 33.82 32.83 -29.89
CA VAL B 40 34.57 31.76 -30.54
C VAL B 40 35.95 31.74 -29.88
N PRO B 41 36.62 30.59 -29.78
CA PRO B 41 37.89 30.54 -29.05
C PRO B 41 38.96 31.47 -29.61
N GLY B 42 38.90 31.80 -30.90
CA GLY B 42 39.91 32.65 -31.48
C GLY B 42 39.72 34.13 -31.20
N SER B 43 38.47 34.58 -31.10
CA SER B 43 38.14 35.99 -30.95
C SER B 43 37.65 36.28 -29.53
N GLY B 44 37.22 37.52 -29.32
CA GLY B 44 36.71 37.94 -28.03
C GLY B 44 35.20 37.77 -27.90
N LEU B 45 34.53 38.76 -27.33
CA LEU B 45 33.11 38.69 -27.06
C LEU B 45 32.30 39.40 -28.14
N ARG B 46 31.12 38.86 -28.42
CA ARG B 46 30.19 39.44 -29.38
C ARG B 46 28.77 39.34 -28.83
N THR B 47 28.05 40.46 -28.83
CA THR B 47 26.67 40.47 -28.39
C THR B 47 25.77 39.94 -29.50
N ILE B 48 24.93 38.97 -29.17
CA ILE B 48 24.09 38.29 -30.15
C ILE B 48 22.61 38.64 -29.97
N ILE B 49 22.14 38.78 -28.73
CA ILE B 49 20.79 39.27 -28.45
C ILE B 49 20.83 40.11 -27.18
N TYR B 50 19.85 41.01 -27.07
CA TYR B 50 19.76 41.91 -25.92
C TYR B 50 18.32 42.03 -25.45
N TYR B 51 18.17 42.51 -24.21
CA TYR B 51 16.92 42.60 -23.47
C TYR B 51 16.18 41.26 -23.40
N GLU B 52 15.65 40.78 -24.52
CA GLU B 52 14.89 39.54 -24.49
C GLU B 52 15.07 38.74 -25.77
N SER B 53 14.67 39.33 -26.90
CA SER B 53 14.77 38.63 -28.19
C SER B 53 15.33 39.49 -29.30
N SER B 54 15.76 40.72 -29.02
CA SER B 54 16.27 41.61 -30.05
C SER B 54 17.74 41.30 -30.33
N ARG B 55 18.11 41.33 -31.61
CA ARG B 55 19.48 41.01 -31.99
C ARG B 55 20.16 42.22 -32.62
N PRO B 56 21.45 42.43 -32.34
CA PRO B 56 22.17 43.54 -32.99
C PRO B 56 22.29 43.36 -34.49
N SER B 57 22.89 44.34 -35.17
CA SER B 57 23.08 44.25 -36.61
C SER B 57 24.16 43.22 -36.93
N GLY B 58 23.85 42.31 -37.85
CA GLY B 58 24.83 41.36 -38.34
C GLY B 58 24.79 39.99 -37.69
N VAL B 59 23.93 39.77 -36.70
CA VAL B 59 23.81 38.44 -36.09
C VAL B 59 22.63 37.74 -36.75
N PRO B 60 22.74 36.43 -37.03
CA PRO B 60 21.76 35.78 -37.89
C PRO B 60 20.38 35.67 -37.24
N ASP B 61 19.40 35.40 -38.09
CA ASP B 61 18.02 35.20 -37.67
C ASP B 61 17.85 33.92 -36.85
N ARG B 62 18.81 33.00 -36.92
CA ARG B 62 18.68 31.74 -36.19
C ARG B 62 18.70 31.94 -34.69
N PHE B 63 19.44 32.94 -34.21
CA PHE B 63 19.51 33.21 -32.77
C PHE B 63 18.25 33.94 -32.31
N SER B 64 17.72 33.51 -31.18
CA SER B 64 16.60 34.19 -30.54
C SER B 64 16.60 33.86 -29.06
N GLY B 65 15.95 34.71 -28.28
CA GLY B 65 15.90 34.55 -26.84
C GLY B 65 14.49 34.67 -26.32
N SER B 66 14.30 34.12 -25.12
CA SER B 66 13.00 34.17 -24.45
C SER B 66 13.23 34.03 -22.96
N LYS B 67 12.18 34.28 -22.19
CA LYS B 67 12.28 34.27 -20.74
C LYS B 67 10.96 33.78 -20.15
N SER B 68 11.05 32.89 -19.17
CA SER B 68 9.89 32.38 -18.45
C SER B 68 10.20 32.44 -16.96
N GLY B 69 9.64 33.43 -16.28
CA GLY B 69 9.89 33.61 -14.87
C GLY B 69 11.32 34.04 -14.58
N ASN B 70 12.10 33.14 -13.99
CA ASN B 70 13.48 33.42 -13.60
C ASN B 70 14.49 32.70 -14.47
N THR B 71 14.05 32.01 -15.53
CA THR B 71 14.94 31.24 -16.40
C THR B 71 14.82 31.78 -17.81
N ALA B 72 15.91 32.31 -18.33
CA ALA B 72 16.00 32.77 -19.72
C ALA B 72 16.62 31.67 -20.58
N THR B 73 16.28 31.69 -21.87
CA THR B 73 16.72 30.67 -22.80
C THR B 73 17.23 31.31 -24.08
N LEU B 74 18.40 30.87 -24.53
CA LEU B 74 18.94 31.20 -25.83
C LEU B 74 18.80 29.97 -26.73
N THR B 75 18.09 30.11 -27.84
CA THR B 75 17.83 29.01 -28.75
C THR B 75 18.43 29.30 -30.11
N ILE B 76 19.13 28.32 -30.66
CA ILE B 76 19.73 28.40 -31.99
C ILE B 76 18.97 27.42 -32.88
N SER B 77 18.31 27.94 -33.92
CA SER B 77 17.28 27.18 -34.62
C SER B 77 17.88 26.04 -35.44
N SER B 78 18.90 26.33 -36.25
CA SER B 78 19.48 25.32 -37.12
C SER B 78 21.00 25.49 -37.08
N LEU B 79 21.67 24.57 -36.37
CA LEU B 79 23.09 24.74 -36.05
C LEU B 79 23.94 24.77 -37.31
N GLN B 80 25.07 25.47 -37.21
CA GLN B 80 26.08 25.53 -38.25
C GLN B 80 27.45 25.41 -37.60
N ALA B 81 28.48 25.22 -38.44
CA ALA B 81 29.81 24.94 -37.92
C ALA B 81 30.36 26.13 -37.14
N GLU B 82 30.08 27.36 -37.60
CA GLU B 82 30.62 28.55 -36.95
C GLU B 82 30.03 28.80 -35.58
N ASP B 83 28.93 28.13 -35.22
CA ASP B 83 28.28 28.35 -33.93
C ASP B 83 29.03 27.69 -32.77
N GLU B 84 30.05 26.89 -33.04
CA GLU B 84 30.80 26.23 -31.98
C GLU B 84 31.60 27.28 -31.23
N ALA B 85 31.13 27.63 -30.04
CA ALA B 85 31.73 28.70 -29.25
C ALA B 85 31.20 28.60 -27.82
N ASP B 86 31.64 29.53 -26.98
CA ASP B 86 31.14 29.68 -25.62
C ASP B 86 30.07 30.76 -25.59
N TYR B 87 29.01 30.52 -24.82
CA TYR B 87 27.87 31.41 -24.75
C TYR B 87 27.62 31.81 -23.30
N PHE B 88 27.52 33.11 -23.06
CA PHE B 88 27.34 33.66 -21.72
C PHE B 88 26.08 34.51 -21.68
N CYS B 89 25.34 34.41 -20.58
CA CYS B 89 24.20 35.27 -20.33
C CYS B 89 24.53 36.32 -19.28
N ALA B 90 23.76 37.39 -19.27
CA ALA B 90 23.98 38.50 -18.35
C ALA B 90 22.67 39.22 -18.11
N THR B 91 22.55 39.81 -16.93
CA THR B 91 21.37 40.58 -16.56
C THR B 91 21.78 41.56 -15.46
N GLY B 92 20.81 42.27 -14.92
CA GLY B 92 21.06 43.21 -13.83
C GLY B 92 20.18 42.90 -12.63
N ASP B 93 20.73 43.12 -11.44
CA ASP B 93 19.96 43.00 -10.21
C ASP B 93 19.26 44.31 -9.86
N TYR B 94 19.98 45.43 -9.99
CA TYR B 94 19.44 46.76 -9.78
C TYR B 94 20.46 47.77 -10.32
N ASN B 95 21.43 48.12 -9.48
CA ASN B 95 22.60 48.88 -9.89
C ASN B 95 23.82 47.99 -10.12
N ILE B 96 23.60 46.67 -10.23
CA ILE B 96 24.66 45.69 -10.30
C ILE B 96 24.41 44.79 -11.51
N ALA B 97 25.48 44.44 -12.22
CA ALA B 97 25.42 43.50 -13.33
C ALA B 97 25.99 42.16 -12.90
N VAL B 98 25.33 41.08 -13.34
CA VAL B 98 25.76 39.73 -13.02
C VAL B 98 25.78 38.91 -14.31
N PHE B 99 26.83 38.12 -14.49
CA PHE B 99 27.02 37.32 -15.68
C PHE B 99 26.90 35.83 -15.34
N GLY B 100 26.69 35.02 -16.39
CA GLY B 100 26.51 33.59 -16.20
C GLY B 100 27.82 32.83 -16.14
N SER B 101 27.70 31.54 -15.83
CA SER B 101 28.87 30.67 -15.69
C SER B 101 29.45 30.24 -17.03
N GLY B 102 28.67 30.28 -18.09
CA GLY B 102 29.18 29.94 -19.41
C GLY B 102 28.69 28.58 -19.87
N THR B 103 28.52 28.44 -21.18
CA THR B 103 28.09 27.20 -21.80
C THR B 103 28.88 26.98 -23.07
N THR B 104 29.58 25.85 -23.16
CA THR B 104 30.34 25.49 -24.35
C THR B 104 29.44 24.71 -25.30
N LEU B 105 29.25 25.26 -26.50
CA LEU B 105 28.43 24.62 -27.52
C LEU B 105 29.31 23.82 -28.47
N ILE B 106 28.96 22.55 -28.64
CA ILE B 106 29.70 21.62 -29.50
C ILE B 106 28.76 21.14 -30.59
N VAL B 107 29.20 21.27 -31.84
CA VAL B 107 28.44 20.82 -33.00
C VAL B 107 29.00 19.49 -33.46
N MET B 108 28.18 18.45 -33.42
CA MET B 108 28.55 17.12 -33.85
C MET B 108 28.06 16.88 -35.29
N GLY B 109 28.41 15.71 -35.83
CA GLY B 109 28.01 15.36 -37.18
C GLY B 109 28.88 15.95 -38.27
N GLN B 110 29.94 16.68 -37.93
CA GLN B 110 30.80 17.23 -38.94
C GLN B 110 31.68 16.12 -39.54
N PRO B 111 32.07 16.27 -40.81
CA PRO B 111 32.82 15.18 -41.47
C PRO B 111 34.15 14.91 -40.79
N LYS B 112 34.48 13.63 -40.66
CA LYS B 112 35.73 13.23 -40.05
C LYS B 112 36.90 13.56 -40.98
N SER B 113 38.07 13.77 -40.38
CA SER B 113 39.26 14.08 -41.14
C SER B 113 40.49 13.60 -40.39
N PRO B 114 41.40 12.89 -41.05
CA PRO B 114 42.66 12.51 -40.40
C PRO B 114 43.59 13.70 -40.33
N PRO B 115 44.47 13.75 -39.33
CA PRO B 115 45.34 14.92 -39.17
C PRO B 115 46.51 14.91 -40.13
N SER B 116 46.78 16.08 -40.71
CA SER B 116 48.03 16.30 -41.43
C SER B 116 49.13 16.61 -40.43
N VAL B 117 50.26 15.91 -40.56
CA VAL B 117 51.35 16.00 -39.60
C VAL B 117 52.61 16.44 -40.34
N THR B 118 53.29 17.45 -39.78
CA THR B 118 54.57 17.92 -40.30
C THR B 118 55.54 18.01 -39.13
N LEU B 119 56.67 17.30 -39.23
CA LEU B 119 57.69 17.30 -38.20
C LEU B 119 58.87 18.13 -38.67
N PHE B 120 59.07 19.29 -38.04
CA PHE B 120 60.17 20.16 -38.43
C PHE B 120 61.40 19.87 -37.59
N PRO B 121 62.58 19.87 -38.21
CA PRO B 121 63.82 19.72 -37.45
C PRO B 121 64.26 21.06 -36.89
N PRO B 122 65.23 21.07 -35.97
CA PRO B 122 65.76 22.35 -35.50
C PRO B 122 66.59 23.03 -36.58
N SER B 123 66.44 24.34 -36.67
CA SER B 123 67.19 25.11 -37.66
C SER B 123 68.65 25.19 -37.26
N THR B 124 69.50 25.52 -38.25
CA THR B 124 70.92 25.65 -37.97
C THR B 124 71.22 26.87 -37.10
N GLU B 125 70.36 27.88 -37.15
CA GLU B 125 70.59 29.08 -36.33
C GLU B 125 70.34 28.79 -34.85
N GLU B 126 69.39 27.91 -34.53
CA GLU B 126 69.17 27.54 -33.14
C GLU B 126 70.25 26.59 -32.62
N LEU B 127 70.77 25.72 -33.49
CA LEU B 127 71.85 24.82 -33.09
C LEU B 127 73.11 25.58 -32.74
N ASN B 128 73.30 26.77 -33.32
CA ASN B 128 74.43 27.62 -32.95
C ASN B 128 74.35 28.09 -31.51
N GLY B 129 73.15 28.16 -30.94
CA GLY B 129 72.98 28.53 -29.55
C GLY B 129 72.92 27.32 -28.64
N ASN B 130 73.38 26.17 -29.15
CA ASN B 130 73.40 24.91 -28.41
C ASN B 130 72.00 24.48 -27.95
N LYS B 131 70.98 24.87 -28.71
CA LYS B 131 69.61 24.45 -28.48
C LYS B 131 69.10 23.67 -29.68
N ALA B 132 68.03 22.91 -29.45
CA ALA B 132 67.44 22.11 -30.53
C ALA B 132 66.00 21.78 -30.14
N THR B 133 65.04 22.39 -30.83
CA THR B 133 63.63 22.15 -30.58
C THR B 133 62.99 21.57 -31.84
N LEU B 134 62.31 20.44 -31.67
CA LEU B 134 61.58 19.79 -32.76
C LEU B 134 60.11 20.16 -32.66
N VAL B 135 59.54 20.59 -33.78
CA VAL B 135 58.17 21.08 -33.84
C VAL B 135 57.34 20.11 -34.68
N CYS B 136 56.29 19.57 -34.08
CA CYS B 136 55.37 18.65 -34.75
C CYS B 136 54.02 19.35 -34.88
N LEU B 137 53.69 19.79 -36.08
CA LEU B 137 52.48 20.55 -36.34
C LEU B 137 51.37 19.62 -36.86
N ILE B 138 50.19 19.75 -36.26
CA ILE B 138 49.05 18.88 -36.54
C ILE B 138 47.87 19.76 -36.94
N SER B 139 47.17 19.36 -38.00
CA SER B 139 46.10 20.20 -38.53
C SER B 139 45.10 19.34 -39.29
N ASP B 140 43.91 19.93 -39.50
CA ASP B 140 42.87 19.36 -40.36
C ASP B 140 42.37 18.01 -39.84
N PHE B 141 42.07 17.95 -38.55
CA PHE B 141 41.52 16.74 -37.96
C PHE B 141 40.25 17.06 -37.18
N TYR B 142 39.26 16.18 -37.32
CA TYR B 142 38.01 16.24 -36.58
C TYR B 142 37.57 14.81 -36.32
N PRO B 143 37.10 14.47 -35.11
CA PRO B 143 36.90 15.34 -33.95
C PRO B 143 38.19 15.90 -33.36
N GLY B 144 38.11 17.06 -32.73
CA GLY B 144 39.28 17.74 -32.21
C GLY B 144 39.88 17.11 -30.97
N SER B 145 40.50 15.94 -31.15
CA SER B 145 41.15 15.26 -30.04
C SER B 145 42.21 14.34 -30.61
N VAL B 146 43.47 14.57 -30.24
CA VAL B 146 44.59 13.76 -30.69
C VAL B 146 45.51 13.49 -29.51
N THR B 147 46.26 12.39 -29.62
CA THR B 147 47.29 12.04 -28.64
C THR B 147 48.62 11.94 -29.35
N VAL B 148 49.64 12.61 -28.81
CA VAL B 148 50.96 12.68 -29.41
C VAL B 148 51.93 11.92 -28.52
N VAL B 149 52.74 11.06 -29.14
CA VAL B 149 53.80 10.34 -28.44
C VAL B 149 55.08 10.47 -29.26
N TRP B 150 56.13 10.97 -28.63
CA TRP B 150 57.41 11.14 -29.29
C TRP B 150 58.27 9.88 -29.12
N LYS B 151 59.20 9.69 -30.05
CA LYS B 151 60.08 8.54 -30.02
C LYS B 151 61.45 8.92 -30.56
N ALA B 152 62.45 8.13 -30.16
CA ALA B 152 63.81 8.31 -30.63
C ALA B 152 64.47 6.94 -30.68
N ASP B 153 64.84 6.50 -31.90
CA ASP B 153 65.34 5.15 -32.12
C ASP B 153 64.37 4.10 -31.60
N GLY B 154 63.08 4.34 -31.84
CA GLY B 154 62.05 3.42 -31.41
C GLY B 154 61.86 3.35 -29.91
N SER B 155 62.21 4.40 -29.19
CA SER B 155 62.07 4.44 -27.73
C SER B 155 61.28 5.67 -27.34
N THR B 156 60.23 5.47 -26.54
CA THR B 156 59.34 6.56 -26.17
C THR B 156 60.03 7.54 -25.23
N ILE B 157 59.73 8.83 -25.41
CA ILE B 157 60.26 9.89 -24.58
C ILE B 157 59.09 10.60 -23.90
N THR B 158 59.21 10.82 -22.59
CA THR B 158 58.19 11.50 -21.83
C THR B 158 58.62 12.87 -21.30
N ARG B 159 59.91 13.12 -21.15
CA ARG B 159 60.40 14.35 -20.56
C ARG B 159 60.74 15.38 -21.63
N ASN B 160 60.62 16.65 -21.25
CA ASN B 160 60.87 17.78 -22.15
C ASN B 160 59.97 17.72 -23.38
N VAL B 161 58.72 17.33 -23.18
CA VAL B 161 57.71 17.31 -24.23
C VAL B 161 56.53 18.15 -23.77
N GLU B 162 56.12 19.10 -24.60
CA GLU B 162 54.97 19.96 -24.31
C GLU B 162 54.05 19.97 -25.52
N THR B 163 52.81 19.54 -25.32
CA THR B 163 51.83 19.43 -26.38
C THR B 163 50.62 20.29 -26.04
N THR B 164 50.26 21.19 -26.96
CA THR B 164 49.09 22.02 -26.77
C THR B 164 47.82 21.22 -27.01
N ARG B 165 46.75 21.61 -26.32
CA ARG B 165 45.46 21.00 -26.57
C ARG B 165 44.95 21.39 -27.95
N ALA B 166 43.97 20.64 -28.45
CA ALA B 166 43.40 20.93 -29.75
C ALA B 166 42.70 22.28 -29.74
N SER B 167 42.79 22.99 -30.86
CA SER B 167 42.18 24.30 -30.99
C SER B 167 41.53 24.43 -32.37
N LYS B 168 40.44 25.19 -32.41
CA LYS B 168 39.68 25.39 -33.64
C LYS B 168 40.43 26.34 -34.56
N GLN B 169 40.62 25.93 -35.82
CA GLN B 169 41.29 26.76 -36.81
C GLN B 169 40.27 27.27 -37.82
N SER B 170 40.75 27.70 -39.00
CA SER B 170 39.94 28.49 -39.90
C SER B 170 38.89 27.66 -40.65
N ASN B 171 39.20 26.40 -40.96
CA ASN B 171 38.27 25.56 -41.72
C ASN B 171 37.21 24.90 -40.85
N SER B 172 37.24 25.13 -39.53
CA SER B 172 36.32 24.62 -38.50
C SER B 172 36.68 23.22 -38.04
N LYS B 173 37.71 22.59 -38.59
CA LYS B 173 38.29 21.41 -37.95
C LYS B 173 39.26 21.88 -36.89
N TYR B 174 40.18 21.02 -36.45
CA TYR B 174 41.02 21.37 -35.30
C TYR B 174 42.49 21.21 -35.64
N ALA B 175 43.33 21.81 -34.78
CA ALA B 175 44.78 21.78 -34.95
C ALA B 175 45.44 21.72 -33.58
N ALA B 176 46.66 21.19 -33.55
CA ALA B 176 47.44 21.10 -32.34
C ALA B 176 48.92 21.09 -32.71
N SER B 177 49.77 21.23 -31.69
CA SER B 177 51.21 21.28 -31.91
C SER B 177 51.92 20.70 -30.69
N SER B 178 53.04 20.01 -30.94
CA SER B 178 53.84 19.40 -29.90
C SER B 178 55.31 19.77 -30.10
N TYR B 179 56.00 20.03 -29.00
CA TYR B 179 57.38 20.50 -29.02
C TYR B 179 58.27 19.56 -28.22
N LEU B 180 59.48 19.34 -28.71
CA LEU B 180 60.49 18.52 -28.04
C LEU B 180 61.75 19.35 -27.90
N SER B 181 61.95 19.94 -26.72
CA SER B 181 63.09 20.81 -26.46
C SER B 181 64.22 19.97 -25.88
N LEU B 182 65.37 19.96 -26.55
CA LEU B 182 66.54 19.25 -26.08
C LEU B 182 67.79 19.99 -26.53
N THR B 183 68.93 19.61 -25.96
CA THR B 183 70.18 20.28 -26.29
C THR B 183 70.68 19.88 -27.67
N SER B 184 71.59 20.69 -28.21
CA SER B 184 72.15 20.39 -29.52
C SER B 184 73.00 19.13 -29.51
N SER B 185 73.63 18.82 -28.37
CA SER B 185 74.37 17.56 -28.28
C SER B 185 73.42 16.37 -28.20
N ASP B 186 72.27 16.55 -27.53
CA ASP B 186 71.26 15.51 -27.53
C ASP B 186 70.66 15.31 -28.91
N TRP B 187 70.66 16.34 -29.75
CA TRP B 187 70.06 16.25 -31.07
C TRP B 187 70.84 15.30 -31.97
N LYS B 188 72.17 15.40 -31.98
CA LYS B 188 73.01 14.56 -32.80
C LYS B 188 73.35 13.23 -32.14
N SER B 189 72.96 13.03 -30.87
CA SER B 189 73.30 11.81 -30.15
C SER B 189 72.49 10.60 -30.58
N LYS B 190 71.40 10.80 -31.33
CA LYS B 190 70.51 9.71 -31.70
C LYS B 190 70.34 9.68 -33.21
N GLY B 191 69.90 8.52 -33.71
CA GLY B 191 69.79 8.29 -35.13
C GLY B 191 68.59 8.92 -35.79
N SER B 192 67.42 8.86 -35.12
CA SER B 192 66.20 9.36 -35.71
C SER B 192 65.19 9.67 -34.62
N TYR B 193 64.43 10.75 -34.81
CA TYR B 193 63.31 11.11 -33.96
C TYR B 193 62.03 11.06 -34.78
N SER B 194 60.91 10.79 -34.10
CA SER B 194 59.64 10.67 -34.80
C SER B 194 58.51 11.24 -33.94
N CYS B 195 57.42 11.60 -34.60
CA CYS B 195 56.22 12.15 -33.95
C CYS B 195 55.03 11.32 -34.37
N GLU B 196 54.49 10.54 -33.43
CA GLU B 196 53.33 9.69 -33.68
C GLU B 196 52.06 10.41 -33.21
N VAL B 197 51.11 10.57 -34.12
CA VAL B 197 49.85 11.26 -33.82
C VAL B 197 48.73 10.26 -34.04
N THR B 198 48.09 9.83 -32.96
CA THR B 198 46.95 8.92 -33.02
C THR B 198 45.66 9.71 -33.00
N HIS B 199 44.70 9.29 -33.80
CA HIS B 199 43.43 10.00 -33.92
C HIS B 199 42.36 9.02 -34.39
N GLU B 200 41.35 8.79 -33.55
CA GLU B 200 40.24 7.90 -33.86
C GLU B 200 40.75 6.49 -34.20
N GLY B 201 41.65 5.99 -33.37
CA GLY B 201 42.20 4.66 -33.57
C GLY B 201 43.05 4.50 -34.80
N SER B 202 43.68 5.59 -35.26
CA SER B 202 44.57 5.56 -36.41
C SER B 202 45.73 6.52 -36.18
N THR B 203 46.95 6.04 -36.42
CA THR B 203 48.16 6.78 -36.09
C THR B 203 48.86 7.24 -37.35
N VAL B 204 49.31 8.50 -37.34
CA VAL B 204 50.11 9.08 -38.42
C VAL B 204 51.48 9.44 -37.84
N THR B 205 52.53 8.94 -38.48
CA THR B 205 53.89 9.07 -37.96
C THR B 205 54.79 9.75 -38.99
N LYS B 206 55.53 10.76 -38.54
CA LYS B 206 56.54 11.43 -39.35
C LYS B 206 57.89 11.35 -38.63
N THR B 207 58.95 11.11 -39.39
CA THR B 207 60.26 10.85 -38.83
C THR B 207 61.28 11.86 -39.35
N VAL B 208 62.26 12.18 -38.52
CA VAL B 208 63.35 13.09 -38.87
C VAL B 208 64.67 12.45 -38.44
N LYS B 209 65.73 12.75 -39.19
CA LYS B 209 67.04 12.13 -38.95
C LYS B 209 68.10 13.22 -38.93
N PRO B 210 68.84 13.38 -37.82
CA PRO B 210 69.92 14.38 -37.79
C PRO B 210 71.11 13.98 -38.64
N SER B 211 71.51 12.71 -38.54
CA SER B 211 72.72 12.25 -39.22
C SER B 211 72.61 12.39 -40.74
N GLU B 212 71.40 12.27 -41.28
CA GLU B 212 71.21 12.42 -42.72
C GLU B 212 70.79 13.84 -43.05
N CYS B 213 69.50 14.14 -42.92
CA CYS B 213 68.97 15.49 -43.10
C CYS B 213 69.28 16.05 -44.48
N VAL C 2 -13.87 -50.76 7.84
CA VAL C 2 -15.23 -50.41 8.25
C VAL C 2 -15.72 -49.20 7.47
N GLN C 3 -16.80 -49.38 6.71
CA GLN C 3 -17.40 -48.30 5.93
C GLN C 3 -18.90 -48.51 5.83
N LEU C 4 -19.64 -47.40 5.84
CA LEU C 4 -21.06 -47.39 5.58
C LEU C 4 -21.30 -46.53 4.34
N GLN C 5 -22.03 -47.09 3.36
CA GLN C 5 -22.24 -46.42 2.08
C GLN C 5 -23.72 -46.47 1.74
N GLU C 6 -24.31 -45.29 1.53
CA GLU C 6 -25.70 -45.22 1.10
C GLU C 6 -25.78 -45.33 -0.41
N SER C 7 -26.91 -45.86 -0.88
CA SER C 7 -27.15 -45.99 -2.32
C SER C 7 -28.65 -46.02 -2.56
N GLY C 8 -29.03 -45.75 -3.80
CA GLY C 8 -30.42 -45.66 -4.17
C GLY C 8 -30.67 -44.47 -5.09
N PRO C 9 -31.88 -44.37 -5.61
CA PRO C 9 -32.22 -43.23 -6.48
C PRO C 9 -32.04 -41.90 -5.77
N SER C 10 -31.44 -40.95 -6.47
CA SER C 10 -31.33 -39.58 -5.99
C SER C 10 -32.48 -38.71 -6.43
N LEU C 11 -33.41 -39.26 -7.21
CA LEU C 11 -34.58 -38.53 -7.68
C LEU C 11 -35.80 -39.44 -7.58
N VAL C 12 -36.79 -39.01 -6.81
CA VAL C 12 -38.06 -39.74 -6.69
C VAL C 12 -39.20 -38.76 -6.94
N LYS C 13 -40.29 -39.29 -7.49
CA LYS C 13 -41.47 -38.49 -7.74
C LYS C 13 -42.29 -38.33 -6.46
N PRO C 14 -42.98 -37.19 -6.31
CA PRO C 14 -43.80 -37.01 -5.11
C PRO C 14 -44.91 -38.04 -5.02
N SER C 15 -45.29 -38.37 -3.79
CA SER C 15 -46.29 -39.36 -3.41
C SER C 15 -45.81 -40.79 -3.59
N GLN C 16 -44.60 -41.00 -4.14
CA GLN C 16 -44.05 -42.33 -4.29
C GLN C 16 -43.21 -42.69 -3.06
N THR C 17 -42.57 -43.85 -3.09
CA THR C 17 -41.81 -44.36 -1.97
C THR C 17 -40.31 -44.19 -2.22
N LEU C 18 -39.63 -43.60 -1.26
CA LEU C 18 -38.17 -43.46 -1.29
C LEU C 18 -37.53 -44.68 -0.66
N SER C 19 -36.67 -45.36 -1.42
CA SER C 19 -36.00 -46.57 -0.97
C SER C 19 -34.49 -46.39 -1.07
N LEU C 20 -33.79 -46.62 0.04
CA LEU C 20 -32.34 -46.54 0.09
C LEU C 20 -31.76 -47.81 0.70
N THR C 21 -30.49 -48.06 0.39
CA THR C 21 -29.77 -49.21 0.93
C THR C 21 -28.46 -48.72 1.56
N CYS C 22 -28.18 -49.19 2.76
CA CYS C 22 -26.93 -48.90 3.45
C CYS C 22 -26.10 -50.18 3.48
N THR C 23 -25.02 -50.20 2.69
CA THR C 23 -24.15 -51.36 2.60
C THR C 23 -23.02 -51.20 3.61
N VAL C 24 -22.90 -52.17 4.51
CA VAL C 24 -21.93 -52.13 5.61
C VAL C 24 -20.76 -53.04 5.26
N SER C 25 -19.58 -52.46 5.08
CA SER C 25 -18.37 -53.21 4.82
C SER C 25 -17.56 -53.39 6.11
N GLY C 26 -16.72 -54.41 6.11
CA GLY C 26 -15.80 -54.67 7.22
C GLY C 26 -16.47 -54.79 8.57
N LEU C 27 -17.70 -55.30 8.58
CA LEU C 27 -18.48 -55.35 9.81
C LEU C 27 -19.59 -56.39 9.65
N SER C 28 -20.10 -56.84 10.79
CA SER C 28 -21.12 -57.88 10.83
C SER C 28 -22.41 -57.29 11.40
N LEU C 29 -23.45 -57.24 10.57
CA LEU C 29 -24.74 -56.71 11.00
C LEU C 29 -25.36 -57.49 12.14
N SER C 30 -24.84 -58.69 12.45
CA SER C 30 -25.39 -59.49 13.54
C SER C 30 -25.38 -58.74 14.86
N ASP C 31 -24.26 -58.09 15.19
CA ASP C 31 -24.09 -57.43 16.48
C ASP C 31 -23.84 -55.93 16.32
N HIS C 32 -24.54 -55.29 15.38
CA HIS C 32 -24.44 -53.85 15.23
C HIS C 32 -25.82 -53.26 14.96
N ASN C 33 -26.18 -52.23 15.73
CA ASN C 33 -27.37 -51.45 15.47
C ASN C 33 -27.07 -50.41 14.40
N VAL C 34 -27.94 -50.29 13.41
CA VAL C 34 -27.78 -49.33 12.32
C VAL C 34 -29.03 -48.48 12.24
N GLY C 35 -28.84 -47.15 12.20
CA GLY C 35 -29.93 -46.21 12.15
C GLY C 35 -29.82 -45.29 10.95
N TRP C 36 -30.86 -44.48 10.76
CA TRP C 36 -30.95 -43.55 9.64
C TRP C 36 -31.23 -42.16 10.16
N ILE C 37 -30.50 -41.18 9.63
CA ILE C 37 -30.68 -39.77 9.95
C ILE C 37 -30.64 -38.99 8.64
N ARG C 38 -31.46 -37.95 8.53
CA ARG C 38 -31.49 -37.13 7.33
C ARG C 38 -31.28 -35.66 7.69
N GLN C 39 -30.88 -34.89 6.68
CA GLN C 39 -30.62 -33.47 6.84
C GLN C 39 -31.18 -32.74 5.63
N ALA C 40 -32.29 -32.03 5.82
CA ALA C 40 -32.88 -31.27 4.73
C ALA C 40 -32.00 -30.06 4.40
N PRO C 41 -32.12 -29.52 3.18
CA PRO C 41 -31.26 -28.38 2.80
C PRO C 41 -31.31 -27.22 3.78
N GLY C 42 -30.18 -26.97 4.44
CA GLY C 42 -30.09 -25.93 5.45
C GLY C 42 -31.08 -26.12 6.58
N LYS C 43 -31.11 -27.34 7.14
CA LYS C 43 -32.08 -27.67 8.18
C LYS C 43 -31.38 -28.48 9.26
N ALA C 44 -32.06 -28.63 10.39
CA ALA C 44 -31.53 -29.43 11.48
C ALA C 44 -31.55 -30.92 11.12
N LEU C 45 -30.76 -31.70 11.86
CA LEU C 45 -30.76 -33.14 11.68
C LEU C 45 -32.05 -33.74 12.21
N GLU C 46 -32.57 -34.75 11.50
CA GLU C 46 -33.82 -35.40 11.86
C GLU C 46 -33.58 -36.90 11.96
N TRP C 47 -33.84 -37.46 13.14
CA TRP C 47 -33.75 -38.89 13.33
C TRP C 47 -34.91 -39.60 12.66
N LEU C 48 -34.62 -40.69 11.95
CA LEU C 48 -35.63 -41.49 11.27
C LEU C 48 -35.97 -42.75 12.05
N GLY C 49 -34.97 -43.61 12.26
CA GLY C 49 -35.22 -44.84 13.00
C GLY C 49 -33.95 -45.67 13.09
N VAL C 50 -34.08 -46.80 13.77
CA VAL C 50 -32.97 -47.73 13.99
C VAL C 50 -33.51 -49.15 13.89
N ILE C 51 -32.70 -50.05 13.32
CA ILE C 51 -32.93 -51.48 13.43
C ILE C 51 -31.82 -52.04 14.32
N TYR C 52 -32.23 -52.72 15.39
CA TYR C 52 -31.26 -53.22 16.36
C TYR C 52 -30.65 -54.54 15.91
N LYS C 53 -29.66 -55.00 16.67
CA LYS C 53 -28.93 -56.24 16.36
C LYS C 53 -29.86 -57.39 15.98
N GLU C 54 -30.85 -57.67 16.83
CA GLU C 54 -31.70 -58.84 16.67
C GLU C 54 -32.91 -58.59 15.79
N GLY C 55 -32.95 -57.46 15.09
CA GLY C 55 -34.04 -57.15 14.19
C GLY C 55 -35.13 -56.27 14.77
N ASP C 56 -34.99 -55.83 16.01
CA ASP C 56 -35.97 -54.94 16.62
C ASP C 56 -35.79 -53.53 16.07
N LYS C 57 -36.88 -52.74 16.10
CA LYS C 57 -36.90 -51.47 15.38
C LYS C 57 -37.52 -50.37 16.24
N ASP C 58 -36.97 -49.16 16.09
CA ASP C 58 -37.55 -47.94 16.64
C ASP C 58 -37.68 -46.91 15.51
N TYR C 59 -38.73 -46.10 15.59
CA TYR C 59 -39.01 -45.11 14.56
C TYR C 59 -39.29 -43.75 15.20
N ASN C 60 -39.12 -42.71 14.40
CA ASN C 60 -39.55 -41.37 14.78
C ASN C 60 -41.07 -41.35 14.84
N PRO C 61 -41.68 -40.98 15.97
CA PRO C 61 -43.16 -40.97 16.03
C PRO C 61 -43.81 -40.12 14.96
N ALA C 62 -43.20 -38.99 14.58
CA ALA C 62 -43.79 -38.12 13.57
C ALA C 62 -43.80 -38.75 12.18
N LEU C 63 -42.89 -39.69 11.92
CA LEU C 63 -42.78 -40.33 10.61
C LEU C 63 -43.08 -41.82 10.63
N LYS C 64 -43.42 -42.37 11.80
CA LYS C 64 -43.60 -43.82 11.94
C LYS C 64 -44.55 -44.39 10.89
N SER C 65 -45.65 -43.70 10.60
CA SER C 65 -46.65 -44.24 9.69
C SER C 65 -46.11 -44.43 8.28
N ARG C 66 -45.12 -43.63 7.89
CA ARG C 66 -44.56 -43.69 6.54
C ARG C 66 -43.21 -44.42 6.48
N LEU C 67 -42.74 -44.95 7.61
CA LEU C 67 -41.36 -45.41 7.73
C LEU C 67 -41.30 -46.93 7.82
N SER C 68 -40.29 -47.50 7.17
CA SER C 68 -40.03 -48.94 7.22
C SER C 68 -38.52 -49.17 7.12
N ILE C 69 -37.96 -49.92 8.06
CA ILE C 69 -36.55 -50.26 8.07
C ILE C 69 -36.43 -51.77 8.22
N THR C 70 -35.74 -52.41 7.28
CA THR C 70 -35.44 -53.84 7.33
C THR C 70 -33.94 -54.03 7.11
N LYS C 71 -33.50 -55.28 7.17
CA LYS C 71 -32.07 -55.57 7.06
C LYS C 71 -31.87 -57.03 6.70
N ASP C 72 -30.78 -57.29 5.99
CA ASP C 72 -30.42 -58.64 5.55
C ASP C 72 -28.99 -58.90 6.04
N ASN C 73 -28.85 -59.68 7.10
CA ASN C 73 -27.54 -59.97 7.68
C ASN C 73 -26.57 -60.53 6.65
N SER C 74 -27.05 -61.43 5.78
CA SER C 74 -26.15 -62.08 4.83
C SER C 74 -25.63 -61.09 3.80
N LYS C 75 -26.49 -60.19 3.32
CA LYS C 75 -26.07 -59.20 2.33
C LYS C 75 -25.36 -58.01 2.94
N SER C 76 -25.29 -57.93 4.27
CA SER C 76 -24.71 -56.78 4.97
C SER C 76 -25.37 -55.47 4.54
N GLN C 77 -26.71 -55.50 4.46
CA GLN C 77 -27.48 -54.37 3.96
C GLN C 77 -28.59 -54.01 4.95
N VAL C 78 -28.82 -52.71 5.09
CA VAL C 78 -29.98 -52.20 5.81
C VAL C 78 -30.81 -51.37 4.83
N SER C 79 -32.13 -51.57 4.85
CA SER C 79 -33.02 -50.93 3.91
C SER C 79 -33.85 -49.86 4.61
N LEU C 80 -34.18 -48.81 3.85
CA LEU C 80 -35.01 -47.72 4.34
C LEU C 80 -36.10 -47.43 3.32
N SER C 81 -37.35 -47.46 3.75
CA SER C 81 -38.48 -47.11 2.92
C SER C 81 -39.25 -45.96 3.54
N LEU C 82 -39.49 -44.91 2.75
CA LEU C 82 -40.32 -43.78 3.17
C LEU C 82 -41.39 -43.55 2.12
N SER C 83 -42.64 -43.74 2.50
CA SER C 83 -43.75 -43.69 1.56
C SER C 83 -44.40 -42.32 1.51
N SER C 84 -45.16 -42.07 0.45
CA SER C 84 -45.92 -40.83 0.26
C SER C 84 -45.04 -39.60 0.48
N VAL C 85 -43.92 -39.55 -0.24
CA VAL C 85 -42.95 -38.48 -0.03
C VAL C 85 -43.47 -37.17 -0.62
N THR C 86 -43.08 -36.06 -0.01
CA THR C 86 -43.35 -34.72 -0.51
C THR C 86 -42.02 -33.98 -0.63
N THR C 87 -42.10 -32.70 -1.02
CA THR C 87 -40.90 -31.88 -1.12
C THR C 87 -40.20 -31.74 0.23
N GLU C 88 -40.96 -31.81 1.33
CA GLU C 88 -40.36 -31.77 2.66
C GLU C 88 -39.40 -32.92 2.90
N ASP C 89 -39.53 -34.03 2.17
CA ASP C 89 -38.68 -35.19 2.36
C ASP C 89 -37.37 -35.11 1.57
N THR C 90 -37.17 -34.06 0.78
CA THR C 90 -35.88 -33.83 0.15
C THR C 90 -34.83 -33.55 1.23
N ALA C 91 -33.80 -34.38 1.26
CA ALA C 91 -32.79 -34.29 2.32
C ALA C 91 -31.59 -35.14 1.94
N THR C 92 -30.49 -34.94 2.67
CA THR C 92 -29.32 -35.80 2.58
C THR C 92 -29.46 -36.88 3.66
N TYR C 93 -29.59 -38.12 3.22
CA TYR C 93 -29.87 -39.23 4.13
C TYR C 93 -28.57 -39.92 4.54
N TYR C 94 -28.40 -40.11 5.84
CA TYR C 94 -27.22 -40.73 6.41
C TYR C 94 -27.60 -42.02 7.13
N CYS C 95 -26.79 -43.06 6.97
CA CYS C 95 -26.87 -44.22 7.82
C CYS C 95 -25.64 -44.28 8.72
N ALA C 96 -25.84 -44.79 9.92
CA ALA C 96 -24.78 -44.79 10.93
C ALA C 96 -25.07 -45.89 11.93
N THR C 97 -24.01 -46.31 12.63
CA THR C 97 -24.17 -47.30 13.68
C THR C 97 -24.68 -46.63 14.95
N LEU C 98 -25.41 -47.41 15.75
CA LEU C 98 -25.91 -46.96 17.04
C LEU C 98 -25.11 -47.69 18.11
N GLY C 99 -23.87 -47.23 18.32
CA GLY C 99 -22.98 -47.89 19.26
C GLY C 99 -23.43 -47.63 20.69
N CYS C 100 -23.53 -48.70 21.47
CA CYS C 100 -23.98 -48.61 22.85
C CYS C 100 -22.86 -49.05 23.78
N TYR C 101 -22.90 -48.53 25.00
CA TYR C 101 -21.82 -48.72 25.96
C TYR C 101 -22.40 -48.64 27.37
N PHE C 102 -21.75 -49.33 28.31
CA PHE C 102 -22.19 -49.35 29.70
C PHE C 102 -21.43 -48.30 30.49
N VAL C 103 -22.16 -47.37 31.10
CA VAL C 103 -21.59 -46.41 32.03
C VAL C 103 -21.66 -47.02 33.43
N GLU C 104 -20.49 -47.13 34.07
CA GLU C 104 -20.37 -47.89 35.32
C GLU C 104 -21.39 -47.45 36.37
N GLY C 105 -21.69 -46.15 36.42
CA GLY C 105 -22.57 -45.65 37.46
C GLY C 105 -24.03 -45.56 37.09
N VAL C 106 -24.32 -45.11 35.87
CA VAL C 106 -25.70 -44.81 35.47
C VAL C 106 -26.34 -46.03 34.84
N GLY C 107 -25.80 -46.47 33.71
CA GLY C 107 -26.38 -47.58 32.98
C GLY C 107 -25.93 -47.59 31.54
N TYR C 108 -26.82 -48.04 30.67
CA TYR C 108 -26.53 -48.12 29.24
C TYR C 108 -26.93 -46.82 28.54
N ASP C 109 -26.13 -46.45 27.54
CA ASP C 109 -26.42 -45.31 26.68
C ASP C 109 -25.79 -45.58 25.32
N CYS C 110 -26.29 -44.87 24.31
CA CYS C 110 -25.93 -45.18 22.94
C CYS C 110 -25.64 -43.90 22.17
N THR C 111 -24.83 -44.02 21.12
CA THR C 111 -24.41 -42.88 20.32
C THR C 111 -24.50 -43.26 18.83
N TYR C 112 -25.18 -42.43 18.05
CA TYR C 112 -25.19 -42.61 16.61
C TYR C 112 -23.86 -42.18 16.01
N GLY C 113 -23.42 -42.90 14.98
CA GLY C 113 -22.14 -42.62 14.36
C GLY C 113 -20.95 -43.08 15.14
N LEU C 114 -21.12 -44.00 16.09
CA LEU C 114 -20.05 -44.53 16.90
C LEU C 114 -20.13 -46.06 16.91
N GLN C 115 -18.97 -46.71 16.88
CA GLN C 115 -18.91 -48.16 16.95
C GLN C 115 -18.86 -48.60 18.41
N HIS C 116 -19.50 -49.74 18.69
CA HIS C 116 -19.87 -50.05 20.07
C HIS C 116 -18.66 -50.39 20.95
N THR C 117 -17.64 -51.03 20.38
CA THR C 117 -16.47 -51.42 21.16
C THR C 117 -15.23 -50.58 20.84
N THR C 118 -14.90 -50.41 19.56
CA THR C 118 -13.73 -49.65 19.19
C THR C 118 -13.91 -48.16 19.39
N PHE C 119 -15.16 -47.68 19.48
CA PHE C 119 -15.46 -46.26 19.65
C PHE C 119 -14.91 -45.43 18.49
N HIS C 120 -14.94 -46.00 17.30
CA HIS C 120 -14.51 -45.31 16.09
C HIS C 120 -15.70 -44.58 15.45
N ASP C 121 -15.38 -43.60 14.63
CA ASP C 121 -16.41 -42.90 13.86
C ASP C 121 -17.03 -43.87 12.87
N ALA C 122 -18.36 -43.82 12.74
CA ALA C 122 -19.09 -44.77 11.92
C ALA C 122 -20.28 -44.07 11.26
N TRP C 123 -20.00 -43.09 10.41
CA TRP C 123 -21.00 -42.40 9.63
C TRP C 123 -20.90 -42.81 8.17
N GLY C 124 -22.05 -42.86 7.50
CA GLY C 124 -22.05 -42.99 6.06
C GLY C 124 -21.66 -41.68 5.40
N GLN C 125 -21.44 -41.75 4.09
CA GLN C 125 -21.04 -40.55 3.35
C GLN C 125 -22.21 -39.59 3.20
N GLY C 126 -23.43 -40.10 3.15
CA GLY C 126 -24.59 -39.27 2.93
C GLY C 126 -25.01 -39.26 1.47
N LEU C 127 -26.29 -39.40 1.20
CA LEU C 127 -26.82 -39.42 -0.16
C LEU C 127 -27.95 -38.42 -0.26
N LEU C 128 -27.77 -37.40 -1.09
CA LEU C 128 -28.84 -36.44 -1.36
C LEU C 128 -29.91 -37.10 -2.22
N VAL C 129 -31.15 -37.02 -1.77
CA VAL C 129 -32.30 -37.49 -2.54
C VAL C 129 -33.28 -36.33 -2.66
N THR C 130 -33.76 -36.09 -3.88
CA THR C 130 -34.59 -34.93 -4.19
C THR C 130 -35.95 -35.39 -4.64
N VAL C 131 -37.00 -34.92 -3.97
CA VAL C 131 -38.38 -35.21 -4.34
C VAL C 131 -38.83 -34.13 -5.31
N SER C 132 -38.98 -34.50 -6.59
CA SER C 132 -39.35 -33.55 -7.62
C SER C 132 -40.07 -34.28 -8.74
N SER C 133 -40.98 -33.56 -9.39
CA SER C 133 -41.72 -34.12 -10.51
C SER C 133 -40.95 -34.05 -11.82
N ALA C 134 -39.93 -33.20 -11.90
CA ALA C 134 -39.06 -33.17 -13.07
C ALA C 134 -38.43 -34.54 -13.30
N SER C 135 -38.34 -34.91 -14.58
CA SER C 135 -37.79 -36.21 -14.95
C SER C 135 -36.27 -36.18 -14.84
N THR C 136 -35.61 -37.24 -15.31
CA THR C 136 -34.16 -37.20 -15.50
C THR C 136 -33.89 -36.39 -16.76
N THR C 137 -33.44 -35.14 -16.56
CA THR C 137 -33.25 -34.19 -17.65
C THR C 137 -31.76 -34.03 -17.90
N ALA C 138 -31.30 -34.45 -19.08
CA ALA C 138 -29.91 -34.26 -19.44
C ALA C 138 -29.62 -32.78 -19.67
N PRO C 139 -28.40 -32.34 -19.41
CA PRO C 139 -28.09 -30.91 -19.55
C PRO C 139 -27.77 -30.51 -20.97
N LYS C 140 -28.18 -29.28 -21.31
CA LYS C 140 -27.71 -28.60 -22.51
C LYS C 140 -26.55 -27.70 -22.12
N VAL C 141 -25.38 -27.92 -22.73
CA VAL C 141 -24.15 -27.24 -22.37
C VAL C 141 -23.79 -26.24 -23.46
N TYR C 142 -23.49 -25.01 -23.06
CA TYR C 142 -23.21 -23.91 -23.96
C TYR C 142 -21.86 -23.30 -23.66
N PRO C 143 -21.18 -22.76 -24.67
CA PRO C 143 -19.88 -22.11 -24.43
C PRO C 143 -20.03 -20.68 -23.94
N LEU C 144 -19.17 -20.31 -23.00
CA LEU C 144 -19.15 -18.97 -22.42
C LEU C 144 -17.94 -18.21 -22.95
N SER C 145 -18.18 -17.00 -23.45
CA SER C 145 -17.13 -16.15 -23.99
C SER C 145 -17.38 -14.71 -23.58
N SER C 146 -16.37 -14.08 -22.99
CA SER C 146 -16.50 -12.74 -22.40
C SER C 146 -15.95 -11.64 -23.29
N CYS C 147 -16.21 -11.69 -24.61
CA CYS C 147 -15.78 -10.62 -25.50
C CYS C 147 -16.82 -9.53 -25.65
N CYS C 148 -18.10 -9.85 -25.43
CA CYS C 148 -19.20 -8.90 -25.53
C CYS C 148 -18.97 -7.64 -24.70
N SER C 153 -7.48 -6.51 -24.25
CA SER C 153 -6.30 -6.68 -25.09
C SER C 153 -5.75 -8.10 -24.95
N SER C 154 -5.53 -8.51 -23.71
CA SER C 154 -5.05 -9.86 -23.43
C SER C 154 -5.55 -10.31 -22.05
N THR C 155 -6.84 -10.13 -21.80
CA THR C 155 -7.49 -10.64 -20.58
C THR C 155 -8.66 -11.51 -21.04
N VAL C 156 -8.35 -12.76 -21.40
CA VAL C 156 -9.35 -13.68 -21.93
C VAL C 156 -9.85 -14.57 -20.80
N THR C 157 -11.17 -14.77 -20.75
CA THR C 157 -11.82 -15.65 -19.80
C THR C 157 -12.93 -16.40 -20.52
N LEU C 158 -12.94 -17.72 -20.42
CA LEU C 158 -13.95 -18.53 -21.08
C LEU C 158 -14.50 -19.56 -20.10
N GLY C 159 -15.53 -20.26 -20.53
CA GLY C 159 -16.11 -21.28 -19.68
C GLY C 159 -17.20 -22.05 -20.40
N CYS C 160 -17.88 -22.91 -19.63
CA CYS C 160 -18.98 -23.72 -20.13
C CYS C 160 -20.17 -23.58 -19.20
N LEU C 161 -21.34 -23.30 -19.78
CA LEU C 161 -22.59 -23.26 -19.03
C LEU C 161 -23.32 -24.59 -19.22
N VAL C 162 -23.47 -25.33 -18.13
CA VAL C 162 -24.20 -26.59 -18.11
C VAL C 162 -25.59 -26.27 -17.58
N SER C 163 -26.57 -26.13 -18.48
CA SER C 163 -27.84 -25.51 -18.17
C SER C 163 -28.98 -26.52 -18.16
N SER C 164 -29.87 -26.37 -17.17
CA SER C 164 -31.18 -27.04 -17.13
C SER C 164 -31.03 -28.56 -17.14
N TYR C 165 -30.59 -29.09 -16.00
CA TYR C 165 -30.45 -30.52 -15.81
C TYR C 165 -31.06 -30.94 -14.48
N MET C 166 -31.39 -32.23 -14.39
CA MET C 166 -31.94 -32.85 -13.20
C MET C 166 -31.68 -34.35 -13.25
N PRO C 167 -31.13 -34.96 -12.19
CA PRO C 167 -30.74 -34.30 -10.94
C PRO C 167 -29.23 -34.10 -10.79
N GLU C 168 -28.84 -33.44 -9.70
CA GLU C 168 -27.44 -33.37 -9.33
C GLU C 168 -26.87 -34.78 -9.17
N PRO C 169 -25.57 -34.97 -9.42
CA PRO C 169 -24.62 -33.93 -9.84
C PRO C 169 -24.17 -34.07 -11.29
N VAL C 170 -23.44 -33.07 -11.77
CA VAL C 170 -22.65 -33.18 -13.00
C VAL C 170 -21.19 -33.00 -12.62
N THR C 171 -20.32 -33.52 -13.46
CA THR C 171 -18.88 -33.40 -13.27
C THR C 171 -18.25 -32.80 -14.52
N VAL C 172 -17.46 -31.74 -14.34
CA VAL C 172 -16.88 -30.99 -15.45
C VAL C 172 -15.37 -31.05 -15.34
N THR C 173 -14.73 -31.45 -16.43
CA THR C 173 -13.28 -31.36 -16.59
C THR C 173 -12.99 -30.59 -17.88
N TRP C 174 -11.70 -30.29 -18.10
CA TRP C 174 -11.28 -29.56 -19.28
C TRP C 174 -10.13 -30.30 -19.95
N ASN C 175 -10.28 -30.56 -21.25
CA ASN C 175 -9.28 -31.25 -22.06
C ASN C 175 -8.93 -32.60 -21.45
N SER C 176 -9.96 -33.38 -21.12
CA SER C 176 -9.81 -34.74 -20.59
C SER C 176 -8.99 -34.75 -19.30
N GLY C 177 -9.18 -33.71 -18.48
CA GLY C 177 -8.49 -33.62 -17.20
C GLY C 177 -7.06 -33.11 -17.28
N ALA C 178 -6.58 -32.75 -18.48
CA ALA C 178 -5.22 -32.23 -18.59
C ALA C 178 -5.12 -30.81 -18.06
N LEU C 179 -6.12 -29.98 -18.34
CA LEU C 179 -6.13 -28.58 -17.91
C LEU C 179 -6.76 -28.50 -16.53
N LYS C 180 -5.95 -28.13 -15.53
CA LYS C 180 -6.45 -27.89 -14.18
C LYS C 180 -6.05 -26.55 -13.59
N SER C 181 -4.98 -25.92 -14.08
CA SER C 181 -4.60 -24.60 -13.60
C SER C 181 -5.58 -23.55 -14.13
N GLY C 182 -6.05 -22.69 -13.24
CA GLY C 182 -6.93 -21.61 -13.62
C GLY C 182 -8.39 -21.98 -13.78
N VAL C 183 -8.76 -23.22 -13.50
CA VAL C 183 -10.15 -23.66 -13.63
C VAL C 183 -10.87 -23.49 -12.31
N HIS C 184 -12.16 -23.20 -12.37
CA HIS C 184 -13.01 -23.16 -11.19
C HIS C 184 -14.42 -23.56 -11.60
N THR C 185 -14.91 -24.67 -11.07
CA THR C 185 -16.27 -25.13 -11.30
C THR C 185 -17.14 -24.66 -10.14
N PHE C 186 -18.20 -23.92 -10.45
CA PHE C 186 -19.05 -23.33 -9.43
C PHE C 186 -20.16 -24.30 -9.01
N PRO C 187 -20.62 -24.20 -7.78
CA PRO C 187 -21.79 -24.99 -7.36
C PRO C 187 -23.02 -24.63 -8.17
N ALA C 188 -23.90 -25.60 -8.32
CA ALA C 188 -25.10 -25.43 -9.13
C ALA C 188 -26.17 -24.61 -8.40
N VAL C 189 -26.92 -23.83 -9.16
CA VAL C 189 -28.08 -23.11 -8.65
C VAL C 189 -29.33 -23.84 -9.10
N LEU C 190 -30.42 -23.66 -8.34
CA LEU C 190 -31.72 -24.21 -8.68
C LEU C 190 -32.63 -23.04 -9.06
N GLN C 191 -33.19 -23.10 -10.25
CA GLN C 191 -33.90 -21.96 -10.82
C GLN C 191 -35.41 -22.21 -10.84
N SER C 192 -36.13 -21.20 -11.33
CA SER C 192 -37.60 -21.24 -11.36
C SER C 192 -38.11 -22.48 -12.08
N SER C 193 -37.46 -22.87 -13.17
CA SER C 193 -37.90 -24.02 -13.95
C SER C 193 -37.85 -25.33 -13.17
N GLY C 194 -37.27 -25.33 -11.96
CA GLY C 194 -37.13 -26.55 -11.20
C GLY C 194 -35.94 -27.39 -11.59
N LEU C 195 -35.03 -26.87 -12.40
CA LEU C 195 -33.86 -27.60 -12.86
C LEU C 195 -32.59 -26.92 -12.37
N TYR C 196 -31.48 -27.65 -12.44
CA TYR C 196 -30.19 -27.15 -11.98
C TYR C 196 -29.39 -26.59 -13.15
N SER C 197 -28.55 -25.60 -12.83
CA SER C 197 -27.59 -25.06 -13.78
C SER C 197 -26.34 -24.65 -13.03
N LEU C 198 -25.17 -24.96 -13.60
CA LEU C 198 -23.91 -24.50 -13.05
C LEU C 198 -22.98 -24.08 -14.19
N SER C 199 -21.86 -23.48 -13.83
CA SER C 199 -20.89 -22.98 -14.78
C SER C 199 -19.49 -23.34 -14.33
N SER C 200 -18.62 -23.62 -15.29
CA SER C 200 -17.21 -23.83 -15.05
C SER C 200 -16.43 -22.80 -15.85
N MET C 201 -15.38 -22.24 -15.24
CA MET C 201 -14.66 -21.11 -15.80
C MET C 201 -13.17 -21.43 -15.90
N VAL C 202 -12.54 -20.87 -16.93
CA VAL C 202 -11.10 -20.99 -17.13
C VAL C 202 -10.52 -19.59 -17.31
N THR C 203 -9.58 -19.22 -16.44
CA THR C 203 -8.81 -17.99 -16.59
C THR C 203 -7.39 -18.37 -17.01
N VAL C 204 -6.95 -17.85 -18.16
CA VAL C 204 -5.64 -18.21 -18.71
C VAL C 204 -4.94 -16.96 -19.21
N PRO C 205 -3.65 -16.77 -18.88
CA PRO C 205 -2.86 -15.64 -19.39
C PRO C 205 -2.14 -15.97 -20.69
N GLY C 210 -4.66 -18.15 -26.74
CA GLY C 210 -3.27 -17.86 -27.08
C GLY C 210 -2.73 -18.76 -28.16
N THR C 211 -2.48 -20.03 -27.80
CA THR C 211 -1.94 -21.00 -28.75
C THR C 211 -2.44 -22.40 -28.42
N GLN C 212 -3.70 -22.50 -28.00
CA GLN C 212 -4.23 -23.75 -27.47
C GLN C 212 -5.75 -23.76 -27.60
N THR C 213 -6.31 -24.96 -27.67
CA THR C 213 -7.74 -25.16 -27.73
C THR C 213 -8.30 -25.50 -26.35
N PHE C 214 -9.56 -25.14 -26.13
CA PHE C 214 -10.24 -25.36 -24.85
C PHE C 214 -11.55 -26.08 -25.10
N THR C 215 -11.65 -27.33 -24.64
CA THR C 215 -12.89 -28.09 -24.66
C THR C 215 -13.22 -28.54 -23.25
N CYS C 216 -14.49 -28.41 -22.87
CA CYS C 216 -14.96 -28.82 -21.56
C CYS C 216 -15.68 -30.16 -21.66
N ASN C 217 -15.44 -31.04 -20.68
CA ASN C 217 -15.99 -32.38 -20.67
C ASN C 217 -17.03 -32.48 -19.56
N VAL C 218 -18.30 -32.42 -19.95
CA VAL C 218 -19.41 -32.51 -19.01
C VAL C 218 -19.92 -33.94 -19.00
N ALA C 219 -20.30 -34.43 -17.81
CA ALA C 219 -20.86 -35.76 -17.66
C ALA C 219 -22.01 -35.72 -16.66
N HIS C 220 -23.10 -36.39 -17.01
CA HIS C 220 -24.30 -36.45 -16.18
C HIS C 220 -24.72 -37.90 -16.06
N PRO C 221 -24.18 -38.63 -15.08
CA PRO C 221 -24.44 -40.07 -15.01
C PRO C 221 -25.91 -40.44 -14.87
N ALA C 222 -26.72 -39.57 -14.27
CA ALA C 222 -28.14 -39.88 -14.09
C ALA C 222 -28.82 -40.11 -15.43
N SER C 223 -28.47 -39.32 -16.45
CA SER C 223 -29.00 -39.48 -17.79
C SER C 223 -28.06 -40.23 -18.71
N SER C 224 -26.92 -40.72 -18.19
CA SER C 224 -25.93 -41.46 -18.97
C SER C 224 -25.41 -40.65 -20.16
N THR C 225 -25.40 -39.34 -20.03
CA THR C 225 -24.92 -38.45 -21.07
C THR C 225 -23.51 -37.96 -20.76
N LYS C 226 -22.76 -37.64 -21.81
CA LYS C 226 -21.39 -37.18 -21.68
C LYS C 226 -21.07 -36.32 -22.89
N VAL C 227 -20.87 -35.02 -22.67
CA VAL C 227 -20.72 -34.05 -23.75
C VAL C 227 -19.33 -33.43 -23.68
N ASP C 228 -18.62 -33.44 -24.80
CA ASP C 228 -17.42 -32.63 -24.99
C ASP C 228 -17.80 -31.41 -25.81
N LYS C 229 -17.37 -30.23 -25.36
CA LYS C 229 -17.83 -28.97 -25.95
C LYS C 229 -16.64 -28.06 -26.18
N ALA C 230 -16.37 -27.73 -27.45
CA ALA C 230 -15.32 -26.80 -27.81
C ALA C 230 -15.75 -25.37 -27.51
N VAL C 231 -14.84 -24.60 -26.94
CA VAL C 231 -15.10 -23.21 -26.53
C VAL C 231 -14.13 -22.31 -27.29
N ASP C 232 -14.69 -21.45 -28.13
CA ASP C 232 -13.88 -20.57 -28.98
C ASP C 232 -13.25 -19.46 -28.14
N PRO C 233 -11.92 -19.44 -27.98
CA PRO C 233 -11.30 -18.36 -27.20
C PRO C 233 -11.20 -17.06 -28.00
N ARG C 234 -11.15 -17.18 -29.32
CA ARG C 234 -11.10 -16.01 -30.18
C ARG C 234 -12.41 -15.24 -30.09
N CYS C 235 -12.32 -13.91 -30.18
CA CYS C 235 -13.49 -13.04 -30.05
C CYS C 235 -14.41 -13.14 -31.26
N GLY C 236 -14.09 -14.00 -32.22
CA GLY C 236 -14.89 -14.20 -33.41
C GLY C 236 -14.60 -13.18 -34.50
N LYS C 237 -15.37 -12.10 -34.55
CA LYS C 237 -15.17 -11.10 -35.59
C LYS C 237 -14.14 -10.06 -35.17
N HIS C 238 -14.57 -9.10 -34.35
CA HIS C 238 -13.72 -7.99 -33.90
C HIS C 238 -13.11 -7.25 -35.08
N VAL D 3 -37.23 -30.48 20.34
CA VAL D 3 -35.99 -30.16 19.66
C VAL D 3 -35.03 -29.50 20.65
N LEU D 4 -33.74 -29.71 20.44
CA LEU D 4 -32.71 -29.10 21.28
C LEU D 4 -32.32 -27.75 20.71
N THR D 5 -32.24 -26.74 21.58
CA THR D 5 -31.95 -25.38 21.17
C THR D 5 -30.45 -25.14 21.19
N GLN D 6 -29.89 -24.77 20.04
CA GLN D 6 -28.52 -24.34 19.91
C GLN D 6 -28.48 -22.90 19.40
N PRO D 7 -27.42 -22.15 19.70
CA PRO D 7 -27.24 -20.84 19.07
C PRO D 7 -26.95 -21.00 17.59
N PRO D 8 -27.57 -20.19 16.73
CA PRO D 8 -27.31 -20.32 15.28
C PRO D 8 -25.85 -20.23 14.91
N SER D 9 -25.08 -19.37 15.57
CA SER D 9 -23.67 -19.23 15.25
C SER D 9 -22.94 -18.63 16.44
N VAL D 10 -21.65 -18.96 16.54
CA VAL D 10 -20.75 -18.40 17.54
C VAL D 10 -19.46 -18.00 16.83
N SER D 11 -18.76 -17.05 17.43
CA SER D 11 -17.53 -16.52 16.84
C SER D 11 -16.35 -16.69 17.80
N GLY D 12 -15.17 -16.77 17.22
CA GLY D 12 -13.93 -16.81 18.00
C GLY D 12 -12.75 -16.62 17.10
N SER D 13 -11.62 -16.27 17.73
CA SER D 13 -10.37 -16.06 17.03
C SER D 13 -9.39 -17.19 17.34
N LEU D 14 -8.35 -17.29 16.50
CA LEU D 14 -7.36 -18.35 16.64
C LEU D 14 -6.77 -18.37 18.04
N GLY D 15 -6.72 -19.56 18.63
CA GLY D 15 -6.14 -19.73 19.95
C GLY D 15 -7.05 -19.40 21.11
N GLN D 16 -8.26 -18.92 20.87
CA GLN D 16 -9.19 -18.54 21.93
C GLN D 16 -10.16 -19.68 22.21
N ARG D 17 -10.62 -19.74 23.45
CA ARG D 17 -11.62 -20.71 23.85
C ARG D 17 -13.01 -20.27 23.40
N VAL D 18 -13.77 -21.20 22.83
CA VAL D 18 -15.14 -20.96 22.43
C VAL D 18 -15.99 -22.11 22.95
N SER D 19 -17.26 -21.82 23.24
CA SER D 19 -18.17 -22.80 23.80
C SER D 19 -19.52 -22.69 23.12
N ILE D 20 -20.13 -23.84 22.83
CA ILE D 20 -21.43 -23.92 22.17
C ILE D 20 -22.38 -24.64 23.11
N THR D 21 -23.52 -24.00 23.40
CA THR D 21 -24.50 -24.56 24.30
C THR D 21 -25.53 -25.39 23.54
N CYS D 22 -26.18 -26.29 24.28
CA CYS D 22 -27.23 -27.15 23.72
C CYS D 22 -28.23 -27.40 24.85
N SER D 23 -29.34 -26.66 24.83
CA SER D 23 -30.32 -26.71 25.90
C SER D 23 -31.52 -27.56 25.48
N GLY D 24 -31.98 -28.39 26.41
CA GLY D 24 -33.13 -29.24 26.17
C GLY D 24 -34.11 -29.21 27.32
N SER D 25 -34.46 -30.38 27.84
CA SER D 25 -35.40 -30.49 28.95
C SER D 25 -34.93 -31.58 29.91
N SER D 26 -35.61 -31.67 31.04
CA SER D 26 -35.31 -32.71 32.02
C SER D 26 -35.43 -34.10 31.42
N SER D 27 -36.33 -34.28 30.45
CA SER D 27 -36.58 -35.62 29.91
C SER D 27 -35.38 -36.14 29.12
N ASN D 28 -34.80 -35.29 28.26
CA ASN D 28 -33.73 -35.75 27.38
C ASN D 28 -32.34 -35.47 27.95
N ILE D 29 -31.90 -34.21 27.89
CA ILE D 29 -30.52 -33.89 28.28
C ILE D 29 -30.31 -34.11 29.77
N GLY D 30 -31.29 -33.71 30.59
CA GLY D 30 -31.16 -33.90 32.03
C GLY D 30 -30.92 -35.35 32.43
N ARG D 31 -31.54 -36.28 31.70
CA ARG D 31 -31.49 -37.69 32.05
C ARG D 31 -30.43 -38.47 31.28
N TRP D 32 -30.32 -38.25 29.97
CA TRP D 32 -29.51 -39.09 29.11
C TRP D 32 -28.27 -38.34 28.62
N GLY D 33 -27.30 -39.12 28.12
CA GLY D 33 -26.07 -38.55 27.63
C GLY D 33 -26.25 -37.69 26.38
N VAL D 34 -25.27 -36.84 26.13
CA VAL D 34 -25.29 -35.89 25.03
C VAL D 34 -24.11 -36.19 24.10
N ASN D 35 -24.34 -36.03 22.80
CA ASN D 35 -23.32 -36.30 21.79
C ASN D 35 -23.21 -35.11 20.85
N TRP D 36 -22.00 -34.88 20.34
CA TRP D 36 -21.73 -33.76 19.46
C TRP D 36 -21.12 -34.24 18.16
N TYR D 37 -21.47 -33.57 17.06
CA TYR D 37 -21.02 -33.93 15.73
C TYR D 37 -20.51 -32.70 15.00
N GLN D 38 -19.46 -32.89 14.20
CA GLN D 38 -18.88 -31.84 13.38
C GLN D 38 -19.04 -32.17 11.90
N GLN D 39 -19.45 -31.18 11.11
CA GLN D 39 -19.41 -31.29 9.66
C GLN D 39 -18.78 -30.04 9.08
N VAL D 40 -17.62 -30.20 8.44
CA VAL D 40 -17.05 -29.14 7.61
C VAL D 40 -17.88 -29.09 6.33
N PRO D 41 -17.99 -27.93 5.69
CA PRO D 41 -18.81 -27.86 4.46
C PRO D 41 -18.41 -28.88 3.41
N GLY D 42 -17.13 -29.26 3.36
CA GLY D 42 -16.70 -30.21 2.35
C GLY D 42 -17.27 -31.61 2.55
N SER D 43 -17.18 -32.12 3.78
CA SER D 43 -17.52 -33.51 4.07
C SER D 43 -18.87 -33.62 4.76
N GLY D 44 -19.20 -34.84 5.19
CA GLY D 44 -20.41 -35.09 5.96
C GLY D 44 -20.20 -34.97 7.45
N LEU D 45 -20.75 -35.90 8.23
CA LEU D 45 -20.76 -35.80 9.68
C LEU D 45 -19.62 -36.58 10.30
N ARG D 46 -19.08 -36.06 11.40
CA ARG D 46 -18.04 -36.72 12.17
C ARG D 46 -18.34 -36.57 13.66
N THR D 47 -18.38 -37.70 14.37
CA THR D 47 -18.56 -37.67 15.82
C THR D 47 -17.28 -37.20 16.51
N ILE D 48 -17.41 -36.22 17.40
CA ILE D 48 -16.27 -35.63 18.08
C ILE D 48 -16.25 -35.96 19.56
N ILE D 49 -17.41 -35.99 20.22
CA ILE D 49 -17.51 -36.45 21.60
C ILE D 49 -18.83 -37.20 21.78
N TYR D 50 -18.86 -38.12 22.73
CA TYR D 50 -20.04 -38.92 23.01
C TYR D 50 -20.29 -39.00 24.51
N TYR D 51 -21.53 -39.35 24.86
CA TYR D 51 -22.04 -39.37 26.22
C TYR D 51 -21.89 -38.04 26.94
N GLU D 52 -20.65 -37.66 27.29
CA GLU D 52 -20.44 -36.41 28.01
C GLU D 52 -19.15 -35.73 27.58
N SER D 53 -18.00 -36.34 27.86
CA SER D 53 -16.71 -35.75 27.54
C SER D 53 -15.76 -36.73 26.88
N SER D 54 -16.24 -37.90 26.46
CA SER D 54 -15.39 -38.92 25.88
C SER D 54 -15.23 -38.69 24.38
N ARG D 55 -14.02 -38.95 23.87
CA ARG D 55 -13.69 -38.64 22.49
C ARG D 55 -13.41 -39.90 21.70
N PRO D 56 -13.93 -40.01 20.47
CA PRO D 56 -13.51 -41.09 19.57
C PRO D 56 -12.03 -40.97 19.23
N SER D 57 -11.51 -42.04 18.62
CA SER D 57 -10.13 -42.03 18.18
C SER D 57 -9.91 -40.95 17.11
N GLY D 58 -8.84 -40.19 17.26
CA GLY D 58 -8.42 -39.24 16.25
C GLY D 58 -9.00 -37.85 16.34
N VAL D 59 -9.83 -37.56 17.33
CA VAL D 59 -10.34 -36.20 17.52
C VAL D 59 -9.44 -35.51 18.55
N PRO D 60 -9.05 -34.26 18.32
CA PRO D 60 -8.05 -33.61 19.17
C PRO D 60 -8.50 -33.49 20.62
N ASP D 61 -7.50 -33.31 21.50
CA ASP D 61 -7.73 -33.09 22.92
C ASP D 61 -8.44 -31.76 23.19
N ARG D 62 -8.39 -30.82 22.24
CA ARG D 62 -9.00 -29.52 22.43
C ARG D 62 -10.51 -29.61 22.66
N PHE D 63 -11.17 -30.59 22.05
CA PHE D 63 -12.61 -30.73 22.20
C PHE D 63 -12.96 -31.43 23.51
N SER D 64 -13.91 -30.86 24.24
CA SER D 64 -14.44 -31.48 25.44
C SER D 64 -15.89 -31.06 25.61
N GLY D 65 -16.61 -31.81 26.46
CA GLY D 65 -18.01 -31.55 26.69
C GLY D 65 -18.33 -31.61 28.17
N SER D 66 -19.41 -30.92 28.53
CA SER D 66 -19.88 -30.89 29.91
C SER D 66 -21.39 -30.68 29.91
N LYS D 67 -21.99 -30.82 31.08
CA LYS D 67 -23.44 -30.77 31.21
C LYS D 67 -23.80 -30.27 32.60
N SER D 68 -24.68 -29.27 32.67
CA SER D 68 -25.17 -28.70 33.91
C SER D 68 -26.69 -28.66 33.84
N GLY D 69 -27.35 -29.61 34.49
CA GLY D 69 -28.79 -29.71 34.43
C GLY D 69 -29.31 -30.12 33.05
N ASN D 70 -29.97 -29.20 32.37
CA ASN D 70 -30.59 -29.47 31.08
C ASN D 70 -29.86 -28.81 29.91
N THR D 71 -28.70 -28.20 30.15
CA THR D 71 -27.94 -27.52 29.11
C THR D 71 -26.56 -28.15 29.00
N ALA D 72 -26.27 -28.74 27.84
CA ALA D 72 -24.97 -29.30 27.55
C ALA D 72 -24.13 -28.30 26.78
N THR D 73 -22.81 -28.40 26.93
CA THR D 73 -21.89 -27.43 26.36
C THR D 73 -20.72 -28.15 25.70
N LEU D 74 -20.46 -27.82 24.44
CA LEU D 74 -19.26 -28.23 23.73
C LEU D 74 -18.25 -27.09 23.79
N THR D 75 -17.04 -27.39 24.26
CA THR D 75 -16.00 -26.38 24.45
C THR D 75 -14.78 -26.73 23.62
N ILE D 76 -14.29 -25.74 22.87
CA ILE D 76 -13.08 -25.87 22.06
C ILE D 76 -12.03 -24.97 22.70
N SER D 77 -10.96 -25.57 23.21
CA SER D 77 -10.06 -24.86 24.11
C SER D 77 -9.25 -23.78 23.37
N SER D 78 -8.73 -24.10 22.19
CA SER D 78 -7.89 -23.17 21.43
C SER D 78 -8.20 -23.37 19.95
N LEU D 79 -8.94 -22.42 19.38
CA LEU D 79 -9.45 -22.57 18.03
C LEU D 79 -8.32 -22.69 17.01
N GLN D 80 -8.61 -23.38 15.91
CA GLN D 80 -7.73 -23.47 14.76
C GLN D 80 -8.58 -23.34 13.51
N ALA D 81 -7.90 -23.04 12.39
CA ALA D 81 -8.61 -22.78 11.14
C ALA D 81 -9.51 -23.93 10.74
N GLU D 82 -9.06 -25.17 10.93
CA GLU D 82 -9.85 -26.33 10.53
C GLU D 82 -11.12 -26.51 11.35
N ASP D 83 -11.23 -25.83 12.50
CA ASP D 83 -12.42 -25.96 13.34
C ASP D 83 -13.63 -25.24 12.76
N GLU D 84 -13.46 -24.41 11.73
CA GLU D 84 -14.58 -23.73 11.10
C GLU D 84 -15.52 -24.75 10.46
N ALA D 85 -16.69 -24.95 11.06
CA ALA D 85 -17.61 -25.99 10.65
C ALA D 85 -18.93 -25.81 11.38
N ASP D 86 -19.90 -26.65 11.05
CA ASP D 86 -21.17 -26.71 11.76
C ASP D 86 -21.10 -27.79 12.83
N TYR D 87 -21.69 -27.50 13.99
CA TYR D 87 -21.66 -28.41 15.12
C TYR D 87 -23.08 -28.72 15.56
N PHE D 88 -23.37 -30.01 15.75
CA PHE D 88 -24.70 -30.48 16.09
C PHE D 88 -24.62 -31.29 17.38
N CYS D 89 -25.58 -31.06 18.28
CA CYS D 89 -25.73 -31.88 19.46
C CYS D 89 -26.87 -32.88 19.29
N ALA D 90 -26.83 -33.93 20.09
CA ALA D 90 -27.85 -34.97 20.04
C ALA D 90 -27.94 -35.64 21.40
N THR D 91 -29.12 -36.18 21.69
CA THR D 91 -29.35 -36.92 22.93
C THR D 91 -30.55 -37.83 22.72
N GLY D 92 -30.87 -38.61 23.73
CA GLY D 92 -32.00 -39.50 23.72
C GLY D 92 -33.06 -39.02 24.69
N ASP D 93 -34.32 -39.29 24.36
CA ASP D 93 -35.44 -39.00 25.26
C ASP D 93 -35.82 -40.22 26.09
N TYR D 94 -36.10 -41.34 25.42
CA TYR D 94 -36.25 -42.64 26.07
C TYR D 94 -35.95 -43.74 25.05
N ASN D 95 -36.89 -43.96 24.13
CA ASN D 95 -36.66 -44.80 22.97
C ASN D 95 -36.61 -43.97 21.70
N ILE D 96 -36.48 -42.65 21.83
CA ILE D 96 -36.45 -41.71 20.73
C ILE D 96 -35.16 -40.91 20.81
N ALA D 97 -34.61 -40.57 19.65
CA ALA D 97 -33.43 -39.72 19.56
C ALA D 97 -33.81 -38.36 19.00
N VAL D 98 -33.16 -37.31 19.49
CA VAL D 98 -33.45 -35.94 19.09
C VAL D 98 -32.13 -35.21 18.87
N PHE D 99 -32.08 -34.39 17.83
CA PHE D 99 -30.87 -33.69 17.43
C PHE D 99 -31.06 -32.19 17.56
N GLY D 100 -29.95 -31.46 17.58
CA GLY D 100 -29.99 -30.02 17.74
C GLY D 100 -30.20 -29.29 16.43
N SER D 101 -30.42 -27.98 16.54
CA SER D 101 -30.67 -27.14 15.38
C SER D 101 -29.40 -26.81 14.61
N GLY D 102 -28.23 -26.98 15.21
CA GLY D 102 -26.98 -26.68 14.53
C GLY D 102 -26.39 -25.34 14.91
N THR D 103 -25.06 -25.28 15.00
CA THR D 103 -24.34 -24.05 15.31
C THR D 103 -23.19 -23.89 14.34
N THR D 104 -23.19 -22.79 13.58
CA THR D 104 -22.09 -22.50 12.67
C THR D 104 -20.97 -21.80 13.45
N LEU D 105 -19.80 -22.42 13.45
CA LEU D 105 -18.64 -21.84 14.13
C LEU D 105 -17.83 -21.05 13.10
N ILE D 106 -17.54 -19.80 13.42
CA ILE D 106 -16.80 -18.90 12.54
C ILE D 106 -15.50 -18.53 13.23
N VAL D 107 -14.41 -18.60 12.48
CA VAL D 107 -13.08 -18.21 12.97
C VAL D 107 -12.72 -16.89 12.31
N MET D 108 -12.51 -15.86 13.12
CA MET D 108 -12.27 -14.52 12.61
C MET D 108 -10.77 -14.27 12.43
N GLY D 109 -10.45 -13.09 11.91
CA GLY D 109 -9.08 -12.72 11.61
C GLY D 109 -8.58 -13.13 10.25
N GLN D 110 -9.45 -13.63 9.37
CA GLN D 110 -9.00 -13.93 8.02
C GLN D 110 -9.02 -12.68 7.16
N PRO D 111 -8.10 -12.57 6.20
CA PRO D 111 -7.99 -11.33 5.42
C PRO D 111 -9.22 -11.08 4.54
N LYS D 112 -9.64 -9.83 4.52
CA LYS D 112 -10.76 -9.44 3.66
C LYS D 112 -10.34 -9.43 2.20
N SER D 113 -11.30 -9.67 1.31
CA SER D 113 -11.04 -9.64 -0.12
C SER D 113 -12.30 -9.18 -0.85
N PRO D 114 -12.16 -8.31 -1.85
CA PRO D 114 -13.30 -7.94 -2.68
C PRO D 114 -13.56 -9.01 -3.72
N PRO D 115 -14.81 -9.17 -4.17
CA PRO D 115 -15.12 -10.25 -5.12
C PRO D 115 -14.68 -9.91 -6.54
N SER D 116 -14.10 -10.91 -7.20
CA SER D 116 -13.92 -10.85 -8.65
C SER D 116 -15.24 -11.20 -9.34
N VAL D 117 -15.64 -10.39 -10.31
CA VAL D 117 -16.93 -10.53 -10.98
C VAL D 117 -16.69 -10.65 -12.47
N THR D 118 -17.31 -11.66 -13.09
CA THR D 118 -17.31 -11.85 -14.53
C THR D 118 -18.74 -12.07 -15.00
N LEU D 119 -19.18 -11.24 -15.95
CA LEU D 119 -20.53 -11.30 -16.49
C LEU D 119 -20.46 -11.86 -17.91
N PHE D 120 -20.92 -13.09 -18.09
CA PHE D 120 -20.90 -13.74 -19.39
C PHE D 120 -22.21 -13.49 -20.14
N PRO D 121 -22.14 -13.19 -21.43
CA PRO D 121 -23.35 -13.07 -22.24
C PRO D 121 -23.83 -14.43 -22.69
N PRO D 122 -25.05 -14.53 -23.21
CA PRO D 122 -25.50 -15.80 -23.78
C PRO D 122 -24.77 -16.13 -25.06
N SER D 123 -24.54 -17.42 -25.28
CA SER D 123 -23.85 -17.87 -26.48
C SER D 123 -24.79 -17.83 -27.68
N THR D 124 -24.19 -17.77 -28.87
CA THR D 124 -24.99 -17.80 -30.10
C THR D 124 -25.72 -19.12 -30.26
N GLU D 125 -25.15 -20.21 -29.76
CA GLU D 125 -25.82 -21.51 -29.86
C GLU D 125 -27.07 -21.57 -29.00
N GLU D 126 -27.06 -20.92 -27.83
CA GLU D 126 -28.27 -20.87 -27.02
C GLU D 126 -29.32 -19.97 -27.65
N LEU D 127 -28.90 -18.85 -28.24
CA LEU D 127 -29.84 -17.95 -28.90
C LEU D 127 -30.55 -18.64 -30.06
N ASN D 128 -29.92 -19.65 -30.67
CA ASN D 128 -30.59 -20.40 -31.72
C ASN D 128 -31.79 -21.18 -31.18
N GLY D 129 -31.77 -21.52 -29.90
CA GLY D 129 -32.92 -22.18 -29.27
C GLY D 129 -33.87 -21.19 -28.65
N ASN D 130 -33.77 -19.92 -29.04
CA ASN D 130 -34.62 -18.84 -28.52
C ASN D 130 -34.51 -18.71 -27.01
N LYS D 131 -33.35 -19.04 -26.46
CA LYS D 131 -33.06 -18.87 -25.04
C LYS D 131 -31.88 -17.92 -24.87
N ALA D 132 -31.78 -17.35 -23.67
CA ALA D 132 -30.69 -16.42 -23.38
C ALA D 132 -30.51 -16.35 -21.86
N THR D 133 -29.42 -16.93 -21.36
CA THR D 133 -29.11 -16.91 -19.94
C THR D 133 -27.80 -16.16 -19.72
N LEU D 134 -27.84 -15.15 -18.85
CA LEU D 134 -26.65 -14.38 -18.48
C LEU D 134 -26.08 -14.94 -17.19
N VAL D 135 -24.77 -15.19 -17.18
CA VAL D 135 -24.09 -15.84 -16.06
C VAL D 135 -23.13 -14.82 -15.43
N CYS D 136 -23.34 -14.55 -14.15
CA CYS D 136 -22.50 -13.64 -13.38
C CYS D 136 -21.76 -14.44 -12.32
N LEU D 137 -20.47 -14.65 -12.53
CA LEU D 137 -19.65 -15.46 -11.63
C LEU D 137 -18.89 -14.58 -10.65
N ILE D 138 -18.86 -15.02 -9.39
CA ILE D 138 -18.33 -14.23 -8.27
C ILE D 138 -17.38 -15.11 -7.48
N SER D 139 -16.21 -14.58 -7.14
CA SER D 139 -15.19 -15.41 -6.50
C SER D 139 -14.23 -14.52 -5.71
N ASP D 140 -13.49 -15.18 -4.80
CA ASP D 140 -12.40 -14.56 -4.04
C ASP D 140 -12.89 -13.39 -3.19
N PHE D 141 -13.97 -13.60 -2.46
CA PHE D 141 -14.47 -12.61 -1.51
C PHE D 141 -14.59 -13.22 -0.12
N TYR D 142 -14.12 -12.47 0.88
CA TYR D 142 -14.31 -12.79 2.29
C TYR D 142 -14.61 -11.49 3.02
N PRO D 143 -15.57 -11.49 3.97
CA PRO D 143 -16.41 -12.60 4.42
C PRO D 143 -17.36 -13.14 3.36
N GLY D 144 -17.82 -14.38 3.54
CA GLY D 144 -18.63 -15.04 2.55
C GLY D 144 -20.09 -14.61 2.54
N SER D 145 -20.35 -13.40 2.06
CA SER D 145 -21.72 -12.89 1.99
C SER D 145 -21.76 -11.78 0.97
N VAL D 146 -22.52 -11.98 -0.11
CA VAL D 146 -22.69 -10.97 -1.15
C VAL D 146 -24.17 -10.85 -1.47
N THR D 147 -24.55 -9.68 -1.96
CA THR D 147 -25.89 -9.43 -2.50
C THR D 147 -25.76 -9.03 -3.95
N VAL D 148 -26.54 -9.69 -4.81
CA VAL D 148 -26.50 -9.45 -6.25
C VAL D 148 -27.81 -8.80 -6.66
N VAL D 149 -27.71 -7.73 -7.44
CA VAL D 149 -28.87 -7.05 -8.01
C VAL D 149 -28.62 -6.87 -9.50
N TRP D 150 -29.52 -7.37 -10.33
CA TRP D 150 -29.41 -7.25 -11.77
C TRP D 150 -30.10 -5.98 -12.24
N LYS D 151 -29.65 -5.47 -13.39
CA LYS D 151 -30.21 -4.25 -13.95
C LYS D 151 -30.21 -4.34 -15.47
N ALA D 152 -31.13 -3.60 -16.08
CA ALA D 152 -31.20 -3.48 -17.53
C ALA D 152 -31.61 -2.06 -17.85
N ASP D 153 -30.74 -1.33 -18.55
CA ASP D 153 -30.94 0.10 -18.83
C ASP D 153 -31.13 0.88 -17.53
N GLY D 154 -30.31 0.57 -16.54
CA GLY D 154 -30.42 1.23 -15.25
C GLY D 154 -31.72 0.99 -14.52
N SER D 155 -32.33 -0.18 -14.72
CA SER D 155 -33.62 -0.52 -14.12
C SER D 155 -33.51 -1.89 -13.48
N THR D 156 -33.83 -1.97 -12.19
CA THR D 156 -33.69 -3.21 -11.45
C THR D 156 -34.69 -4.26 -11.94
N ILE D 157 -34.25 -5.52 -11.95
CA ILE D 157 -35.08 -6.65 -12.37
C ILE D 157 -35.22 -7.59 -11.18
N THR D 158 -36.46 -7.98 -10.88
CA THR D 158 -36.74 -8.88 -9.77
C THR D 158 -37.07 -10.29 -10.21
N ARG D 159 -37.57 -10.48 -11.42
CA ARG D 159 -38.07 -11.77 -11.87
C ARG D 159 -37.06 -12.50 -12.75
N ASN D 160 -37.15 -13.83 -12.74
CA ASN D 160 -36.29 -14.70 -13.54
C ASN D 160 -34.81 -14.48 -13.23
N VAL D 161 -34.49 -14.33 -11.94
CA VAL D 161 -33.12 -14.23 -11.48
C VAL D 161 -32.94 -15.17 -10.30
N GLU D 162 -31.90 -16.01 -10.35
CA GLU D 162 -31.63 -17.00 -9.33
C GLU D 162 -30.16 -16.91 -8.92
N THR D 163 -29.92 -16.59 -7.66
CA THR D 163 -28.57 -16.44 -7.12
C THR D 163 -28.33 -17.52 -6.07
N THR D 164 -27.25 -18.27 -6.24
CA THR D 164 -26.88 -19.27 -5.26
C THR D 164 -26.27 -18.62 -4.03
N ARG D 165 -26.32 -19.32 -2.91
CA ARG D 165 -25.69 -18.85 -1.69
C ARG D 165 -24.17 -18.95 -1.82
N ALA D 166 -23.48 -18.13 -1.03
CA ALA D 166 -22.02 -18.19 -1.01
C ALA D 166 -21.55 -19.57 -0.57
N SER D 167 -20.41 -20.00 -1.11
CA SER D 167 -19.87 -21.31 -0.82
C SER D 167 -18.36 -21.25 -0.75
N LYS D 168 -17.80 -22.08 0.12
CA LYS D 168 -16.36 -22.09 0.37
C LYS D 168 -15.63 -22.77 -0.78
N GLN D 169 -14.58 -22.12 -1.29
CA GLN D 169 -13.77 -22.66 -2.37
C GLN D 169 -12.42 -23.12 -1.82
N SER D 170 -11.57 -23.61 -2.73
CA SER D 170 -10.29 -24.18 -2.33
C SER D 170 -9.40 -23.16 -1.62
N ASN D 171 -9.50 -21.88 -1.98
CA ASN D 171 -8.65 -20.84 -1.39
C ASN D 171 -8.99 -20.56 0.07
N SER D 172 -10.10 -21.07 0.57
CA SER D 172 -10.75 -20.78 1.85
C SER D 172 -11.51 -19.46 1.77
N LYS D 173 -11.50 -18.79 0.61
CA LYS D 173 -12.40 -17.68 0.36
C LYS D 173 -13.73 -18.25 -0.12
N TYR D 174 -14.64 -17.38 -0.56
CA TYR D 174 -15.98 -17.82 -0.93
C TYR D 174 -16.29 -17.45 -2.37
N ALA D 175 -17.28 -18.16 -2.93
CA ALA D 175 -17.68 -17.97 -4.32
C ALA D 175 -19.20 -18.04 -4.42
N ALA D 176 -19.74 -17.38 -5.44
CA ALA D 176 -21.17 -17.41 -5.72
C ALA D 176 -21.39 -17.18 -7.21
N SER D 177 -22.64 -17.37 -7.64
CA SER D 177 -23.00 -17.20 -9.04
C SER D 177 -24.47 -16.83 -9.14
N SER D 178 -24.79 -15.97 -10.11
CA SER D 178 -26.15 -15.52 -10.34
C SER D 178 -26.51 -15.68 -11.81
N TYR D 179 -27.75 -16.10 -12.07
CA TYR D 179 -28.22 -16.39 -13.42
C TYR D 179 -29.46 -15.56 -13.73
N LEU D 180 -29.54 -15.08 -14.97
CA LEU D 180 -30.69 -14.31 -15.45
C LEU D 180 -31.19 -14.98 -16.73
N SER D 181 -32.24 -15.81 -16.59
CA SER D 181 -32.80 -16.54 -17.72
C SER D 181 -33.91 -15.71 -18.36
N LEU D 182 -33.75 -15.40 -19.65
CA LEU D 182 -34.77 -14.69 -20.42
C LEU D 182 -34.74 -15.20 -21.85
N THR D 183 -35.76 -14.80 -22.61
CA THR D 183 -35.88 -15.27 -23.98
C THR D 183 -34.92 -14.51 -24.90
N SER D 184 -34.71 -15.07 -26.09
CA SER D 184 -33.78 -14.45 -27.05
C SER D 184 -34.27 -13.07 -27.47
N SER D 185 -35.59 -12.90 -27.62
CA SER D 185 -36.11 -11.58 -27.95
C SER D 185 -36.00 -10.63 -26.76
N ASP D 186 -36.14 -11.14 -25.54
CA ASP D 186 -35.87 -10.31 -24.37
C ASP D 186 -34.41 -9.86 -24.33
N TRP D 187 -33.51 -10.71 -24.83
CA TRP D 187 -32.09 -10.38 -24.83
C TRP D 187 -31.80 -9.15 -25.67
N LYS D 188 -32.32 -9.12 -26.90
CA LYS D 188 -32.07 -8.03 -27.83
C LYS D 188 -33.00 -6.83 -27.63
N SER D 189 -34.04 -6.97 -26.81
CA SER D 189 -34.99 -5.87 -26.63
C SER D 189 -34.40 -4.70 -25.86
N LYS D 190 -33.28 -4.90 -25.17
CA LYS D 190 -32.72 -3.87 -24.30
C LYS D 190 -31.28 -3.55 -24.70
N GLY D 191 -30.82 -2.38 -24.26
CA GLY D 191 -29.52 -1.88 -24.64
C GLY D 191 -28.35 -2.47 -23.88
N SER D 192 -28.47 -2.58 -22.56
CA SER D 192 -27.37 -3.07 -21.74
C SER D 192 -27.90 -3.73 -20.49
N TYR D 193 -27.28 -4.86 -20.12
CA TYR D 193 -27.53 -5.53 -18.86
C TYR D 193 -26.28 -5.45 -17.98
N SER D 194 -26.48 -5.51 -16.68
CA SER D 194 -25.37 -5.36 -15.75
C SER D 194 -25.61 -6.22 -14.52
N CYS D 195 -24.50 -6.55 -13.84
CA CYS D 195 -24.50 -7.36 -12.63
C CYS D 195 -23.80 -6.59 -11.52
N GLU D 196 -24.57 -6.10 -10.55
CA GLU D 196 -24.03 -5.35 -9.43
C GLU D 196 -23.85 -6.30 -8.25
N VAL D 197 -22.60 -6.44 -7.78
CA VAL D 197 -22.28 -7.30 -6.65
C VAL D 197 -21.77 -6.39 -5.53
N THR D 198 -22.55 -6.29 -4.46
CA THR D 198 -22.17 -5.51 -3.29
C THR D 198 -21.57 -6.43 -2.23
N HIS D 199 -20.56 -5.93 -1.53
CA HIS D 199 -19.83 -6.75 -0.57
C HIS D 199 -19.10 -5.82 0.41
N GLU D 200 -19.51 -5.86 1.68
CA GLU D 200 -18.93 -5.01 2.72
C GLU D 200 -19.03 -3.53 2.34
N GLY D 201 -20.24 -3.12 1.97
CA GLY D 201 -20.49 -1.73 1.63
C GLY D 201 -19.74 -1.23 0.41
N SER D 202 -19.43 -2.12 -0.54
CA SER D 202 -18.73 -1.73 -1.75
C SER D 202 -19.24 -2.57 -2.91
N THR D 203 -19.60 -1.91 -4.00
CA THR D 203 -20.26 -2.54 -5.13
C THR D 203 -19.31 -2.66 -6.31
N VAL D 204 -19.27 -3.84 -6.92
CA VAL D 204 -18.53 -4.09 -8.15
C VAL D 204 -19.54 -4.41 -9.24
N THR D 205 -19.47 -3.69 -10.36
CA THR D 205 -20.47 -3.77 -11.41
C THR D 205 -19.81 -4.11 -12.74
N LYS D 206 -20.33 -5.14 -13.41
CA LYS D 206 -19.91 -5.52 -14.76
C LYS D 206 -21.12 -5.42 -15.68
N THR D 207 -20.89 -4.95 -16.90
CA THR D 207 -21.95 -4.64 -17.84
C THR D 207 -21.75 -5.42 -19.13
N VAL D 208 -22.85 -5.69 -19.83
CA VAL D 208 -22.83 -6.40 -21.10
C VAL D 208 -23.88 -5.75 -22.01
N LYS D 209 -23.57 -5.68 -23.30
CA LYS D 209 -24.42 -4.97 -24.27
C LYS D 209 -24.68 -5.87 -25.46
N PRO D 210 -25.93 -6.27 -25.72
CA PRO D 210 -26.24 -7.10 -26.90
C PRO D 210 -26.01 -6.38 -28.21
N SER D 211 -26.52 -5.14 -28.30
CA SER D 211 -26.44 -4.38 -29.53
C SER D 211 -25.02 -4.27 -30.05
N GLU D 212 -24.03 -4.15 -29.15
CA GLU D 212 -22.64 -4.01 -29.57
C GLU D 212 -21.92 -5.35 -29.58
N CYS D 213 -21.87 -6.03 -28.44
CA CYS D 213 -21.21 -7.31 -28.27
C CYS D 213 -19.86 -7.42 -29.01
N VAL E 2 2.14 -24.77 63.52
CA VAL E 2 2.46 -24.17 62.23
C VAL E 2 1.19 -23.72 61.53
N GLN E 3 1.11 -22.41 61.25
CA GLN E 3 -0.03 -21.84 60.55
C GLN E 3 0.43 -20.64 59.74
N LEU E 4 -0.19 -20.46 58.58
CA LEU E 4 -0.02 -19.27 57.77
C LEU E 4 -1.36 -18.58 57.64
N GLN E 5 -1.41 -17.29 57.97
CA GLN E 5 -2.67 -16.55 58.01
C GLN E 5 -2.48 -15.24 57.24
N GLU E 6 -3.31 -15.03 56.22
CA GLU E 6 -3.30 -13.79 55.48
C GLU E 6 -4.16 -12.75 56.19
N SER E 7 -3.79 -11.48 56.00
CA SER E 7 -4.56 -10.38 56.57
C SER E 7 -4.31 -9.14 55.73
N GLY E 8 -5.22 -8.17 55.87
CA GLY E 8 -5.19 -6.98 55.08
C GLY E 8 -6.58 -6.61 54.59
N PRO E 9 -6.72 -5.44 53.99
CA PRO E 9 -8.03 -5.02 53.48
C PRO E 9 -8.56 -5.99 52.44
N SER E 10 -9.86 -6.30 52.55
CA SER E 10 -10.55 -7.11 51.56
C SER E 10 -11.20 -6.26 50.47
N LEU E 11 -11.08 -4.94 50.55
CA LEU E 11 -11.64 -4.04 49.56
C LEU E 11 -10.63 -2.93 49.27
N VAL E 12 -10.19 -2.84 48.02
CA VAL E 12 -9.27 -1.79 47.59
C VAL E 12 -9.86 -1.12 46.35
N LYS E 13 -9.58 0.17 46.21
CA LYS E 13 -10.08 0.91 45.07
C LYS E 13 -9.19 0.67 43.85
N PRO E 14 -9.76 0.69 42.65
CA PRO E 14 -8.95 0.48 41.43
C PRO E 14 -7.88 1.55 41.30
N SER E 15 -6.77 1.15 40.68
CA SER E 15 -5.55 1.94 40.47
C SER E 15 -4.74 2.13 41.75
N GLN E 16 -5.25 1.67 42.89
CA GLN E 16 -4.51 1.78 44.15
C GLN E 16 -3.69 0.51 44.38
N THR E 17 -3.03 0.45 45.54
CA THR E 17 -2.11 -0.64 45.85
C THR E 17 -2.75 -1.63 46.81
N LEU E 18 -2.71 -2.90 46.44
CA LEU E 18 -3.17 -3.99 47.30
C LEU E 18 -2.02 -4.44 48.20
N SER E 19 -2.24 -4.41 49.50
CA SER E 19 -1.22 -4.78 50.49
C SER E 19 -1.77 -5.87 51.40
N LEU E 20 -1.06 -6.99 51.48
CA LEU E 20 -1.44 -8.09 52.35
C LEU E 20 -0.27 -8.50 53.22
N THR E 21 -0.59 -9.11 54.37
CA THR E 21 0.41 -9.62 55.30
C THR E 21 0.10 -11.08 55.61
N CYS E 22 1.12 -11.93 55.54
CA CYS E 22 1.02 -13.33 55.91
C CYS E 22 1.80 -13.54 57.20
N THR E 23 1.08 -13.77 58.30
CA THR E 23 1.70 -13.99 59.60
C THR E 23 1.98 -15.48 59.76
N VAL E 24 3.25 -15.82 60.01
CA VAL E 24 3.69 -17.20 60.07
C VAL E 24 3.86 -17.57 61.55
N SER E 25 3.02 -18.48 62.03
CA SER E 25 3.11 -18.98 63.40
C SER E 25 3.84 -20.30 63.45
N GLY E 26 4.39 -20.62 64.62
CA GLY E 26 5.05 -21.88 64.87
C GLY E 26 6.16 -22.21 63.89
N LEU E 27 6.84 -21.18 63.40
CA LEU E 27 7.86 -21.36 62.36
C LEU E 27 8.76 -20.15 62.35
N SER E 28 9.95 -20.33 61.76
CA SER E 28 10.98 -19.30 61.72
C SER E 28 11.22 -18.91 60.26
N LEU E 29 10.94 -17.65 59.92
CA LEU E 29 11.13 -17.16 58.56
C LEU E 29 12.59 -17.19 58.12
N SER E 30 13.54 -17.40 59.03
CA SER E 30 14.95 -17.43 58.66
C SER E 30 15.23 -18.48 57.60
N ASP E 31 14.72 -19.69 57.78
CA ASP E 31 15.01 -20.81 56.89
C ASP E 31 13.75 -21.35 56.22
N HIS E 32 12.83 -20.46 55.83
CA HIS E 32 11.65 -20.88 55.10
C HIS E 32 11.38 -19.90 53.97
N ASN E 33 11.21 -20.45 52.76
CA ASN E 33 10.76 -19.66 51.62
C ASN E 33 9.24 -19.53 51.67
N VAL E 34 8.76 -18.31 51.47
CA VAL E 34 7.33 -18.02 51.48
C VAL E 34 6.95 -17.36 50.17
N GLY E 35 5.90 -17.88 49.52
CA GLY E 35 5.42 -17.34 48.27
C GLY E 35 3.96 -16.96 48.32
N TRP E 36 3.48 -16.36 47.24
CA TRP E 36 2.11 -15.90 47.12
C TRP E 36 1.48 -16.44 45.85
N ILE E 37 0.25 -16.95 45.97
CA ILE E 37 -0.53 -17.43 44.84
C ILE E 37 -1.95 -16.90 45.00
N ARG E 38 -2.59 -16.56 43.89
CA ARG E 38 -3.95 -16.04 43.91
C ARG E 38 -4.83 -16.87 42.99
N GLN E 39 -6.15 -16.77 43.24
CA GLN E 39 -7.15 -17.49 42.46
C GLN E 39 -8.31 -16.54 42.19
N ALA E 40 -8.45 -16.11 40.94
CA ALA E 40 -9.56 -15.25 40.57
C ALA E 40 -10.86 -16.03 40.57
N PRO E 41 -12.01 -15.35 40.72
CA PRO E 41 -13.30 -16.06 40.74
C PRO E 41 -13.50 -16.95 39.52
N GLY E 42 -13.54 -18.26 39.74
CA GLY E 42 -13.67 -19.23 38.67
C GLY E 42 -12.55 -19.14 37.66
N LYS E 43 -11.31 -19.10 38.16
CA LYS E 43 -10.13 -19.01 37.32
C LYS E 43 -9.05 -19.92 37.85
N ALA E 44 -8.04 -20.17 37.02
CA ALA E 44 -6.91 -20.99 37.41
C ALA E 44 -6.04 -20.28 38.45
N LEU E 45 -5.20 -21.07 39.12
CA LEU E 45 -4.25 -20.51 40.07
C LEU E 45 -3.18 -19.73 39.32
N GLU E 46 -2.77 -18.60 39.90
CA GLU E 46 -1.77 -17.73 39.29
C GLU E 46 -0.65 -17.49 40.29
N TRP E 47 0.56 -17.89 39.93
CA TRP E 47 1.72 -17.62 40.77
C TRP E 47 2.07 -16.14 40.74
N LEU E 48 2.36 -15.59 41.92
CA LEU E 48 2.75 -14.18 42.04
C LEU E 48 4.26 -14.03 42.25
N GLY E 49 4.78 -14.61 43.32
CA GLY E 49 6.20 -14.51 43.60
C GLY E 49 6.54 -15.21 44.89
N VAL E 50 7.82 -15.17 45.24
CA VAL E 50 8.32 -15.83 46.43
C VAL E 50 9.55 -15.08 46.93
N ILE E 51 9.67 -14.97 48.25
CA ILE E 51 10.85 -14.41 48.90
C ILE E 51 11.58 -15.56 49.59
N TYR E 52 12.85 -15.74 49.26
CA TYR E 52 13.61 -16.87 49.76
C TYR E 52 14.15 -16.58 51.16
N LYS E 53 14.76 -17.63 51.74
CA LYS E 53 15.28 -17.58 53.11
C LYS E 53 16.10 -16.32 53.38
N GLU E 54 17.09 -16.05 52.53
CA GLU E 54 18.04 -14.98 52.77
C GLU E 54 17.57 -13.63 52.22
N GLY E 55 16.32 -13.52 51.80
CA GLY E 55 15.78 -12.28 51.29
C GLY E 55 15.77 -12.15 49.78
N ASP E 56 16.21 -13.17 49.06
CA ASP E 56 16.17 -13.13 47.61
C ASP E 56 14.73 -13.31 47.13
N LYS E 57 14.45 -12.83 45.92
CA LYS E 57 13.08 -12.75 45.43
C LYS E 57 12.99 -13.19 43.98
N ASP E 58 11.86 -13.82 43.66
CA ASP E 58 11.46 -14.11 42.28
C ASP E 58 10.02 -13.68 42.10
N TYR E 59 9.69 -13.19 40.90
CA TYR E 59 8.36 -12.68 40.61
C TYR E 59 7.82 -13.30 39.33
N ASN E 60 6.50 -13.25 39.21
CA ASN E 60 5.86 -13.57 37.94
C ASN E 60 6.24 -12.51 36.92
N PRO E 61 6.85 -12.88 35.78
CA PRO E 61 7.25 -11.86 34.81
C PRO E 61 6.11 -10.96 34.33
N ALA E 62 4.91 -11.52 34.18
CA ALA E 62 3.78 -10.72 33.71
C ALA E 62 3.35 -9.65 34.70
N LEU E 63 3.64 -9.83 35.98
CA LEU E 63 3.25 -8.90 37.02
C LEU E 63 4.43 -8.24 37.72
N LYS E 64 5.66 -8.57 37.32
CA LYS E 64 6.85 -8.08 38.01
C LYS E 64 6.83 -6.57 38.24
N SER E 65 6.41 -5.81 37.24
CA SER E 65 6.48 -4.35 37.34
C SER E 65 5.59 -3.82 38.45
N ARG E 66 4.50 -4.52 38.77
CA ARG E 66 3.55 -4.08 39.78
C ARG E 66 3.73 -4.79 41.12
N LEU E 67 4.71 -5.68 41.24
CA LEU E 67 4.79 -6.61 42.37
C LEU E 67 5.94 -6.24 43.28
N SER E 68 5.71 -6.37 44.59
CA SER E 68 6.74 -6.15 45.59
C SER E 68 6.49 -7.08 46.78
N ILE E 69 7.49 -7.86 47.14
CA ILE E 69 7.41 -8.78 48.28
C ILE E 69 8.57 -8.51 49.21
N THR E 70 8.28 -8.19 50.47
CA THR E 70 9.27 -8.00 51.51
C THR E 70 8.93 -8.89 52.70
N LYS E 71 9.77 -8.86 53.72
CA LYS E 71 9.58 -9.75 54.86
C LYS E 71 10.37 -9.22 56.06
N ASP E 72 9.84 -9.49 57.25
CA ASP E 72 10.44 -9.07 58.51
C ASP E 72 10.59 -10.31 59.39
N ASN E 73 11.81 -10.85 59.44
CA ASN E 73 12.07 -12.06 60.21
C ASN E 73 11.60 -11.95 61.66
N SER E 74 11.84 -10.79 62.29
CA SER E 74 11.51 -10.63 63.70
C SER E 74 9.99 -10.66 63.92
N LYS E 75 9.24 -10.03 63.03
CA LYS E 75 7.79 -10.02 63.14
C LYS E 75 7.13 -11.27 62.59
N SER E 76 7.90 -12.18 61.99
CA SER E 76 7.36 -13.38 61.34
C SER E 76 6.33 -13.00 60.28
N GLN E 77 6.64 -11.97 59.49
CA GLN E 77 5.70 -11.45 58.51
C GLN E 77 6.36 -11.35 57.14
N VAL E 78 5.59 -11.69 56.12
CA VAL E 78 5.96 -11.45 54.73
C VAL E 78 4.90 -10.53 54.13
N SER E 79 5.34 -9.54 53.37
CA SER E 79 4.46 -8.52 52.83
C SER E 79 4.31 -8.70 51.32
N LEU E 80 3.12 -8.35 50.82
CA LEU E 80 2.83 -8.37 49.40
C LEU E 80 2.21 -7.03 49.01
N SER E 81 2.81 -6.37 48.04
CA SER E 81 2.27 -5.14 47.46
C SER E 81 2.00 -5.35 45.98
N LEU E 82 0.79 -5.02 45.54
CA LEU E 82 0.43 -5.05 44.12
C LEU E 82 -0.16 -3.69 43.78
N SER E 83 0.53 -2.94 42.92
CA SER E 83 0.15 -1.57 42.60
C SER E 83 -0.72 -1.52 41.35
N SER E 84 -1.41 -0.39 41.18
CA SER E 84 -2.25 -0.12 40.01
C SER E 84 -3.21 -1.28 39.74
N VAL E 85 -3.98 -1.64 40.75
CA VAL E 85 -4.87 -2.79 40.64
C VAL E 85 -6.07 -2.45 39.78
N THR E 86 -6.58 -3.46 39.07
CA THR E 86 -7.81 -3.37 38.30
C THR E 86 -8.74 -4.49 38.76
N THR E 87 -9.90 -4.57 38.11
CA THR E 87 -10.85 -5.63 38.46
C THR E 87 -10.27 -7.01 38.20
N GLU E 88 -9.35 -7.12 37.24
CA GLU E 88 -8.67 -8.39 36.99
C GLU E 88 -7.90 -8.90 38.20
N ASP E 89 -7.54 -8.01 39.13
CA ASP E 89 -6.79 -8.40 40.32
C ASP E 89 -7.68 -8.88 41.45
N THR E 90 -8.99 -8.83 41.30
CA THR E 90 -9.88 -9.44 42.27
C THR E 90 -9.68 -10.95 42.28
N ALA E 91 -9.32 -11.48 43.45
CA ALA E 91 -8.96 -12.89 43.58
C ALA E 91 -8.84 -13.23 45.06
N THR E 92 -8.79 -14.53 45.34
CA THR E 92 -8.46 -15.03 46.66
C THR E 92 -6.96 -15.26 46.72
N TYR E 93 -6.26 -14.51 47.57
CA TYR E 93 -4.80 -14.54 47.64
C TYR E 93 -4.36 -15.48 48.74
N TYR E 94 -3.42 -16.37 48.41
CA TYR E 94 -2.90 -17.36 49.32
C TYR E 94 -1.41 -17.13 49.54
N CYS E 95 -0.96 -17.31 50.78
CA CYS E 95 0.46 -17.43 51.07
C CYS E 95 0.77 -18.87 51.44
N ALA E 96 1.97 -19.30 51.08
CA ALA E 96 2.37 -20.69 51.29
C ALA E 96 3.88 -20.77 51.33
N THR E 97 4.37 -21.83 51.95
CA THR E 97 5.81 -22.08 51.98
C THR E 97 6.25 -22.72 50.68
N LEU E 98 7.50 -22.46 50.30
CA LEU E 98 8.13 -23.05 49.13
C LEU E 98 9.14 -24.09 49.63
N GLY E 99 8.62 -25.27 50.00
CA GLY E 99 9.46 -26.30 50.57
C GLY E 99 10.31 -26.96 49.50
N CYS E 100 11.62 -27.04 49.75
CA CYS E 100 12.57 -27.59 48.80
C CYS E 100 13.21 -28.83 49.38
N TYR E 101 13.64 -29.72 48.48
CA TYR E 101 14.15 -31.04 48.85
C TYR E 101 15.15 -31.46 47.79
N PHE E 102 16.11 -32.31 48.19
CA PHE E 102 17.16 -32.79 47.30
C PHE E 102 16.77 -34.14 46.73
N VAL E 103 16.72 -34.24 45.41
CA VAL E 103 16.54 -35.49 44.70
C VAL E 103 17.92 -35.97 44.28
N GLU E 104 18.40 -37.04 44.93
CA GLU E 104 19.77 -37.52 44.75
C GLU E 104 20.22 -37.58 43.29
N GLY E 105 19.36 -38.11 42.42
CA GLY E 105 19.78 -38.33 41.05
C GLY E 105 19.66 -37.11 40.15
N VAL E 106 18.73 -36.21 40.45
CA VAL E 106 18.51 -35.06 39.59
C VAL E 106 19.10 -33.82 40.24
N GLY E 107 18.57 -33.43 41.39
CA GLY E 107 19.04 -32.23 42.06
C GLY E 107 17.96 -31.71 43.01
N TYR E 108 17.92 -30.38 43.15
CA TYR E 108 16.96 -29.74 44.01
C TYR E 108 15.66 -29.45 43.27
N ASP E 109 14.55 -29.56 43.99
CA ASP E 109 13.24 -29.18 43.48
C ASP E 109 12.40 -28.72 44.66
N CYS E 110 11.34 -27.98 44.36
CA CYS E 110 10.57 -27.31 45.39
C CYS E 110 9.09 -27.42 45.09
N THR E 111 8.28 -27.33 46.15
CA THR E 111 6.83 -27.43 46.05
C THR E 111 6.18 -26.33 46.88
N TYR E 112 5.27 -25.58 46.27
CA TYR E 112 4.48 -24.60 47.02
C TYR E 112 3.44 -25.32 47.88
N GLY E 113 3.24 -24.80 49.09
CA GLY E 113 2.31 -25.41 50.02
C GLY E 113 2.85 -26.63 50.74
N LEU E 114 4.16 -26.80 50.80
CA LEU E 114 4.79 -27.93 51.48
C LEU E 114 5.92 -27.43 52.37
N GLN E 115 6.08 -28.08 53.51
CA GLN E 115 7.17 -27.74 54.44
C GLN E 115 8.39 -28.57 54.09
N HIS E 116 9.58 -27.96 54.25
CA HIS E 116 10.76 -28.48 53.56
C HIS E 116 11.27 -29.78 54.17
N THR E 117 11.12 -29.98 55.48
CA THR E 117 11.61 -31.19 56.12
C THR E 117 10.50 -32.14 56.55
N THR E 118 9.47 -31.63 57.24
CA THR E 118 8.38 -32.49 57.69
C THR E 118 7.48 -32.93 56.54
N PHE E 119 7.53 -32.21 55.41
CA PHE E 119 6.68 -32.50 54.25
C PHE E 119 5.20 -32.42 54.62
N HIS E 120 4.87 -31.49 55.51
CA HIS E 120 3.49 -31.25 55.90
C HIS E 120 2.86 -30.19 55.00
N ASP E 121 1.53 -30.20 54.96
CA ASP E 121 0.80 -29.17 54.24
C ASP E 121 1.05 -27.81 54.88
N ALA E 122 1.23 -26.79 54.05
CA ALA E 122 1.57 -25.46 54.52
C ALA E 122 0.93 -24.41 53.62
N TRP E 123 -0.40 -24.37 53.61
CA TRP E 123 -1.16 -23.36 52.89
C TRP E 123 -1.82 -22.40 53.88
N GLY E 124 -1.92 -21.15 53.47
CA GLY E 124 -2.74 -20.20 54.19
C GLY E 124 -4.21 -20.46 53.96
N GLN E 125 -5.04 -19.79 54.76
CA GLN E 125 -6.48 -19.96 54.61
C GLN E 125 -6.99 -19.31 53.34
N GLY E 126 -6.33 -18.26 52.87
CA GLY E 126 -6.77 -17.53 51.71
C GLY E 126 -7.59 -16.32 52.11
N LEU E 127 -7.34 -15.18 51.47
CA LEU E 127 -8.08 -13.96 51.77
C LEU E 127 -8.62 -13.38 50.46
N LEU E 128 -9.93 -13.33 50.34
CA LEU E 128 -10.57 -12.69 49.20
C LEU E 128 -10.44 -11.18 49.32
N VAL E 129 -9.90 -10.54 48.28
CA VAL E 129 -9.85 -9.08 48.19
C VAL E 129 -10.50 -8.69 46.87
N THR E 130 -11.36 -7.68 46.92
CA THR E 130 -12.17 -7.27 45.77
C THR E 130 -11.77 -5.87 45.35
N VAL E 131 -11.40 -5.72 44.08
CA VAL E 131 -11.06 -4.43 43.51
C VAL E 131 -12.37 -3.81 43.01
N SER E 132 -12.88 -2.84 43.75
CA SER E 132 -14.15 -2.22 43.42
C SER E 132 -14.19 -0.81 43.99
N SER E 133 -14.93 0.06 43.32
CA SER E 133 -15.11 1.43 43.79
C SER E 133 -16.24 1.57 44.78
N ALA E 134 -17.15 0.58 44.85
CA ALA E 134 -18.20 0.60 45.85
C ALA E 134 -17.57 0.67 47.25
N SER E 135 -18.29 1.30 48.17
CA SER E 135 -17.78 1.51 49.51
C SER E 135 -18.21 0.38 50.44
N THR E 136 -17.69 0.42 51.66
CA THR E 136 -17.93 -0.63 52.65
C THR E 136 -19.29 -0.40 53.29
N THR E 137 -20.21 -1.34 53.07
CA THR E 137 -21.56 -1.29 53.62
C THR E 137 -21.72 -2.42 54.63
N ALA E 138 -21.97 -2.07 55.88
CA ALA E 138 -22.17 -3.08 56.90
C ALA E 138 -23.53 -3.77 56.70
N PRO E 139 -23.65 -5.03 57.10
CA PRO E 139 -24.91 -5.75 56.89
C PRO E 139 -25.94 -5.44 57.95
N LYS E 140 -27.20 -5.41 57.53
CA LYS E 140 -28.35 -5.45 58.43
C LYS E 140 -28.82 -6.88 58.52
N VAL E 141 -28.85 -7.42 59.74
CA VAL E 141 -29.13 -8.83 59.97
C VAL E 141 -30.52 -8.95 60.59
N TYR E 142 -31.34 -9.84 60.03
CA TYR E 142 -32.71 -10.02 60.44
C TYR E 142 -32.98 -11.46 60.82
N PRO E 143 -33.91 -11.71 61.74
CA PRO E 143 -34.22 -13.09 62.12
C PRO E 143 -35.21 -13.72 61.14
N LEU E 144 -34.99 -15.00 60.85
CA LEU E 144 -35.85 -15.77 59.97
C LEU E 144 -36.68 -16.75 60.79
N SER E 145 -37.99 -16.74 60.58
CA SER E 145 -38.90 -17.62 61.30
C SER E 145 -39.96 -18.13 60.33
N SER E 146 -40.12 -19.44 60.27
CA SER E 146 -41.00 -20.09 59.30
C SER E 146 -42.35 -20.47 59.91
N CYS E 147 -42.95 -19.58 60.70
CA CYS E 147 -44.24 -19.88 61.29
C CYS E 147 -45.39 -19.34 60.45
N CYS E 148 -45.15 -18.29 59.66
CA CYS E 148 -46.14 -17.69 58.77
C CYS E 148 -46.68 -18.68 57.75
N SER E 152 -46.59 -26.50 58.72
CA SER E 152 -46.75 -27.84 59.28
C SER E 152 -46.15 -27.91 60.67
N SER E 153 -46.04 -29.14 61.22
CA SER E 153 -45.57 -29.36 62.58
C SER E 153 -44.51 -30.46 62.55
N SER E 154 -43.34 -30.16 61.99
CA SER E 154 -42.25 -31.12 61.93
C SER E 154 -40.95 -30.38 61.66
N THR E 155 -39.96 -30.59 62.53
CA THR E 155 -38.63 -29.97 62.44
C THR E 155 -38.72 -28.45 62.36
N VAL E 156 -38.58 -27.78 63.50
CA VAL E 156 -38.56 -26.32 63.51
C VAL E 156 -37.36 -25.82 62.71
N THR E 157 -37.57 -24.77 61.92
CA THR E 157 -36.53 -24.20 61.08
C THR E 157 -36.46 -22.70 61.29
N LEU E 158 -35.29 -22.20 61.70
CA LEU E 158 -35.07 -20.78 61.90
C LEU E 158 -33.73 -20.40 61.28
N GLY E 159 -33.46 -19.10 61.24
CA GLY E 159 -32.20 -18.67 60.68
C GLY E 159 -32.00 -17.17 60.82
N CYS E 160 -30.93 -16.70 60.17
CA CYS E 160 -30.58 -15.28 60.15
C CYS E 160 -30.34 -14.84 58.70
N LEU E 161 -30.97 -13.74 58.31
CA LEU E 161 -30.74 -13.11 57.02
C LEU E 161 -29.79 -11.92 57.22
N VAL E 162 -28.59 -12.02 56.65
CA VAL E 162 -27.63 -10.92 56.67
C VAL E 162 -27.75 -10.22 55.32
N SER E 163 -28.41 -9.05 55.32
CA SER E 163 -28.89 -8.44 54.09
C SER E 163 -28.08 -7.19 53.75
N SER E 164 -27.79 -7.04 52.46
CA SER E 164 -27.29 -5.79 51.87
C SER E 164 -25.99 -5.34 52.54
N TYR E 165 -24.91 -6.07 52.20
CA TYR E 165 -23.58 -5.75 52.68
C TYR E 165 -22.60 -5.76 51.53
N MET E 166 -21.48 -5.08 51.74
CA MET E 166 -20.39 -4.97 50.78
C MET E 166 -19.10 -4.64 51.55
N PRO E 167 -18.01 -5.37 51.33
CA PRO E 167 -17.88 -6.52 50.42
C PRO E 167 -17.87 -7.88 51.10
N GLU E 168 -17.83 -8.94 50.29
CA GLU E 168 -17.60 -10.27 50.80
C GLU E 168 -16.27 -10.33 51.55
N PRO E 169 -16.14 -11.22 52.55
CA PRO E 169 -17.17 -12.15 53.02
C PRO E 169 -17.71 -11.78 54.40
N VAL E 170 -18.77 -12.48 54.82
CA VAL E 170 -19.20 -12.48 56.20
C VAL E 170 -19.08 -13.91 56.73
N THR E 171 -18.95 -14.03 58.05
CA THR E 171 -18.84 -15.32 58.71
C THR E 171 -19.93 -15.41 59.76
N VAL E 172 -20.70 -16.50 59.72
CA VAL E 172 -21.84 -16.69 60.60
C VAL E 172 -21.60 -17.92 61.47
N THR E 173 -21.73 -17.76 62.77
CA THR E 173 -21.76 -18.86 63.72
C THR E 173 -23.04 -18.75 64.55
N TRP E 174 -23.29 -19.77 65.36
CA TRP E 174 -24.47 -19.81 66.20
C TRP E 174 -24.07 -20.12 67.64
N ASN E 175 -24.52 -19.27 68.57
CA ASN E 175 -24.23 -19.43 69.99
C ASN E 175 -22.73 -19.53 70.25
N SER E 176 -21.98 -18.57 69.68
CA SER E 176 -20.54 -18.46 69.86
C SER E 176 -19.82 -19.75 69.43
N GLY E 177 -20.31 -20.36 68.36
CA GLY E 177 -19.71 -21.57 67.83
C GLY E 177 -20.07 -22.85 68.56
N ALA E 178 -20.95 -22.78 69.56
CA ALA E 178 -21.32 -23.99 70.29
C ALA E 178 -22.27 -24.85 69.45
N LEU E 179 -23.21 -24.22 68.76
CA LEU E 179 -24.19 -24.93 67.95
C LEU E 179 -23.64 -25.12 66.54
N LYS E 180 -23.40 -26.37 66.16
CA LYS E 180 -22.97 -26.72 64.81
C LYS E 180 -23.80 -27.81 64.15
N SER E 181 -24.47 -28.66 64.93
CA SER E 181 -25.33 -29.68 64.33
C SER E 181 -26.58 -29.02 63.75
N GLY E 182 -26.92 -29.39 62.52
CA GLY E 182 -28.11 -28.87 61.86
C GLY E 182 -27.99 -27.49 61.27
N VAL E 183 -26.81 -26.87 61.32
CA VAL E 183 -26.63 -25.53 60.78
C VAL E 183 -26.15 -25.63 59.34
N HIS E 184 -26.55 -24.65 58.52
CA HIS E 184 -26.03 -24.53 57.17
C HIS E 184 -26.03 -23.06 56.78
N THR E 185 -24.86 -22.52 56.49
CA THR E 185 -24.71 -21.16 56.00
C THR E 185 -24.57 -21.19 54.49
N PHE E 186 -25.46 -20.48 53.79
CA PHE E 186 -25.53 -20.51 52.34
C PHE E 186 -24.58 -19.49 51.72
N PRO E 187 -24.11 -19.75 50.51
CA PRO E 187 -23.32 -18.74 49.79
C PRO E 187 -24.14 -17.48 49.54
N ALA E 188 -23.43 -16.36 49.42
CA ALA E 188 -24.08 -15.07 49.24
C ALA E 188 -24.55 -14.89 47.80
N VAL E 189 -25.67 -14.20 47.65
CA VAL E 189 -26.17 -13.80 46.34
C VAL E 189 -25.91 -12.31 46.17
N LEU E 190 -25.80 -11.88 44.91
CA LEU E 190 -25.61 -10.48 44.57
C LEU E 190 -26.89 -9.96 43.94
N GLN E 191 -27.43 -8.87 44.48
CA GLN E 191 -28.76 -8.40 44.16
C GLN E 191 -28.70 -7.17 43.25
N SER E 192 -29.90 -6.71 42.85
CA SER E 192 -30.00 -5.53 41.99
C SER E 192 -29.35 -4.32 42.63
N SER E 193 -29.47 -4.18 43.95
CA SER E 193 -28.92 -3.03 44.65
C SER E 193 -27.40 -2.95 44.57
N GLY E 194 -26.74 -3.98 44.04
CA GLY E 194 -25.29 -4.03 44.01
C GLY E 194 -24.66 -4.48 45.30
N LEU E 195 -25.43 -5.03 46.23
CA LEU E 195 -24.93 -5.48 47.52
C LEU E 195 -25.18 -6.98 47.67
N TYR E 196 -24.48 -7.57 48.63
CA TYR E 196 -24.57 -9.01 48.88
C TYR E 196 -25.56 -9.30 49.99
N SER E 197 -26.18 -10.48 49.91
CA SER E 197 -27.02 -11.00 50.97
C SER E 197 -26.86 -12.51 51.03
N LEU E 198 -26.79 -13.06 52.23
CA LEU E 198 -26.79 -14.51 52.42
C LEU E 198 -27.64 -14.85 53.64
N SER E 199 -27.85 -16.15 53.84
CA SER E 199 -28.66 -16.64 54.94
C SER E 199 -27.99 -17.84 55.58
N SER E 200 -28.18 -17.97 56.89
CA SER E 200 -27.75 -19.14 57.64
C SER E 200 -28.97 -19.76 58.30
N MET E 201 -29.05 -21.08 58.29
CA MET E 201 -30.24 -21.80 58.70
C MET E 201 -29.90 -22.79 59.80
N VAL E 202 -30.86 -23.00 60.70
CA VAL E 202 -30.76 -24.03 61.74
C VAL E 202 -32.03 -24.87 61.70
N THR E 203 -31.87 -26.17 61.47
CA THR E 203 -32.96 -27.13 61.60
C THR E 203 -32.72 -27.95 62.85
N VAL E 204 -33.70 -27.94 63.76
CA VAL E 204 -33.54 -28.62 65.05
C VAL E 204 -34.81 -29.39 65.39
N PRO E 205 -34.70 -30.66 65.80
CA PRO E 205 -35.83 -31.47 66.24
C PRO E 205 -36.13 -31.34 67.73
N GLY E 210 -36.88 -25.78 70.61
CA GLY E 210 -37.28 -26.91 71.44
C GLY E 210 -37.15 -26.65 72.92
N THR E 211 -35.90 -26.50 73.39
CA THR E 211 -35.64 -26.24 74.80
C THR E 211 -34.39 -25.38 74.95
N GLN E 212 -34.20 -24.44 74.03
CA GLN E 212 -32.95 -23.70 73.98
C GLN E 212 -33.16 -22.40 73.23
N THR E 213 -32.26 -21.44 73.47
CA THR E 213 -32.25 -20.17 72.77
C THR E 213 -31.28 -20.23 71.60
N PHE E 214 -31.59 -19.46 70.55
CA PHE E 214 -30.79 -19.45 69.32
C PHE E 214 -30.42 -18.01 68.99
N THR E 215 -29.12 -17.70 69.06
CA THR E 215 -28.59 -16.43 68.61
C THR E 215 -27.51 -16.70 67.56
N CYS E 216 -27.54 -15.92 66.48
CA CYS E 216 -26.57 -16.03 65.40
C CYS E 216 -25.53 -14.92 65.54
N ASN E 217 -24.27 -15.28 65.29
CA ASN E 217 -23.14 -14.36 65.46
C ASN E 217 -22.60 -14.03 64.07
N VAL E 218 -22.94 -12.84 63.59
CA VAL E 218 -22.50 -12.37 62.28
C VAL E 218 -21.28 -11.46 62.46
N ALA E 219 -20.32 -11.58 61.55
CA ALA E 219 -19.13 -10.76 61.59
C ALA E 219 -18.76 -10.33 60.18
N HIS E 220 -18.46 -9.04 60.02
CA HIS E 220 -18.11 -8.44 58.72
C HIS E 220 -16.84 -7.64 58.94
N PRO E 221 -15.68 -8.28 58.85
CA PRO E 221 -14.41 -7.57 59.18
C PRO E 221 -14.15 -6.32 58.35
N ALA E 222 -14.66 -6.27 57.10
CA ALA E 222 -14.42 -5.10 56.26
C ALA E 222 -14.96 -3.83 56.90
N SER E 223 -16.12 -3.93 57.56
CA SER E 223 -16.72 -2.80 58.26
C SER E 223 -16.47 -2.84 59.76
N SER E 224 -15.65 -3.79 60.23
CA SER E 224 -15.31 -3.94 61.65
C SER E 224 -16.56 -4.10 62.51
N THR E 225 -17.63 -4.64 61.93
CA THR E 225 -18.87 -4.86 62.65
C THR E 225 -19.01 -6.32 63.06
N LYS E 226 -19.76 -6.53 64.14
CA LYS E 226 -19.98 -7.87 64.68
C LYS E 226 -21.30 -7.85 65.41
N VAL E 227 -22.29 -8.57 64.90
CA VAL E 227 -23.65 -8.52 65.42
C VAL E 227 -24.05 -9.89 65.93
N ASP E 228 -24.54 -9.93 67.17
CA ASP E 228 -25.23 -11.09 67.72
C ASP E 228 -26.72 -10.81 67.66
N LYS E 229 -27.49 -11.76 67.14
CA LYS E 229 -28.91 -11.55 66.88
C LYS E 229 -29.71 -12.73 67.43
N ALA E 230 -30.56 -12.46 68.42
CA ALA E 230 -31.43 -13.48 68.96
C ALA E 230 -32.59 -13.75 68.00
N VAL E 231 -32.90 -15.05 67.84
CA VAL E 231 -33.93 -15.48 66.90
C VAL E 231 -35.02 -16.21 67.68
N ASP E 232 -36.24 -15.67 67.64
CA ASP E 232 -37.37 -16.23 68.37
C ASP E 232 -37.90 -17.49 67.69
N PRO E 233 -37.78 -18.66 68.33
CA PRO E 233 -38.28 -19.90 67.72
C PRO E 233 -39.76 -20.16 67.93
N ARG E 234 -40.52 -19.18 68.42
CA ARG E 234 -41.90 -19.41 68.84
C ARG E 234 -42.78 -19.76 67.66
N CYS E 235 -43.46 -20.89 67.75
CA CYS E 235 -44.50 -21.28 66.78
C CYS E 235 -45.34 -22.42 67.32
N VAL F 3 0.93 -21.74 30.31
CA VAL F 3 -0.07 -22.32 31.20
C VAL F 3 -0.16 -23.82 30.96
N LEU F 4 -0.47 -24.57 32.01
CA LEU F 4 -0.64 -26.02 31.90
C LEU F 4 -2.08 -26.35 31.56
N THR F 5 -2.28 -27.22 30.59
CA THR F 5 -3.61 -27.57 30.11
C THR F 5 -4.15 -28.76 30.90
N GLN F 6 -5.30 -28.57 31.55
CA GLN F 6 -6.04 -29.61 32.21
C GLN F 6 -7.43 -29.75 31.58
N PRO F 7 -8.04 -30.93 31.66
CA PRO F 7 -9.44 -31.05 31.24
C PRO F 7 -10.35 -30.32 32.22
N PRO F 8 -11.34 -29.58 31.72
CA PRO F 8 -12.22 -28.82 32.62
C PRO F 8 -12.88 -29.66 33.70
N SER F 9 -13.27 -30.89 33.38
CA SER F 9 -13.92 -31.75 34.37
C SER F 9 -13.80 -33.19 33.94
N VAL F 10 -13.79 -34.09 34.94
CA VAL F 10 -13.82 -35.52 34.71
C VAL F 10 -14.85 -36.14 35.63
N SER F 11 -15.39 -37.28 35.23
CA SER F 11 -16.44 -37.96 35.97
C SER F 11 -16.02 -39.38 36.34
N GLY F 12 -16.60 -39.89 37.42
CA GLY F 12 -16.40 -41.26 37.82
C GLY F 12 -17.39 -41.65 38.89
N SER F 13 -17.53 -42.95 39.09
CA SER F 13 -18.42 -43.51 40.08
C SER F 13 -17.64 -44.06 41.27
N LEU F 14 -18.33 -44.25 42.38
CA LEU F 14 -17.71 -44.72 43.61
C LEU F 14 -16.93 -46.00 43.39
N GLY F 15 -15.69 -46.03 43.87
CA GLY F 15 -14.84 -47.20 43.77
C GLY F 15 -14.14 -47.38 42.45
N GLN F 16 -14.39 -46.52 41.47
CA GLN F 16 -13.78 -46.65 40.15
C GLN F 16 -12.55 -45.75 40.05
N ARG F 17 -11.60 -46.18 39.22
CA ARG F 17 -10.39 -45.41 38.98
C ARG F 17 -10.65 -44.26 38.03
N VAL F 18 -10.13 -43.08 38.38
CA VAL F 18 -10.21 -41.89 37.53
C VAL F 18 -8.82 -41.27 37.47
N SER F 19 -8.53 -40.61 36.35
CA SER F 19 -7.22 -40.01 36.14
C SER F 19 -7.39 -38.63 35.50
N ILE F 20 -6.58 -37.68 35.97
CA ILE F 20 -6.62 -36.31 35.49
C ILE F 20 -5.26 -35.98 34.88
N THR F 21 -5.27 -35.51 33.63
CA THR F 21 -4.04 -35.20 32.93
C THR F 21 -3.66 -33.73 33.13
N CYS F 22 -2.37 -33.44 32.93
CA CYS F 22 -1.84 -32.09 33.06
C CYS F 22 -0.69 -31.98 32.05
N SER F 23 -0.97 -31.35 30.91
CA SER F 23 -0.02 -31.28 29.81
C SER F 23 0.64 -29.90 29.78
N GLY F 24 1.95 -29.90 29.57
CA GLY F 24 2.71 -28.67 29.47
C GLY F 24 3.66 -28.67 28.29
N SER F 25 4.93 -28.39 28.53
CA SER F 25 5.93 -28.37 27.48
C SER F 25 7.23 -28.97 28.01
N SER F 26 8.19 -29.15 27.10
CA SER F 26 9.50 -29.67 27.49
C SER F 26 10.17 -28.79 28.54
N SER F 27 9.91 -27.48 28.52
CA SER F 27 10.60 -26.58 29.43
C SER F 27 10.18 -26.82 30.88
N ASN F 28 8.89 -26.97 31.13
CA ASN F 28 8.40 -27.08 32.51
C ASN F 28 8.23 -28.53 32.96
N ILE F 29 7.18 -29.20 32.47
CA ILE F 29 6.85 -30.54 32.96
C ILE F 29 7.92 -31.53 32.57
N GLY F 30 8.43 -31.45 31.33
CA GLY F 30 9.46 -32.37 30.88
C GLY F 30 10.69 -32.38 31.78
N ARG F 31 11.05 -31.22 32.32
CA ARG F 31 12.28 -31.07 33.10
C ARG F 31 12.05 -31.14 34.60
N TRP F 32 11.02 -30.46 35.10
CA TRP F 32 10.85 -30.25 36.53
C TRP F 32 9.71 -31.09 37.08
N GLY F 33 9.71 -31.25 38.41
CA GLY F 33 8.69 -32.02 39.06
C GLY F 33 7.31 -31.37 38.96
N VAL F 34 6.30 -32.21 39.17
CA VAL F 34 4.90 -31.79 39.06
C VAL F 34 4.24 -32.00 40.42
N ASN F 35 3.34 -31.08 40.77
CA ASN F 35 2.67 -31.12 42.05
C ASN F 35 1.17 -30.96 41.83
N TRP F 36 0.38 -31.59 42.71
CA TRP F 36 -1.06 -31.56 42.60
C TRP F 36 -1.68 -31.07 43.90
N TYR F 37 -2.78 -30.34 43.77
CA TYR F 37 -3.47 -29.74 44.90
C TYR F 37 -4.96 -30.05 44.82
N GLN F 38 -5.57 -30.24 45.97
CA GLN F 38 -7.00 -30.50 46.08
C GLN F 38 -7.65 -29.33 46.81
N GLN F 39 -8.78 -28.86 46.27
CA GLN F 39 -9.61 -27.88 46.97
C GLN F 39 -11.06 -28.36 46.93
N VAL F 40 -11.60 -28.71 48.09
CA VAL F 40 -13.03 -28.91 48.23
C VAL F 40 -13.68 -27.53 48.26
N PRO F 41 -14.91 -27.37 47.79
CA PRO F 41 -15.52 -26.03 47.77
C PRO F 41 -15.56 -25.34 49.13
N GLY F 42 -15.65 -26.10 50.22
CA GLY F 42 -15.71 -25.49 51.53
C GLY F 42 -14.41 -24.81 51.94
N SER F 43 -13.29 -25.51 51.80
CA SER F 43 -12.02 -25.05 52.32
C SER F 43 -11.15 -24.53 51.17
N GLY F 44 -9.88 -24.21 51.49
CA GLY F 44 -8.93 -23.76 50.50
C GLY F 44 -8.16 -24.90 49.85
N LEU F 45 -6.85 -24.71 49.70
CA LEU F 45 -6.01 -25.62 48.94
C LEU F 45 -5.30 -26.61 49.87
N ARG F 46 -5.12 -27.84 49.38
CA ARG F 46 -4.40 -28.87 50.12
C ARG F 46 -3.49 -29.61 49.15
N THR F 47 -2.20 -29.68 49.47
CA THR F 47 -1.26 -30.44 48.67
C THR F 47 -1.48 -31.93 48.89
N ILE F 48 -1.60 -32.68 47.79
CA ILE F 48 -1.89 -34.10 47.86
C ILE F 48 -0.72 -34.95 47.38
N ILE F 49 0.00 -34.51 46.35
CA ILE F 49 1.23 -35.16 45.94
C ILE F 49 2.22 -34.10 45.46
N TYR F 50 3.52 -34.42 45.58
CA TYR F 50 4.57 -33.49 45.20
C TYR F 50 5.65 -34.22 44.40
N TYR F 51 6.43 -33.42 43.66
CA TYR F 51 7.45 -33.88 42.73
C TYR F 51 6.89 -34.82 41.66
N GLU F 52 6.50 -36.03 42.05
CA GLU F 52 6.00 -37.00 41.09
C GLU F 52 4.88 -37.85 41.69
N SER F 53 5.22 -38.66 42.69
CA SER F 53 4.26 -39.57 43.30
C SER F 53 4.32 -39.55 44.84
N SER F 54 5.04 -38.61 45.44
CA SER F 54 5.21 -38.58 46.88
C SER F 54 4.06 -37.84 47.53
N ARG F 55 3.63 -38.33 48.69
CA ARG F 55 2.44 -37.81 49.35
C ARG F 55 2.78 -37.17 50.68
N PRO F 56 2.22 -36.00 50.98
CA PRO F 56 2.34 -35.44 52.33
C PRO F 56 1.65 -36.34 53.35
N SER F 57 1.91 -36.05 54.63
CA SER F 57 1.26 -36.78 55.69
C SER F 57 -0.25 -36.60 55.64
N GLY F 58 -0.98 -37.71 55.78
CA GLY F 58 -2.43 -37.67 55.92
C GLY F 58 -3.22 -37.69 54.62
N VAL F 59 -2.58 -37.76 53.47
CA VAL F 59 -3.33 -37.90 52.22
C VAL F 59 -3.39 -39.39 51.90
N PRO F 60 -4.55 -39.90 51.49
CA PRO F 60 -4.70 -41.35 51.34
C PRO F 60 -3.76 -41.94 50.30
N ASP F 61 -3.54 -43.26 50.43
CA ASP F 61 -2.73 -44.00 49.47
C ASP F 61 -3.37 -44.06 48.09
N ARG F 62 -4.68 -43.80 47.99
CA ARG F 62 -5.37 -43.86 46.71
C ARG F 62 -4.79 -42.87 45.72
N PHE F 63 -4.32 -41.72 46.18
CA PHE F 63 -3.75 -40.71 45.30
C PHE F 63 -2.31 -41.06 44.93
N SER F 64 -2.00 -40.99 43.65
CA SER F 64 -0.63 -41.14 43.16
C SER F 64 -0.48 -40.33 41.89
N GLY F 65 0.77 -40.09 41.50
CA GLY F 65 1.05 -39.29 40.33
C GLY F 65 2.13 -39.94 39.48
N SER F 66 2.11 -39.59 38.20
CA SER F 66 3.07 -40.10 37.24
C SER F 66 3.27 -39.07 36.14
N LYS F 67 4.26 -39.32 35.29
CA LYS F 67 4.62 -38.36 34.24
C LYS F 67 5.23 -39.11 33.07
N SER F 68 4.74 -38.82 31.88
CA SER F 68 5.23 -39.41 30.64
C SER F 68 5.52 -38.28 29.66
N GLY F 69 6.79 -37.93 29.51
CA GLY F 69 7.18 -36.82 28.67
C GLY F 69 6.76 -35.48 29.23
N ASN F 70 5.80 -34.83 28.56
CA ASN F 70 5.35 -33.50 28.95
C ASN F 70 3.95 -33.50 29.56
N THR F 71 3.38 -34.67 29.81
CA THR F 71 2.03 -34.79 30.36
C THR F 71 2.09 -35.56 31.67
N ALA F 72 1.73 -34.90 32.76
CA ALA F 72 1.64 -35.52 34.07
C ALA F 72 0.21 -35.94 34.35
N THR F 73 0.07 -36.98 35.17
CA THR F 73 -1.24 -37.57 35.43
C THR F 73 -1.43 -37.82 36.92
N LEU F 74 -2.52 -37.30 37.46
CA LEU F 74 -2.98 -37.65 38.81
C LEU F 74 -4.06 -38.72 38.69
N THR F 75 -3.87 -39.83 39.39
CA THR F 75 -4.78 -40.96 39.33
C THR F 75 -5.32 -41.26 40.72
N ILE F 76 -6.65 -41.40 40.81
CA ILE F 76 -7.33 -41.74 42.04
C ILE F 76 -7.87 -43.15 41.89
N SER F 77 -7.35 -44.08 42.70
CA SER F 77 -7.55 -45.51 42.41
C SER F 77 -8.99 -45.95 42.62
N SER F 78 -9.62 -45.50 43.70
CA SER F 78 -11.00 -45.91 44.02
C SER F 78 -11.72 -44.70 44.62
N LEU F 79 -12.59 -44.10 43.83
CA LEU F 79 -13.22 -42.83 44.21
C LEU F 79 -14.05 -42.99 45.49
N GLN F 80 -14.16 -41.88 46.21
CA GLN F 80 -15.03 -41.77 47.38
C GLN F 80 -15.72 -40.42 47.32
N ALA F 81 -16.81 -40.29 48.10
CA ALA F 81 -17.62 -39.08 48.06
C ALA F 81 -16.78 -37.83 48.36
N GLU F 82 -15.86 -37.92 49.32
CA GLU F 82 -15.08 -36.76 49.71
C GLU F 82 -14.12 -36.31 48.62
N ASP F 83 -13.86 -37.14 47.61
CA ASP F 83 -12.95 -36.76 46.53
C ASP F 83 -13.55 -35.73 45.58
N GLU F 84 -14.86 -35.47 45.67
CA GLU F 84 -15.49 -34.46 44.84
C GLU F 84 -14.92 -33.08 45.17
N ALA F 85 -14.11 -32.54 44.27
CA ALA F 85 -13.37 -31.31 44.55
C ALA F 85 -12.71 -30.85 43.24
N ASP F 86 -12.06 -29.69 43.31
CA ASP F 86 -11.26 -29.18 42.21
C ASP F 86 -9.80 -29.59 42.41
N TYR F 87 -9.14 -29.98 41.32
CA TYR F 87 -7.77 -30.45 41.36
C TYR F 87 -6.91 -29.61 40.42
N PHE F 88 -5.78 -29.14 40.93
CA PHE F 88 -4.88 -28.26 40.21
C PHE F 88 -3.49 -28.87 40.17
N CYS F 89 -2.84 -28.80 39.02
CA CYS F 89 -1.45 -29.20 38.89
C CYS F 89 -0.55 -27.96 38.84
N ALA F 90 0.73 -28.18 39.15
CA ALA F 90 1.70 -27.09 39.15
C ALA F 90 3.09 -27.66 38.90
N THR F 91 3.96 -26.83 38.34
CA THR F 91 5.34 -27.21 38.08
C THR F 91 6.15 -25.93 37.95
N GLY F 92 7.46 -26.10 37.77
CA GLY F 92 8.38 -24.99 37.58
C GLY F 92 8.92 -24.97 36.16
N ASP F 93 9.21 -23.76 35.67
CA ASP F 93 9.85 -23.58 34.38
C ASP F 93 11.36 -23.39 34.51
N TYR F 94 11.78 -22.59 35.48
CA TYR F 94 13.19 -22.42 35.86
C TYR F 94 13.27 -21.66 37.16
N ASN F 95 13.17 -20.34 37.09
CA ASN F 95 12.93 -19.51 38.26
C ASN F 95 11.48 -19.07 38.37
N ILE F 96 10.59 -19.68 37.58
CA ILE F 96 9.18 -19.33 37.51
C ILE F 96 8.34 -20.57 37.81
N ALA F 97 7.21 -20.35 38.46
CA ALA F 97 6.24 -21.40 38.73
C ALA F 97 5.00 -21.15 37.89
N VAL F 98 4.37 -22.24 37.43
CA VAL F 98 3.19 -22.16 36.58
C VAL F 98 2.18 -23.20 37.07
N PHE F 99 0.91 -22.81 37.08
CA PHE F 99 -0.16 -23.64 37.62
C PHE F 99 -1.13 -24.01 36.50
N GLY F 100 -1.93 -25.06 36.78
CA GLY F 100 -2.85 -25.56 35.79
C GLY F 100 -4.18 -24.82 35.79
N SER F 101 -5.00 -25.14 34.78
CA SER F 101 -6.30 -24.49 34.61
C SER F 101 -7.36 -25.00 35.57
N GLY F 102 -7.14 -26.17 36.17
CA GLY F 102 -8.12 -26.72 37.09
C GLY F 102 -9.02 -27.78 36.49
N THR F 103 -9.34 -28.80 37.28
CA THR F 103 -10.23 -29.87 36.86
C THR F 103 -11.24 -30.13 37.97
N THR F 104 -12.53 -29.98 37.65
CA THR F 104 -13.59 -30.28 38.60
C THR F 104 -13.91 -31.77 38.55
N LEU F 105 -13.72 -32.46 39.67
CA LEU F 105 -14.03 -33.88 39.76
C LEU F 105 -15.44 -34.07 40.31
N ILE F 106 -16.26 -34.83 39.58
CA ILE F 106 -17.62 -35.16 39.98
C ILE F 106 -17.71 -36.67 40.17
N VAL F 107 -18.30 -37.09 41.29
CA VAL F 107 -18.49 -38.49 41.61
C VAL F 107 -19.96 -38.82 41.45
N MET F 108 -20.28 -39.69 40.50
CA MET F 108 -21.65 -40.09 40.20
C MET F 108 -22.00 -41.36 40.95
N GLY F 109 -23.26 -41.76 40.85
CA GLY F 109 -23.72 -42.96 41.55
C GLY F 109 -24.11 -42.73 42.99
N GLN F 110 -24.18 -41.49 43.44
CA GLN F 110 -24.59 -41.20 44.81
C GLN F 110 -26.11 -41.21 44.91
N PRO F 111 -26.65 -41.59 46.08
CA PRO F 111 -28.11 -41.75 46.21
C PRO F 111 -28.83 -40.43 46.00
N LYS F 112 -29.93 -40.49 45.27
CA LYS F 112 -30.75 -39.32 44.99
C LYS F 112 -31.48 -38.87 46.25
N SER F 113 -31.77 -37.56 46.31
CA SER F 113 -32.52 -36.99 47.41
C SER F 113 -33.35 -35.82 46.90
N PRO F 114 -34.60 -35.70 47.31
CA PRO F 114 -35.38 -34.52 46.96
C PRO F 114 -35.02 -33.36 47.88
N PRO F 115 -35.18 -32.12 47.40
CA PRO F 115 -34.76 -30.98 48.20
C PRO F 115 -35.75 -30.64 49.31
N SER F 116 -35.21 -30.35 50.49
CA SER F 116 -35.99 -29.71 51.54
C SER F 116 -36.09 -28.23 51.24
N VAL F 117 -37.31 -27.68 51.32
CA VAL F 117 -37.57 -26.29 50.97
C VAL F 117 -38.22 -25.60 52.15
N THR F 118 -37.68 -24.43 52.52
CA THR F 118 -38.27 -23.58 53.55
C THR F 118 -38.37 -22.17 52.99
N LEU F 119 -39.57 -21.61 53.02
CA LEU F 119 -39.83 -20.26 52.50
C LEU F 119 -40.08 -19.34 53.69
N PHE F 120 -39.11 -18.46 53.95
CA PHE F 120 -39.23 -17.52 55.08
C PHE F 120 -39.88 -16.23 54.62
N PRO F 121 -40.79 -15.69 55.44
CA PRO F 121 -41.35 -14.37 55.15
C PRO F 121 -40.41 -13.28 55.61
N PRO F 122 -40.62 -12.03 55.21
CA PRO F 122 -39.80 -10.95 55.73
C PRO F 122 -40.11 -10.69 57.20
N SER F 123 -39.08 -10.33 57.95
CA SER F 123 -39.26 -10.05 59.37
C SER F 123 -39.91 -8.68 59.56
N THR F 124 -40.52 -8.51 60.73
CA THR F 124 -41.14 -7.22 61.04
C THR F 124 -40.11 -6.12 61.14
N GLU F 125 -38.87 -6.44 61.55
CA GLU F 125 -37.82 -5.44 61.65
C GLU F 125 -37.41 -4.92 60.27
N GLU F 126 -37.42 -5.79 59.25
CA GLU F 126 -37.12 -5.33 57.90
C GLU F 126 -38.28 -4.50 57.33
N LEU F 127 -39.52 -4.91 57.63
CA LEU F 127 -40.67 -4.16 57.13
C LEU F 127 -40.70 -2.75 57.68
N ASN F 128 -40.10 -2.52 58.85
CA ASN F 128 -40.01 -1.16 59.38
C ASN F 128 -39.13 -0.27 58.50
N GLY F 129 -38.19 -0.86 57.77
CA GLY F 129 -37.37 -0.12 56.84
C GLY F 129 -37.96 -0.07 55.45
N ASN F 130 -39.25 -0.37 55.34
CA ASN F 130 -39.97 -0.38 54.07
C ASN F 130 -39.33 -1.33 53.06
N LYS F 131 -38.71 -2.40 53.56
CA LYS F 131 -38.14 -3.45 52.73
C LYS F 131 -38.83 -4.77 53.04
N ALA F 132 -38.72 -5.71 52.11
CA ALA F 132 -39.32 -7.04 52.29
C ALA F 132 -38.61 -8.01 51.36
N THR F 133 -37.80 -8.89 51.94
CA THR F 133 -37.08 -9.91 51.18
C THR F 133 -37.57 -11.28 51.61
N LEU F 134 -38.01 -12.08 50.65
CA LEU F 134 -38.45 -13.44 50.90
C LEU F 134 -37.29 -14.40 50.62
N VAL F 135 -37.02 -15.29 51.58
CA VAL F 135 -35.88 -16.19 51.51
C VAL F 135 -36.39 -17.61 51.37
N CYS F 136 -36.00 -18.28 50.28
CA CYS F 136 -36.37 -19.66 50.00
C CYS F 136 -35.10 -20.50 50.06
N LEU F 137 -34.95 -21.29 51.12
CA LEU F 137 -33.77 -22.10 51.36
C LEU F 137 -33.99 -23.53 50.89
N ILE F 138 -32.99 -24.08 50.23
CA ILE F 138 -33.08 -25.38 49.57
C ILE F 138 -31.87 -26.21 49.98
N SER F 139 -32.10 -27.47 50.35
CA SER F 139 -31.02 -28.28 50.89
C SER F 139 -31.33 -29.75 50.70
N ASP F 140 -30.29 -30.57 50.84
CA ASP F 140 -30.38 -32.04 50.84
C ASP F 140 -30.96 -32.57 49.54
N PHE F 141 -30.45 -32.07 48.41
CA PHE F 141 -30.84 -32.59 47.11
C PHE F 141 -29.61 -33.03 46.32
N TYR F 142 -29.71 -34.20 45.70
CA TYR F 142 -28.73 -34.71 44.76
C TYR F 142 -29.49 -35.37 43.62
N PRO F 143 -29.07 -35.17 42.36
CA PRO F 143 -27.91 -34.38 41.90
C PRO F 143 -28.04 -32.89 42.16
N GLY F 144 -26.90 -32.19 42.17
CA GLY F 144 -26.87 -30.79 42.53
C GLY F 144 -27.33 -29.87 41.41
N SER F 145 -28.62 -29.87 41.12
CA SER F 145 -29.18 -29.02 40.08
C SER F 145 -30.65 -28.84 40.33
N VAL F 146 -31.08 -27.60 40.62
CA VAL F 146 -32.47 -27.27 40.83
C VAL F 146 -32.81 -26.03 40.02
N THR F 147 -34.09 -25.90 39.67
CA THR F 147 -34.63 -24.69 39.06
C THR F 147 -35.71 -24.12 39.97
N VAL F 148 -35.60 -22.83 40.27
CA VAL F 148 -36.53 -22.15 41.17
C VAL F 148 -37.34 -21.16 40.34
N VAL F 149 -38.65 -21.17 40.54
CA VAL F 149 -39.55 -20.22 39.91
C VAL F 149 -40.47 -19.64 40.99
N TRP F 150 -40.47 -18.32 41.12
CA TRP F 150 -41.30 -17.63 42.09
C TRP F 150 -42.66 -17.30 41.48
N LYS F 151 -43.66 -17.17 42.35
CA LYS F 151 -45.01 -16.86 41.91
C LYS F 151 -45.69 -15.98 42.94
N ALA F 152 -46.69 -15.23 42.48
CA ALA F 152 -47.52 -14.40 43.34
C ALA F 152 -48.94 -14.45 42.79
N ASP F 153 -49.86 -14.98 43.59
CA ASP F 153 -51.24 -15.21 43.16
C ASP F 153 -51.27 -16.06 41.89
N GLY F 154 -50.47 -17.11 41.87
CA GLY F 154 -50.39 -17.98 40.71
C GLY F 154 -49.87 -17.31 39.46
N SER F 155 -49.00 -16.32 39.61
CA SER F 155 -48.44 -15.57 38.48
C SER F 155 -46.93 -15.51 38.64
N THR F 156 -46.21 -15.97 37.60
CA THR F 156 -44.76 -16.05 37.67
C THR F 156 -44.13 -14.67 37.71
N ILE F 157 -43.05 -14.54 38.48
CA ILE F 157 -42.30 -13.29 38.61
C ILE F 157 -40.88 -13.55 38.13
N THR F 158 -40.40 -12.69 37.23
CA THR F 158 -39.04 -12.80 36.71
C THR F 158 -38.08 -11.75 37.28
N ARG F 159 -38.59 -10.62 37.74
CA ARG F 159 -37.76 -9.50 38.15
C ARG F 159 -37.55 -9.47 39.65
N ASN F 160 -36.42 -8.89 40.06
CA ASN F 160 -36.05 -8.74 41.48
C ASN F 160 -36.03 -10.09 42.19
N VAL F 161 -35.49 -11.11 41.51
CA VAL F 161 -35.28 -12.43 42.09
C VAL F 161 -33.87 -12.87 41.73
N GLU F 162 -33.11 -13.32 42.73
CA GLU F 162 -31.73 -13.75 42.55
C GLU F 162 -31.55 -15.10 43.19
N THR F 163 -31.20 -16.10 42.40
CA THR F 163 -31.02 -17.47 42.86
C THR F 163 -29.56 -17.87 42.69
N THR F 164 -28.94 -18.32 43.79
CA THR F 164 -27.57 -18.80 43.73
C THR F 164 -27.53 -20.19 43.10
N ARG F 165 -26.39 -20.51 42.49
CA ARG F 165 -26.20 -21.85 41.96
C ARG F 165 -26.05 -22.85 43.09
N ALA F 166 -26.25 -24.13 42.75
CA ALA F 166 -26.10 -25.19 43.74
C ALA F 166 -24.66 -25.25 44.25
N SER F 167 -24.52 -25.62 45.51
CA SER F 167 -23.21 -25.69 46.15
C SER F 167 -23.19 -26.85 47.12
N LYS F 168 -22.02 -27.46 47.26
CA LYS F 168 -21.88 -28.62 48.12
C LYS F 168 -21.95 -28.22 49.59
N GLN F 169 -22.62 -29.05 50.39
CA GLN F 169 -22.71 -28.87 51.83
C GLN F 169 -21.96 -30.00 52.53
N SER F 170 -22.01 -29.97 53.87
CA SER F 170 -21.26 -30.93 54.67
C SER F 170 -21.69 -32.37 54.39
N ASN F 171 -22.97 -32.59 54.09
CA ASN F 171 -23.48 -33.93 53.86
C ASN F 171 -22.96 -34.57 52.58
N SER F 172 -22.33 -33.79 51.70
CA SER F 172 -21.92 -34.11 50.33
C SER F 172 -23.12 -34.01 49.39
N LYS F 173 -24.30 -33.66 49.89
CA LYS F 173 -25.42 -33.29 49.04
C LYS F 173 -25.26 -31.83 48.67
N TYR F 174 -26.27 -31.25 48.02
CA TYR F 174 -26.17 -29.89 47.52
C TYR F 174 -27.24 -29.01 48.12
N ALA F 175 -26.99 -27.70 48.09
CA ALA F 175 -27.89 -26.71 48.65
C ALA F 175 -27.92 -25.49 47.76
N ALA F 176 -29.03 -24.75 47.81
CA ALA F 176 -29.18 -23.51 47.06
C ALA F 176 -30.15 -22.61 47.82
N SER F 177 -30.25 -21.37 47.35
CA SER F 177 -31.12 -20.39 47.98
C SER F 177 -31.56 -19.36 46.95
N SER F 178 -32.80 -18.90 47.08
CA SER F 178 -33.39 -17.92 46.18
C SER F 178 -33.99 -16.79 47.00
N TYR F 179 -33.82 -15.56 46.51
CA TYR F 179 -34.27 -14.37 47.21
C TYR F 179 -35.21 -13.57 46.33
N LEU F 180 -36.25 -13.01 46.93
CA LEU F 180 -37.20 -12.14 46.24
C LEU F 180 -37.26 -10.82 46.99
N SER F 181 -36.52 -9.83 46.51
CA SER F 181 -36.45 -8.52 47.13
C SER F 181 -37.53 -7.62 46.55
N LEU F 182 -38.43 -7.14 47.41
CA LEU F 182 -39.47 -6.22 47.00
C LEU F 182 -39.74 -5.24 48.13
N THR F 183 -40.53 -4.21 47.83
CA THR F 183 -40.81 -3.18 48.83
C THR F 183 -41.87 -3.68 49.81
N SER F 184 -41.96 -3.00 50.95
CA SER F 184 -42.92 -3.38 51.98
C SER F 184 -44.35 -3.24 51.48
N SER F 185 -44.62 -2.21 50.66
CA SER F 185 -45.96 -2.05 50.11
C SER F 185 -46.26 -3.12 49.06
N ASP F 186 -45.25 -3.52 48.29
CA ASP F 186 -45.42 -4.65 47.38
C ASP F 186 -45.72 -5.94 48.15
N TRP F 187 -45.14 -6.07 49.35
CA TRP F 187 -45.34 -7.27 50.16
C TRP F 187 -46.82 -7.47 50.51
N LYS F 188 -47.47 -6.40 50.96
CA LYS F 188 -48.87 -6.50 51.38
C LYS F 188 -49.85 -6.37 50.22
N SER F 189 -49.36 -5.99 49.03
CA SER F 189 -50.24 -5.77 47.88
C SER F 189 -50.84 -7.06 47.33
N LYS F 190 -50.27 -8.22 47.67
CA LYS F 190 -50.69 -9.48 47.08
C LYS F 190 -51.12 -10.47 48.16
N GLY F 191 -51.89 -11.47 47.74
CA GLY F 191 -52.47 -12.42 48.66
C GLY F 191 -51.52 -13.51 49.12
N SER F 192 -50.76 -14.09 48.18
CA SER F 192 -49.88 -15.20 48.51
C SER F 192 -48.69 -15.23 47.58
N TYR F 193 -47.52 -15.51 48.13
CA TYR F 193 -46.29 -15.76 47.38
C TYR F 193 -45.88 -17.21 47.58
N SER F 194 -45.18 -17.76 46.59
CA SER F 194 -44.80 -19.17 46.65
C SER F 194 -43.45 -19.37 45.99
N CYS F 195 -42.78 -20.46 46.40
CA CYS F 195 -41.46 -20.83 45.90
C CYS F 195 -41.54 -22.26 45.37
N GLU F 196 -41.49 -22.40 44.04
CA GLU F 196 -41.53 -23.71 43.41
C GLU F 196 -40.11 -24.17 43.09
N VAL F 197 -39.71 -25.30 43.66
CA VAL F 197 -38.39 -25.87 43.44
C VAL F 197 -38.57 -27.19 42.71
N THR F 198 -38.15 -27.24 41.44
CA THR F 198 -38.20 -28.46 40.66
C THR F 198 -36.84 -29.15 40.68
N HIS F 199 -36.87 -30.48 40.73
CA HIS F 199 -35.62 -31.25 40.85
C HIS F 199 -35.91 -32.67 40.37
N GLU F 200 -35.26 -33.06 39.28
CA GLU F 200 -35.44 -34.39 38.68
C GLU F 200 -36.92 -34.66 38.37
N GLY F 201 -37.55 -33.71 37.67
CA GLY F 201 -38.93 -33.88 37.26
C GLY F 201 -39.92 -33.95 38.39
N SER F 202 -39.63 -33.30 39.51
CA SER F 202 -40.53 -33.29 40.65
C SER F 202 -40.42 -31.94 41.34
N THR F 203 -41.57 -31.31 41.60
CA THR F 203 -41.63 -29.95 42.09
C THR F 203 -42.07 -29.94 43.55
N VAL F 204 -41.35 -29.19 44.38
CA VAL F 204 -41.72 -28.94 45.77
C VAL F 204 -42.03 -27.46 45.92
N THR F 205 -43.21 -27.15 46.45
CA THR F 205 -43.72 -25.79 46.51
C THR F 205 -44.07 -25.42 47.94
N LYS F 206 -43.54 -24.29 48.40
CA LYS F 206 -43.89 -23.73 49.70
C LYS F 206 -44.48 -22.34 49.50
N THR F 207 -45.50 -22.02 50.28
CA THR F 207 -46.30 -20.80 50.09
C THR F 207 -46.28 -19.98 51.36
N VAL F 208 -46.46 -18.66 51.19
CA VAL F 208 -46.48 -17.72 52.31
C VAL F 208 -47.55 -16.67 52.03
N LYS F 209 -48.22 -16.22 53.09
CA LYS F 209 -49.35 -15.31 52.97
C LYS F 209 -49.15 -14.12 53.90
N PRO F 210 -49.02 -12.89 53.38
CA PRO F 210 -48.90 -11.71 54.24
C PRO F 210 -50.19 -11.43 55.01
N SER F 211 -51.32 -11.47 54.29
CA SER F 211 -52.61 -11.13 54.88
C SER F 211 -52.89 -11.96 56.13
N GLU F 212 -52.51 -13.24 56.13
CA GLU F 212 -52.76 -14.10 57.30
C GLU F 212 -51.53 -14.13 58.22
N CYS F 213 -50.49 -14.84 57.79
CA CYS F 213 -49.24 -14.95 58.56
C CYS F 213 -49.47 -15.42 59.99
N VAL G 2 -21.81 21.04 -36.83
CA VAL G 2 -20.50 20.61 -37.31
C VAL G 2 -19.64 20.11 -36.16
N GLN G 3 -19.25 18.84 -36.21
CA GLN G 3 -18.40 18.26 -35.19
C GLN G 3 -17.53 17.18 -35.80
N LEU G 4 -16.31 17.07 -35.29
CA LEU G 4 -15.40 15.98 -35.64
C LEU G 4 -15.10 15.20 -34.37
N GLN G 5 -15.28 13.88 -34.42
CA GLN G 5 -15.13 13.02 -33.26
C GLN G 5 -14.26 11.83 -33.63
N GLU G 6 -13.17 11.65 -32.90
CA GLU G 6 -12.30 10.50 -33.09
C GLU G 6 -12.82 9.31 -32.28
N SER G 7 -12.54 8.10 -32.77
CA SER G 7 -12.95 6.90 -32.09
C SER G 7 -12.01 5.76 -32.51
N GLY G 8 -11.99 4.72 -31.69
CA GLY G 8 -11.09 3.61 -31.89
C GLY G 8 -10.45 3.17 -30.59
N PRO G 9 -9.71 2.07 -30.63
CA PRO G 9 -9.03 1.61 -29.42
C PRO G 9 -8.07 2.64 -28.87
N SER G 10 -8.10 2.81 -27.55
CA SER G 10 -7.14 3.66 -26.86
C SER G 10 -5.92 2.88 -26.37
N LEU G 11 -5.89 1.57 -26.61
CA LEU G 11 -4.78 0.72 -26.21
C LEU G 11 -4.49 -0.25 -27.35
N VAL G 12 -3.26 -0.21 -27.87
CA VAL G 12 -2.82 -1.14 -28.90
C VAL G 12 -1.48 -1.73 -28.47
N LYS G 13 -1.24 -2.97 -28.88
CA LYS G 13 0.02 -3.62 -28.58
C LYS G 13 1.10 -3.15 -29.55
N PRO G 14 2.36 -3.11 -29.09
CA PRO G 14 3.44 -2.70 -29.99
C PRO G 14 3.57 -3.66 -31.17
N SER G 15 4.05 -3.12 -32.29
CA SER G 15 4.23 -3.78 -33.58
C SER G 15 2.92 -4.05 -34.30
N GLN G 16 1.77 -3.73 -33.69
CA GLN G 16 0.49 -3.90 -34.34
C GLN G 16 0.09 -2.60 -35.04
N THR G 17 -1.11 -2.58 -35.62
CA THR G 17 -1.59 -1.45 -36.39
C THR G 17 -2.60 -0.64 -35.58
N LEU G 18 -2.36 0.66 -35.51
CA LEU G 18 -3.29 1.59 -34.87
C LEU G 18 -4.32 2.06 -35.89
N SER G 19 -5.59 1.86 -35.58
CA SER G 19 -6.69 2.24 -36.46
C SER G 19 -7.65 3.15 -35.73
N LEU G 20 -7.92 4.32 -36.31
CA LEU G 20 -8.86 5.27 -35.75
C LEU G 20 -9.87 5.67 -36.82
N THR G 21 -11.03 6.14 -36.35
CA THR G 21 -12.10 6.61 -37.23
C THR G 21 -12.51 8.01 -36.79
N CYS G 22 -12.62 8.91 -37.77
CA CYS G 22 -13.08 10.28 -37.53
C CYS G 22 -14.48 10.42 -38.16
N THR G 23 -15.50 10.52 -37.31
CA THR G 23 -16.87 10.68 -37.78
C THR G 23 -17.17 12.17 -37.89
N VAL G 24 -17.56 12.62 -39.07
CA VAL G 24 -17.81 14.02 -39.34
C VAL G 24 -19.32 14.23 -39.36
N SER G 25 -19.83 15.01 -38.40
CA SER G 25 -21.23 15.35 -38.32
C SER G 25 -21.48 16.71 -38.94
N GLY G 26 -22.73 16.94 -39.38
CA GLY G 26 -23.15 18.22 -39.90
C GLY G 26 -22.31 18.74 -41.05
N LEU G 27 -21.78 17.84 -41.88
CA LEU G 27 -20.87 18.23 -42.94
C LEU G 27 -20.83 17.12 -43.98
N SER G 28 -20.38 17.49 -45.17
CA SER G 28 -20.32 16.58 -46.32
C SER G 28 -18.86 16.37 -46.70
N LEU G 29 -18.38 15.13 -46.53
CA LEU G 29 -17.01 14.77 -46.88
C LEU G 29 -16.71 14.96 -48.36
N SER G 30 -17.74 15.14 -49.20
CA SER G 30 -17.52 15.32 -50.63
C SER G 30 -16.59 16.50 -50.91
N ASP G 31 -16.83 17.63 -50.26
CA ASP G 31 -16.10 18.86 -50.52
C ASP G 31 -15.35 19.36 -49.29
N HIS G 32 -14.76 18.45 -48.52
CA HIS G 32 -13.96 18.83 -47.36
C HIS G 32 -12.70 17.97 -47.28
N ASN G 33 -11.56 18.62 -47.16
CA ASN G 33 -10.31 17.92 -46.87
C ASN G 33 -10.22 17.65 -45.38
N VAL G 34 -9.86 16.42 -45.02
CA VAL G 34 -9.74 16.01 -43.63
C VAL G 34 -8.35 15.42 -43.41
N GLY G 35 -7.64 15.89 -42.39
CA GLY G 35 -6.30 15.45 -42.09
C GLY G 35 -6.19 14.95 -40.65
N TRP G 36 -5.01 14.40 -40.35
CA TRP G 36 -4.72 13.84 -39.03
C TRP G 36 -3.46 14.47 -38.47
N ILE G 37 -3.52 14.85 -37.19
CA ILE G 37 -2.38 15.40 -36.46
C ILE G 37 -2.35 14.73 -35.10
N ARG G 38 -1.16 14.46 -34.58
CA ARG G 38 -1.00 13.83 -33.28
C ARG G 38 -0.10 14.67 -32.39
N GLN G 39 -0.21 14.44 -31.09
CA GLN G 39 0.57 15.15 -30.08
C GLN G 39 1.03 14.15 -29.03
N ALA G 40 2.31 13.80 -29.05
CA ALA G 40 2.85 12.89 -28.07
C ALA G 40 2.94 13.58 -26.70
N PRO G 41 2.95 12.79 -25.61
CA PRO G 41 3.03 13.40 -24.27
C PRO G 41 4.20 14.35 -24.12
N GLY G 42 3.90 15.64 -23.93
CA GLY G 42 4.92 16.66 -23.83
C GLY G 42 5.79 16.78 -25.06
N LYS G 43 5.17 16.85 -26.23
CA LYS G 43 5.87 16.94 -27.50
C LYS G 43 5.15 17.95 -28.40
N ALA G 44 5.84 18.35 -29.46
CA ALA G 44 5.26 19.22 -30.46
C ALA G 44 4.22 18.48 -31.29
N LEU G 45 3.39 19.25 -31.99
CA LEU G 45 2.41 18.65 -32.89
C LEU G 45 3.11 18.05 -34.09
N GLU G 46 2.61 16.90 -34.55
CA GLU G 46 3.19 16.17 -35.67
C GLU G 46 2.12 15.94 -36.71
N TRP G 47 2.34 16.46 -37.91
CA TRP G 47 1.42 16.21 -39.03
C TRP G 47 1.57 14.78 -39.52
N LEU G 48 0.43 14.12 -39.77
CA LEU G 48 0.40 12.76 -40.28
C LEU G 48 0.08 12.71 -41.77
N GLY G 49 -1.08 13.22 -42.15
CA GLY G 49 -1.45 13.22 -43.56
C GLY G 49 -2.83 13.79 -43.73
N VAL G 50 -3.25 13.87 -45.00
CA VAL G 50 -4.55 14.41 -45.39
C VAL G 50 -5.11 13.57 -46.52
N ILE G 51 -6.43 13.39 -46.53
CA ILE G 51 -7.15 12.90 -47.69
C ILE G 51 -7.98 14.05 -48.22
N TYR G 52 -7.78 14.39 -49.49
CA TYR G 52 -8.44 15.54 -50.08
C TYR G 52 -9.86 15.19 -50.53
N LYS G 53 -10.59 16.23 -50.96
CA LYS G 53 -11.97 16.10 -51.40
C LYS G 53 -12.18 14.91 -52.33
N GLU G 54 -11.36 14.81 -53.38
CA GLU G 54 -11.55 13.84 -54.44
C GLU G 54 -10.84 12.52 -54.16
N GLY G 55 -10.34 12.31 -52.95
CA GLY G 55 -9.69 11.07 -52.59
C GLY G 55 -8.18 11.08 -52.71
N ASP G 56 -7.59 12.20 -53.10
CA ASP G 56 -6.14 12.31 -53.19
C ASP G 56 -5.55 12.42 -51.79
N LYS G 57 -4.29 12.01 -51.64
CA LYS G 57 -3.69 11.86 -50.32
C LYS G 57 -2.28 12.42 -50.31
N ASP G 58 -1.92 13.03 -49.18
CA ASP G 58 -0.56 13.43 -48.88
C ASP G 58 -0.19 12.87 -47.50
N TYR G 59 1.07 12.51 -47.34
CA TYR G 59 1.54 11.91 -46.09
C TYR G 59 2.80 12.59 -45.60
N ASN G 60 3.06 12.44 -44.32
CA ASN G 60 4.33 12.84 -43.73
C ASN G 60 5.43 11.93 -44.29
N PRO G 61 6.47 12.49 -44.91
CA PRO G 61 7.52 11.62 -45.48
C PRO G 61 8.16 10.67 -44.47
N ALA G 62 8.32 11.11 -43.22
CA ALA G 62 8.95 10.27 -42.21
C ALA G 62 8.09 9.07 -41.82
N LEU G 63 6.77 9.16 -42.01
CA LEU G 63 5.86 8.10 -41.61
C LEU G 63 5.13 7.46 -42.79
N LYS G 64 5.38 7.93 -44.02
CA LYS G 64 4.63 7.48 -45.19
C LYS G 64 4.54 5.96 -45.29
N SER G 65 5.65 5.26 -45.02
CA SER G 65 5.68 3.80 -45.20
C SER G 65 4.71 3.09 -44.28
N ARG G 66 4.43 3.67 -43.11
CA ARG G 66 3.55 3.04 -42.12
C ARG G 66 2.15 3.64 -42.10
N LEU G 67 1.85 4.58 -42.99
CA LEU G 67 0.65 5.40 -42.90
C LEU G 67 -0.35 5.05 -43.99
N SER G 68 -1.63 5.04 -43.65
CA SER G 68 -2.71 4.81 -44.58
C SER G 68 -3.93 5.60 -44.14
N ILE G 69 -4.47 6.42 -45.04
CA ILE G 69 -5.66 7.21 -44.77
C ILE G 69 -6.67 6.95 -45.88
N THR G 70 -7.87 6.51 -45.50
CA THR G 70 -8.97 6.30 -46.43
C THR G 70 -10.20 7.03 -45.88
N LYS G 71 -11.30 6.96 -46.63
CA LYS G 71 -12.50 7.70 -46.26
C LYS G 71 -13.70 7.10 -46.99
N ASP G 72 -14.86 7.20 -46.33
CA ASP G 72 -16.13 6.69 -46.87
C ASP G 72 -17.12 7.85 -46.84
N ASN G 73 -17.37 8.45 -48.02
CA ASN G 73 -18.27 9.59 -48.11
C ASN G 73 -19.65 9.29 -47.52
N SER G 74 -20.18 8.10 -47.79
CA SER G 74 -21.54 7.77 -47.34
C SER G 74 -21.61 7.66 -45.82
N LYS G 75 -20.60 7.04 -45.20
CA LYS G 75 -20.57 6.89 -43.76
C LYS G 75 -20.09 8.14 -43.02
N SER G 76 -19.66 9.17 -43.76
CA SER G 76 -19.11 10.39 -43.16
C SER G 76 -17.94 10.06 -42.24
N GLN G 77 -17.06 9.18 -42.69
CA GLN G 77 -15.95 8.69 -41.87
C GLN G 77 -14.64 8.81 -42.62
N VAL G 78 -13.59 9.17 -41.90
CA VAL G 78 -12.21 9.14 -42.39
C VAL G 78 -11.43 8.18 -41.51
N SER G 79 -10.63 7.33 -42.13
CA SER G 79 -9.89 6.29 -41.43
C SER G 79 -8.40 6.62 -41.40
N LEU G 80 -7.74 6.18 -40.32
CA LEU G 80 -6.30 6.34 -40.17
C LEU G 80 -5.71 5.01 -39.73
N SER G 81 -4.73 4.53 -40.48
CA SER G 81 -4.01 3.31 -40.14
C SER G 81 -2.52 3.62 -39.98
N LEU G 82 -1.96 3.21 -38.85
CA LEU G 82 -0.52 3.32 -38.60
C LEU G 82 -0.01 1.95 -38.18
N SER G 83 0.85 1.36 -39.01
CA SER G 83 1.32 0.01 -38.77
C SER G 83 2.65 0.00 -38.01
N SER G 84 2.96 -1.16 -37.45
CA SER G 84 4.22 -1.40 -36.72
C SER G 84 4.47 -0.31 -35.70
N VAL G 85 3.50 -0.09 -34.82
CA VAL G 85 3.59 0.99 -33.85
C VAL G 85 4.57 0.62 -32.74
N THR G 86 5.23 1.63 -32.20
CA THR G 86 6.10 1.51 -31.04
C THR G 86 5.63 2.49 -29.96
N THR G 87 6.38 2.54 -28.85
CA THR G 87 6.05 3.48 -27.78
C THR G 87 6.11 4.92 -28.25
N GLU G 88 6.95 5.21 -29.25
CA GLU G 88 7.01 6.54 -29.83
C GLU G 88 5.69 6.99 -30.42
N ASP G 89 4.84 6.04 -30.81
CA ASP G 89 3.55 6.35 -31.43
C ASP G 89 2.44 6.63 -30.44
N THR G 90 2.71 6.50 -29.14
CA THR G 90 1.75 6.94 -28.13
C THR G 90 1.56 8.44 -28.23
N ALA G 91 0.32 8.87 -28.46
CA ALA G 91 0.05 10.28 -28.69
C ALA G 91 -1.45 10.51 -28.62
N THR G 92 -1.84 11.79 -28.53
CA THR G 92 -3.22 12.21 -28.66
C THR G 92 -3.46 12.57 -30.12
N TYR G 93 -4.31 11.80 -30.80
CA TYR G 93 -4.52 11.94 -32.23
C TYR G 93 -5.73 12.81 -32.50
N TYR G 94 -5.56 13.80 -33.37
CA TYR G 94 -6.61 14.74 -33.72
C TYR G 94 -6.91 14.61 -35.21
N CYS G 95 -8.20 14.66 -35.55
CA CYS G 95 -8.62 14.84 -36.93
C CYS G 95 -9.23 16.22 -37.08
N ALA G 96 -9.01 16.83 -38.25
CA ALA G 96 -9.42 18.20 -38.48
C ALA G 96 -9.58 18.44 -39.97
N THR G 97 -10.34 19.47 -40.31
CA THR G 97 -10.50 19.86 -41.70
C THR G 97 -9.29 20.66 -42.17
N LEU G 98 -9.00 20.55 -43.46
CA LEU G 98 -7.93 21.31 -44.11
C LEU G 98 -8.61 22.37 -44.98
N GLY G 99 -9.11 23.42 -44.32
CA GLY G 99 -9.86 24.44 -45.04
C GLY G 99 -8.94 25.28 -45.90
N CYS G 100 -9.30 25.44 -47.16
CA CYS G 100 -8.51 26.19 -48.12
C CYS G 100 -9.29 27.41 -48.58
N TYR G 101 -8.55 28.44 -48.98
CA TYR G 101 -9.13 29.73 -49.31
C TYR G 101 -8.25 30.42 -50.34
N PHE G 102 -8.87 31.28 -51.14
CA PHE G 102 -8.15 32.02 -52.18
C PHE G 102 -7.76 33.39 -51.64
N VAL G 103 -6.46 33.68 -51.66
CA VAL G 103 -5.96 35.00 -51.33
C VAL G 103 -5.90 35.79 -52.63
N GLU G 104 -6.59 36.93 -52.66
CA GLU G 104 -6.81 37.68 -53.90
C GLU G 104 -5.51 37.94 -54.64
N GLY G 105 -4.43 38.19 -53.91
CA GLY G 105 -3.17 38.56 -54.55
C GLY G 105 -2.22 37.42 -54.83
N VAL G 106 -2.05 36.51 -53.88
CA VAL G 106 -1.02 35.48 -53.97
C VAL G 106 -1.58 34.24 -54.65
N GLY G 107 -2.56 33.60 -54.03
CA GLY G 107 -3.11 32.37 -54.56
C GLY G 107 -3.85 31.60 -53.48
N TYR G 108 -3.80 30.27 -53.59
CA TYR G 108 -4.48 29.40 -52.65
C TYR G 108 -3.58 29.06 -51.47
N ASP G 109 -4.18 28.94 -50.30
CA ASP G 109 -3.50 28.49 -49.10
C ASP G 109 -4.53 27.79 -48.21
N CYS G 110 -4.03 26.98 -47.28
CA CYS G 110 -4.89 26.09 -46.52
C CYS G 110 -4.49 26.10 -45.05
N THR G 111 -5.47 25.79 -44.19
CA THR G 111 -5.27 25.78 -42.75
C THR G 111 -5.96 24.56 -42.14
N TYR G 112 -5.21 23.81 -41.33
CA TYR G 112 -5.80 22.73 -40.57
C TYR G 112 -6.63 23.26 -39.41
N GLY G 113 -7.74 22.60 -39.13
CA GLY G 113 -8.62 23.05 -38.06
C GLY G 113 -9.49 24.23 -38.43
N LEU G 114 -9.66 24.50 -39.71
CA LEU G 114 -10.48 25.60 -40.18
C LEU G 114 -11.41 25.10 -41.28
N GLN G 115 -12.64 25.61 -41.30
CA GLN G 115 -13.59 25.27 -42.34
C GLN G 115 -13.43 26.23 -43.51
N HIS G 116 -13.63 25.70 -44.73
CA HIS G 116 -13.11 26.38 -45.90
C HIS G 116 -13.89 27.65 -46.24
N THR G 117 -15.20 27.69 -45.98
CA THR G 117 -16.01 28.86 -46.30
C THR G 117 -16.44 29.65 -45.07
N THR G 118 -16.98 28.98 -44.06
CA THR G 118 -17.43 29.67 -42.86
C THR G 118 -16.27 30.16 -41.99
N PHE G 119 -15.08 29.60 -42.18
CA PHE G 119 -13.89 29.95 -41.40
C PHE G 119 -14.12 29.70 -39.91
N HIS G 120 -14.87 28.66 -39.59
CA HIS G 120 -15.11 28.26 -38.21
C HIS G 120 -14.05 27.26 -37.75
N ASP G 121 -13.90 27.17 -36.43
CA ASP G 121 -13.00 26.17 -35.86
C ASP G 121 -13.52 24.77 -36.17
N ALA G 122 -12.60 23.88 -36.52
CA ALA G 122 -12.98 22.54 -36.96
C ALA G 122 -11.92 21.53 -36.50
N TRP G 123 -11.78 21.41 -35.19
CA TRP G 123 -10.89 20.42 -34.58
C TRP G 123 -11.71 19.31 -33.93
N GLY G 124 -11.17 18.10 -33.98
CA GLY G 124 -11.72 17.03 -33.19
C GLY G 124 -11.38 17.20 -31.71
N GLN G 125 -12.02 16.37 -30.89
CA GLN G 125 -11.76 16.46 -29.45
C GLN G 125 -10.39 15.91 -29.09
N GLY G 126 -9.89 14.96 -29.87
CA GLY G 126 -8.61 14.33 -29.57
C GLY G 126 -8.82 13.03 -28.81
N LEU G 127 -8.10 11.98 -29.23
CA LEU G 127 -8.20 10.67 -28.59
C LEU G 127 -6.79 10.19 -28.23
N LEU G 128 -6.53 10.03 -26.95
CA LEU G 128 -5.27 9.46 -26.50
C LEU G 128 -5.25 7.96 -26.80
N VAL G 129 -4.18 7.53 -27.48
CA VAL G 129 -3.94 6.11 -27.76
C VAL G 129 -2.56 5.77 -27.22
N THR G 130 -2.48 4.68 -26.47
CA THR G 130 -1.24 4.29 -25.78
C THR G 130 -0.76 2.96 -26.32
N VAL G 131 0.48 2.93 -26.80
CA VAL G 131 1.11 1.71 -27.28
C VAL G 131 1.80 1.04 -26.09
N SER G 132 1.22 -0.06 -25.61
CA SER G 132 1.75 -0.74 -24.44
C SER G 132 1.39 -2.22 -24.50
N SER G 133 2.25 -3.04 -23.91
CA SER G 133 2.00 -4.47 -23.84
C SER G 133 1.09 -4.86 -22.69
N ALA G 134 0.93 -3.97 -21.71
CA ALA G 134 -0.03 -4.20 -20.63
C ALA G 134 -1.43 -4.40 -21.20
N SER G 135 -2.18 -5.32 -20.60
CA SER G 135 -3.52 -5.66 -21.07
C SER G 135 -4.50 -4.57 -20.65
N THR G 136 -5.78 -4.82 -20.86
CA THR G 136 -6.84 -3.99 -20.27
C THR G 136 -6.94 -4.38 -18.80
N THR G 137 -6.38 -3.56 -17.93
CA THR G 137 -6.29 -3.85 -16.51
C THR G 137 -7.28 -2.98 -15.76
N ALA G 138 -8.28 -3.60 -15.15
CA ALA G 138 -9.23 -2.87 -14.34
C ALA G 138 -8.56 -2.37 -13.06
N PRO G 139 -9.01 -1.25 -12.51
CA PRO G 139 -8.35 -0.69 -11.33
C PRO G 139 -8.78 -1.36 -10.04
N LYS G 140 -7.83 -1.49 -9.12
CA LYS G 140 -8.14 -1.81 -7.73
C LYS G 140 -8.22 -0.50 -6.96
N VAL G 141 -9.36 -0.26 -6.34
CA VAL G 141 -9.64 1.02 -5.66
C VAL G 141 -9.61 0.79 -4.16
N TYR G 142 -8.88 1.65 -3.46
CA TYR G 142 -8.67 1.52 -2.02
C TYR G 142 -9.09 2.81 -1.32
N PRO G 143 -9.55 2.71 -0.07
CA PRO G 143 -9.94 3.91 0.66
C PRO G 143 -8.73 4.59 1.30
N LEU G 144 -8.74 5.92 1.25
CA LEU G 144 -7.67 6.74 1.82
C LEU G 144 -8.18 7.43 3.08
N SER G 145 -7.42 7.31 4.17
CA SER G 145 -7.78 7.91 5.45
C SER G 145 -6.52 8.46 6.11
N SER G 146 -6.55 9.74 6.49
CA SER G 146 -5.39 10.44 7.00
C SER G 146 -5.39 10.56 8.51
N CYS G 147 -5.77 9.49 9.21
CA CYS G 147 -5.74 9.46 10.66
C CYS G 147 -4.44 8.91 11.24
N CYS G 148 -3.70 8.13 10.45
CA CYS G 148 -2.43 7.56 10.91
C CYS G 148 -1.51 8.62 11.48
N GLY G 149 -1.27 9.69 10.74
CA GLY G 149 -0.41 10.76 11.19
C GLY G 149 -0.89 12.14 10.79
N SER G 153 -7.95 16.58 13.42
CA SER G 153 -9.16 16.51 14.25
C SER G 153 -10.13 17.63 13.89
N SER G 154 -9.62 18.64 13.19
CA SER G 154 -10.43 19.80 12.81
C SER G 154 -11.19 19.54 11.51
N THR G 155 -10.47 19.37 10.41
CA THR G 155 -11.06 19.12 9.10
C THR G 155 -10.56 17.77 8.60
N VAL G 156 -11.41 16.75 8.71
CA VAL G 156 -11.05 15.41 8.27
C VAL G 156 -10.89 15.40 6.75
N THR G 157 -9.93 14.62 6.27
CA THR G 157 -9.67 14.49 4.84
C THR G 157 -9.56 13.01 4.49
N LEU G 158 -10.35 12.58 3.51
CA LEU G 158 -10.40 11.21 3.05
C LEU G 158 -10.35 11.19 1.52
N GLY G 159 -10.26 10.00 0.95
CA GLY G 159 -10.22 9.90 -0.49
C GLY G 159 -10.26 8.47 -0.96
N CYS G 160 -10.07 8.31 -2.27
CA CYS G 160 -10.04 7.00 -2.92
C CYS G 160 -8.80 6.92 -3.81
N LEU G 161 -8.05 5.84 -3.67
CA LEU G 161 -6.91 5.55 -4.53
C LEU G 161 -7.34 4.60 -5.63
N VAL G 162 -7.29 5.07 -6.88
CA VAL G 162 -7.58 4.26 -8.04
C VAL G 162 -6.23 3.77 -8.57
N SER G 163 -5.86 2.54 -8.24
CA SER G 163 -4.49 2.06 -8.38
C SER G 163 -4.38 1.01 -9.47
N SER G 164 -3.31 1.12 -10.27
CA SER G 164 -2.85 0.08 -11.18
C SER G 164 -3.95 -0.30 -12.19
N TYR G 165 -4.18 0.61 -13.12
CA TYR G 165 -5.14 0.39 -14.19
C TYR G 165 -4.53 0.78 -15.53
N MET G 166 -5.11 0.23 -16.60
CA MET G 166 -4.72 0.48 -17.97
C MET G 166 -5.89 0.15 -18.89
N PRO G 167 -6.28 1.05 -19.80
CA PRO G 167 -5.69 2.38 -20.02
C PRO G 167 -6.51 3.53 -19.47
N GLU G 168 -5.96 4.74 -19.59
CA GLU G 168 -6.72 5.94 -19.30
C GLU G 168 -7.97 6.00 -20.17
N PRO G 169 -9.05 6.63 -19.71
CA PRO G 169 -9.16 7.29 -18.40
C PRO G 169 -10.08 6.55 -17.43
N VAL G 170 -10.09 7.01 -16.18
CA VAL G 170 -11.13 6.66 -15.23
C VAL G 170 -11.86 7.93 -14.85
N THR G 171 -13.10 7.77 -14.38
CA THR G 171 -13.92 8.89 -13.93
C THR G 171 -14.38 8.62 -12.52
N VAL G 172 -14.17 9.59 -11.64
CA VAL G 172 -14.47 9.44 -10.21
C VAL G 172 -15.50 10.49 -9.82
N THR G 173 -16.59 10.04 -9.21
CA THR G 173 -17.56 10.89 -8.55
C THR G 173 -17.72 10.43 -7.12
N TRP G 174 -18.48 11.20 -6.34
CA TRP G 174 -18.72 10.88 -4.94
C TRP G 174 -20.21 10.94 -4.65
N ASN G 175 -20.74 9.86 -4.06
CA ASN G 175 -22.15 9.74 -3.71
C ASN G 175 -23.04 9.98 -4.92
N SER G 176 -22.72 9.29 -6.03
CA SER G 176 -23.51 9.35 -7.26
C SER G 176 -23.61 10.78 -7.80
N GLY G 177 -22.52 11.54 -7.65
CA GLY G 177 -22.48 12.90 -8.14
C GLY G 177 -23.15 13.93 -7.25
N ALA G 178 -23.66 13.53 -6.08
CA ALA G 178 -24.29 14.49 -5.18
C ALA G 178 -23.26 15.36 -4.48
N LEU G 179 -22.14 14.78 -4.05
CA LEU G 179 -21.10 15.50 -3.34
C LEU G 179 -20.10 16.06 -4.36
N LYS G 180 -20.05 17.38 -4.47
CA LYS G 180 -19.07 18.07 -5.32
C LYS G 180 -18.27 19.14 -4.60
N SER G 181 -18.77 19.70 -3.50
CA SER G 181 -18.01 20.68 -2.75
C SER G 181 -16.86 19.99 -2.01
N GLY G 182 -15.66 20.57 -2.13
CA GLY G 182 -14.50 20.06 -1.42
C GLY G 182 -13.81 18.88 -2.07
N VAL G 183 -14.26 18.44 -3.24
CA VAL G 183 -13.67 17.30 -3.92
C VAL G 183 -12.60 17.79 -4.89
N HIS G 184 -11.57 16.98 -5.08
CA HIS G 184 -10.55 17.23 -6.08
C HIS G 184 -9.99 15.90 -6.57
N THR G 185 -10.20 15.61 -7.85
CA THR G 185 -9.66 14.41 -8.49
C THR G 185 -8.36 14.79 -9.19
N PHE G 186 -7.27 14.12 -8.84
CA PHE G 186 -5.95 14.45 -9.36
C PHE G 186 -5.68 13.73 -10.67
N PRO G 187 -4.86 14.32 -11.54
CA PRO G 187 -4.44 13.61 -12.74
C PRO G 187 -3.65 12.36 -12.40
N ALA G 188 -3.72 11.37 -13.29
CA ALA G 188 -3.08 10.09 -13.04
C ALA G 188 -1.57 10.16 -13.28
N VAL G 189 -0.84 9.39 -12.49
CA VAL G 189 0.59 9.21 -12.68
C VAL G 189 0.83 7.85 -13.33
N LEU G 190 1.94 7.72 -14.04
CA LEU G 190 2.37 6.46 -14.64
C LEU G 190 3.60 5.98 -13.89
N GLN G 191 3.53 4.77 -13.36
CA GLN G 191 4.55 4.26 -12.44
C GLN G 191 5.39 3.18 -13.12
N SER G 192 6.35 2.66 -12.36
CA SER G 192 7.29 1.66 -12.88
C SER G 192 6.57 0.45 -13.47
N SER G 193 5.48 0.01 -12.83
CA SER G 193 4.75 -1.18 -13.30
C SER G 193 4.17 -1.01 -14.69
N GLY G 194 4.21 0.19 -15.26
CA GLY G 194 3.60 0.42 -16.56
C GLY G 194 2.10 0.65 -16.51
N LEU G 195 1.53 0.86 -15.33
CA LEU G 195 0.11 1.08 -15.16
C LEU G 195 -0.14 2.46 -14.56
N TYR G 196 -1.38 2.92 -14.65
CA TYR G 196 -1.77 4.22 -14.17
C TYR G 196 -2.36 4.13 -12.77
N SER G 197 -2.16 5.21 -12.00
CA SER G 197 -2.79 5.36 -10.69
C SER G 197 -3.11 6.83 -10.47
N LEU G 198 -4.31 7.10 -9.92
CA LEU G 198 -4.68 8.45 -9.54
C LEU G 198 -5.43 8.39 -8.22
N SER G 199 -5.67 9.57 -7.65
CA SER G 199 -6.36 9.69 -6.37
C SER G 199 -7.38 10.81 -6.44
N SER G 200 -8.49 10.63 -5.74
CA SER G 200 -9.50 11.65 -5.57
C SER G 200 -9.65 11.94 -4.08
N MET G 201 -9.78 13.21 -3.72
CA MET G 201 -9.73 13.63 -2.33
C MET G 201 -10.97 14.43 -1.97
N VAL G 202 -11.40 14.30 -0.72
CA VAL G 202 -12.51 15.07 -0.17
C VAL G 202 -12.05 15.71 1.13
N THR G 203 -12.12 17.04 1.19
CA THR G 203 -11.89 17.79 2.43
C THR G 203 -13.23 18.34 2.89
N VAL G 204 -13.62 17.99 4.13
CA VAL G 204 -14.93 18.37 4.64
C VAL G 204 -14.80 18.86 6.08
N PRO G 205 -15.40 20.01 6.42
CA PRO G 205 -15.39 20.53 7.80
C PRO G 205 -16.58 20.04 8.62
N GLY G 210 -18.08 14.03 9.15
CA GLY G 210 -18.85 14.90 10.01
C GLY G 210 -20.15 14.30 10.46
N THR G 211 -21.12 14.21 9.54
CA THR G 211 -22.43 13.66 9.84
C THR G 211 -23.00 12.97 8.61
N GLN G 212 -22.14 12.30 7.84
CA GLN G 212 -22.51 11.79 6.53
C GLN G 212 -21.57 10.67 6.14
N THR G 213 -22.04 9.81 5.23
CA THR G 213 -21.25 8.72 4.70
C THR G 213 -20.63 9.16 3.37
N PHE G 214 -19.47 8.60 3.06
CA PHE G 214 -18.72 8.96 1.85
C PHE G 214 -18.38 7.69 1.07
N THR G 215 -18.97 7.58 -0.12
CA THR G 215 -18.62 6.52 -1.06
C THR G 215 -18.20 7.15 -2.38
N CYS G 216 -17.11 6.64 -2.95
CA CYS G 216 -16.59 7.12 -4.22
C CYS G 216 -16.99 6.16 -5.34
N ASN G 217 -17.37 6.73 -6.48
CA ASN G 217 -17.86 5.96 -7.63
C ASN G 217 -16.81 6.02 -8.73
N VAL G 218 -16.04 4.94 -8.87
CA VAL G 218 -15.01 4.83 -9.88
C VAL G 218 -15.59 4.06 -11.06
N ALA G 219 -15.23 4.49 -12.28
CA ALA G 219 -15.68 3.82 -13.49
C ALA G 219 -14.53 3.77 -14.49
N HIS G 220 -14.33 2.61 -15.09
CA HIS G 220 -13.26 2.37 -16.06
C HIS G 220 -13.88 1.72 -17.28
N PRO G 221 -14.37 2.52 -18.23
CA PRO G 221 -15.11 1.95 -19.37
C PRO G 221 -14.31 0.96 -20.19
N ALA G 222 -12.99 1.09 -20.25
CA ALA G 222 -12.18 0.18 -21.04
C ALA G 222 -12.35 -1.27 -20.59
N SER G 223 -12.44 -1.50 -19.28
CA SER G 223 -12.65 -2.83 -18.72
C SER G 223 -14.11 -3.07 -18.35
N SER G 224 -15.00 -2.13 -18.66
CA SER G 224 -16.43 -2.26 -18.35
C SER G 224 -16.68 -2.46 -16.86
N THR G 225 -15.79 -1.94 -16.02
CA THR G 225 -15.92 -2.06 -14.58
C THR G 225 -16.43 -0.75 -13.99
N LYS G 226 -17.11 -0.87 -12.86
CA LYS G 226 -17.68 0.29 -12.16
C LYS G 226 -17.76 -0.08 -10.68
N VAL G 227 -16.97 0.60 -9.85
CA VAL G 227 -16.83 0.25 -8.44
C VAL G 227 -17.32 1.40 -7.59
N ASP G 228 -18.21 1.09 -6.65
CA ASP G 228 -18.57 2.00 -5.56
C ASP G 228 -17.83 1.54 -4.31
N LYS G 229 -17.17 2.47 -3.63
CA LYS G 229 -16.28 2.12 -2.53
C LYS G 229 -16.58 3.03 -1.34
N ALA G 230 -17.05 2.45 -0.24
CA ALA G 230 -17.29 3.21 0.97
C ALA G 230 -15.98 3.54 1.67
N VAL G 231 -15.86 4.77 2.14
CA VAL G 231 -14.65 5.27 2.79
C VAL G 231 -15.04 5.66 4.21
N ASP G 232 -14.50 4.94 5.18
CA ASP G 232 -14.83 5.16 6.59
C ASP G 232 -14.18 6.45 7.07
N PRO G 233 -14.95 7.49 7.42
CA PRO G 233 -14.32 8.73 7.90
C PRO G 233 -13.79 8.64 9.32
N ARG G 234 -14.34 7.75 10.14
CA ARG G 234 -13.82 7.59 11.50
C ARG G 234 -12.40 7.05 11.46
N CYS G 235 -11.59 7.48 12.42
CA CYS G 235 -10.15 7.27 12.35
C CYS G 235 -9.69 5.82 12.49
N GLY G 236 -10.57 4.86 12.72
CA GLY G 236 -10.14 3.47 12.73
C GLY G 236 -9.40 3.07 14.00
N VAL H 3 11.32 21.68 -39.10
CA VAL H 3 10.50 22.06 -37.95
C VAL H 3 10.58 23.58 -37.75
N LEU H 4 9.50 24.16 -37.24
CA LEU H 4 9.46 25.58 -36.94
C LEU H 4 9.94 25.82 -35.51
N THR H 5 10.80 26.81 -35.33
CA THR H 5 11.39 27.11 -34.04
C THR H 5 10.51 28.10 -33.28
N GLN H 6 10.05 27.68 -32.10
CA GLN H 6 9.35 28.53 -31.15
C GLN H 6 10.12 28.60 -29.85
N PRO H 7 9.96 29.67 -29.08
CA PRO H 7 10.53 29.71 -27.73
C PRO H 7 9.80 28.74 -26.83
N PRO H 8 10.53 27.98 -25.99
CA PRO H 8 9.85 27.00 -25.13
C PRO H 8 8.76 27.61 -24.26
N SER H 9 8.99 28.80 -23.72
CA SER H 9 8.00 29.42 -22.84
C SER H 9 8.25 30.92 -22.77
N VAL H 10 7.17 31.68 -22.54
CA VAL H 10 7.23 33.12 -22.34
C VAL H 10 6.35 33.48 -21.15
N SER H 11 6.66 34.60 -20.50
CA SER H 11 5.95 35.06 -19.33
C SER H 11 5.42 36.48 -19.53
N GLY H 12 4.37 36.79 -18.78
CA GLY H 12 3.82 38.14 -18.76
C GLY H 12 2.85 38.28 -17.62
N SER H 13 2.54 39.53 -17.30
CA SER H 13 1.61 39.86 -16.23
C SER H 13 0.30 40.36 -16.83
N LEU H 14 -0.73 40.34 -15.98
CA LEU H 14 -2.08 40.72 -16.41
C LEU H 14 -2.10 42.10 -17.06
N GLY H 15 -2.72 42.19 -18.23
CA GLY H 15 -2.86 43.44 -18.95
C GLY H 15 -1.65 43.85 -19.77
N GLN H 16 -0.56 43.09 -19.71
CA GLN H 16 0.66 43.44 -20.42
C GLN H 16 0.73 42.71 -21.75
N ARG H 17 1.40 43.33 -22.72
CA ARG H 17 1.58 42.74 -24.04
C ARG H 17 2.67 41.68 -24.03
N VAL H 18 2.39 40.54 -24.68
CA VAL H 18 3.36 39.47 -24.86
C VAL H 18 3.30 39.03 -26.31
N SER H 19 4.43 38.54 -26.82
CA SER H 19 4.53 38.11 -28.21
C SER H 19 5.32 36.83 -28.30
N ILE H 20 4.86 35.92 -29.16
CA ILE H 20 5.48 34.62 -29.38
C ILE H 20 5.94 34.54 -30.82
N THR H 21 7.22 34.22 -31.02
CA THR H 21 7.79 34.14 -32.36
C THR H 21 7.72 32.71 -32.89
N CYS H 22 7.79 32.59 -34.22
CA CYS H 22 7.76 31.30 -34.90
C CYS H 22 8.63 31.44 -36.14
N SER H 23 9.87 30.95 -36.05
CA SER H 23 10.85 31.12 -37.11
C SER H 23 10.96 29.85 -37.94
N GLY H 24 11.02 30.02 -39.26
CA GLY H 24 11.17 28.91 -40.17
C GLY H 24 12.23 29.17 -41.22
N SER H 25 11.86 28.99 -42.49
CA SER H 25 12.78 29.21 -43.60
C SER H 25 12.04 29.89 -44.74
N SER H 26 12.81 30.29 -45.76
CA SER H 26 12.21 30.90 -46.95
C SER H 26 11.20 29.98 -47.61
N SER H 27 11.40 28.66 -47.52
CA SER H 27 10.54 27.72 -48.21
C SER H 27 9.13 27.72 -47.63
N ASN H 28 9.01 27.70 -46.29
CA ASN H 28 7.71 27.58 -45.66
C ASN H 28 7.12 28.92 -45.26
N ILE H 29 7.64 29.52 -44.19
CA ILE H 29 7.03 30.75 -43.65
C ILE H 29 7.18 31.90 -44.63
N GLY H 30 8.36 32.03 -45.25
CA GLY H 30 8.56 33.10 -46.21
C GLY H 30 7.55 33.08 -47.35
N ARG H 31 7.13 31.88 -47.76
CA ARG H 31 6.28 31.69 -48.92
C ARG H 31 4.80 31.54 -48.57
N TRP H 32 4.48 30.75 -47.56
CA TRP H 32 3.11 30.35 -47.26
C TRP H 32 2.60 31.01 -45.98
N GLY H 33 1.28 31.00 -45.83
CA GLY H 33 0.67 31.57 -44.64
C GLY H 33 1.00 30.81 -43.38
N VAL H 34 0.81 31.48 -42.25
CA VAL H 34 1.12 30.93 -40.93
C VAL H 34 -0.16 30.88 -40.10
N ASN H 35 -0.30 29.84 -39.30
CA ASN H 35 -1.48 29.63 -38.47
C ASN H 35 -1.07 29.35 -37.04
N TRP H 36 -1.89 29.77 -36.09
CA TRP H 36 -1.59 29.62 -34.67
C TRP H 36 -2.74 28.90 -33.98
N TYR H 37 -2.40 28.07 -32.99
CA TYR H 37 -3.37 27.27 -32.26
C TYR H 37 -3.13 27.39 -30.76
N GLN H 38 -4.21 27.38 -29.99
CA GLN H 38 -4.16 27.45 -28.54
C GLN H 38 -4.75 26.17 -27.96
N GLN H 39 -4.06 25.62 -26.95
CA GLN H 39 -4.61 24.53 -26.14
C GLN H 39 -4.41 24.85 -24.66
N VAL H 40 -5.50 25.03 -23.93
CA VAL H 40 -5.45 25.07 -22.48
C VAL H 40 -5.25 23.64 -22.01
N PRO H 41 -4.61 23.41 -20.86
CA PRO H 41 -4.37 22.02 -20.42
C PRO H 41 -5.62 21.18 -20.33
N GLY H 42 -6.78 21.78 -20.06
CA GLY H 42 -8.01 21.02 -19.95
C GLY H 42 -8.48 20.46 -21.27
N SER H 43 -8.52 21.30 -22.31
CA SER H 43 -9.14 20.96 -23.57
C SER H 43 -8.08 20.62 -24.62
N GLY H 44 -8.53 20.41 -25.86
CA GLY H 44 -7.64 20.17 -26.97
C GLY H 44 -7.23 21.43 -27.68
N LEU H 45 -7.22 21.41 -29.02
CA LEU H 45 -6.68 22.50 -29.82
C LEU H 45 -7.80 23.42 -30.30
N ARG H 46 -7.48 24.72 -30.37
CA ARG H 46 -8.39 25.73 -30.89
C ARG H 46 -7.62 26.68 -31.79
N THR H 47 -8.11 26.85 -33.02
CA THR H 47 -7.52 27.81 -33.94
C THR H 47 -7.86 29.22 -33.51
N ILE H 48 -6.85 30.08 -33.41
CA ILE H 48 -7.02 31.45 -32.94
C ILE H 48 -6.79 32.47 -34.05
N ILE H 49 -5.81 32.24 -34.93
CA ILE H 49 -5.63 33.05 -36.12
C ILE H 49 -5.17 32.16 -37.27
N TYR H 50 -5.48 32.59 -38.49
CA TYR H 50 -5.13 31.82 -39.68
C TYR H 50 -4.56 32.74 -40.75
N TYR H 51 -3.84 32.13 -41.69
CA TYR H 51 -3.08 32.80 -42.75
C TYR H 51 -2.07 33.80 -42.19
N GLU H 52 -2.55 34.92 -41.65
CA GLU H 52 -1.63 35.93 -41.14
C GLU H 52 -2.18 36.61 -39.89
N SER H 53 -3.29 37.34 -40.02
CA SER H 53 -3.87 38.08 -38.91
C SER H 53 -5.37 37.89 -38.79
N SER H 54 -5.96 36.95 -39.54
CA SER H 54 -7.40 36.77 -39.55
C SER H 54 -7.82 35.83 -38.42
N ARG H 55 -8.97 36.13 -37.81
CA ARG H 55 -9.40 35.42 -36.63
C ARG H 55 -10.70 34.66 -36.90
N PRO H 56 -10.81 33.42 -36.46
CA PRO H 56 -12.10 32.72 -36.50
C PRO H 56 -13.12 33.43 -35.62
N SER H 57 -14.37 33.01 -35.77
CA SER H 57 -15.44 33.56 -34.93
C SER H 57 -15.20 33.20 -33.46
N GLY H 58 -15.35 34.19 -32.59
CA GLY H 58 -15.33 33.99 -31.16
C GLY H 58 -13.98 34.06 -30.49
N VAL H 59 -12.90 34.32 -31.22
CA VAL H 59 -11.59 34.51 -30.60
C VAL H 59 -11.39 36.02 -30.41
N PRO H 60 -10.89 36.46 -29.26
CA PRO H 60 -10.84 37.89 -28.96
C PRO H 60 -9.95 38.64 -29.95
N ASP H 61 -10.21 39.95 -30.07
CA ASP H 61 -9.38 40.80 -30.91
C ASP H 61 -7.96 40.97 -30.35
N ARG H 62 -7.75 40.66 -29.07
CA ARG H 62 -6.43 40.84 -28.47
C ARG H 62 -5.37 40.03 -29.21
N PHE H 63 -5.76 38.88 -29.76
CA PHE H 63 -4.84 38.05 -30.51
C PHE H 63 -4.69 38.61 -31.92
N SER H 64 -3.43 38.75 -32.36
CA SER H 64 -3.15 39.15 -33.73
C SER H 64 -1.85 38.51 -34.17
N GLY H 65 -1.63 38.49 -35.47
CA GLY H 65 -0.44 37.88 -36.03
C GLY H 65 0.18 38.75 -37.10
N SER H 66 1.48 38.57 -37.29
CA SER H 66 2.22 39.29 -38.31
C SER H 66 3.40 38.42 -38.74
N LYS H 67 4.08 38.87 -39.79
CA LYS H 67 5.15 38.09 -40.39
C LYS H 67 6.16 39.03 -41.02
N SER H 68 7.44 38.82 -40.71
CA SER H 68 8.53 39.61 -41.26
C SER H 68 9.58 38.64 -41.79
N GLY H 69 9.60 38.45 -43.11
CA GLY H 69 10.50 37.50 -43.72
C GLY H 69 10.15 36.06 -43.40
N ASN H 70 10.97 35.40 -42.59
CA ASN H 70 10.79 33.99 -42.27
C ASN H 70 10.36 33.77 -40.82
N THR H 71 10.05 34.83 -40.08
CA THR H 71 9.66 34.73 -38.68
C THR H 71 8.28 35.32 -38.49
N ALA H 72 7.33 34.49 -38.08
CA ALA H 72 5.98 34.93 -37.77
C ALA H 72 5.84 35.15 -36.26
N THR H 73 4.94 36.06 -35.89
CA THR H 73 4.79 36.47 -34.50
C THR H 73 3.32 36.51 -34.13
N LEU H 74 2.98 35.82 -33.04
CA LEU H 74 1.67 35.92 -32.41
C LEU H 74 1.77 36.88 -31.23
N THR H 75 0.91 37.89 -31.21
CA THR H 75 0.94 38.93 -30.20
C THR H 75 -0.37 38.96 -29.43
N ILE H 76 -0.29 38.97 -28.11
CA ILE H 76 -1.45 39.08 -27.23
C ILE H 76 -1.36 40.44 -26.55
N SER H 77 -2.33 41.31 -26.84
CA SER H 77 -2.19 42.72 -26.50
C SER H 77 -2.26 42.98 -25.00
N SER H 78 -3.20 42.33 -24.32
CA SER H 78 -3.39 42.54 -22.88
C SER H 78 -3.77 41.20 -22.25
N LEU H 79 -2.82 40.60 -21.54
CA LEU H 79 -2.99 39.24 -21.04
C LEU H 79 -4.15 39.14 -20.07
N GLN H 80 -4.74 37.95 -20.02
CA GLN H 80 -5.76 37.60 -19.05
C GLN H 80 -5.48 36.20 -18.53
N ALA H 81 -6.10 35.86 -17.40
CA ALA H 81 -5.83 34.59 -16.75
C ALA H 81 -6.08 33.40 -17.68
N GLU H 82 -7.15 33.47 -18.48
CA GLU H 82 -7.51 32.36 -19.34
C GLU H 82 -6.49 32.12 -20.45
N ASP H 83 -5.60 33.09 -20.72
CA ASP H 83 -4.61 32.93 -21.79
C ASP H 83 -3.51 31.95 -21.43
N GLU H 84 -3.40 31.54 -20.16
CA GLU H 84 -2.40 30.56 -19.76
C GLU H 84 -2.65 29.24 -20.48
N ALA H 85 -1.81 28.91 -21.45
CA ALA H 85 -2.03 27.76 -22.32
C ALA H 85 -0.78 27.54 -23.17
N ASP H 86 -0.82 26.47 -23.96
CA ASP H 86 0.23 26.20 -24.94
C ASP H 86 -0.19 26.74 -26.30
N TYR H 87 0.77 27.32 -27.02
CA TYR H 87 0.51 27.94 -28.32
C TYR H 87 1.41 27.32 -29.37
N PHE H 88 0.83 26.92 -30.49
CA PHE H 88 1.53 26.24 -31.56
C PHE H 88 1.33 27.00 -32.87
N CYS H 89 2.42 27.15 -33.63
CA CYS H 89 2.32 27.71 -34.97
C CYS H 89 2.40 26.60 -36.02
N ALA H 90 1.93 26.91 -37.22
CA ALA H 90 1.94 25.96 -38.32
C ALA H 90 1.96 26.70 -39.64
N THR H 91 2.51 26.05 -40.66
CA THR H 91 2.56 26.61 -42.00
C THR H 91 2.73 25.46 -42.99
N GLY H 92 2.73 25.79 -44.27
CA GLY H 92 2.93 24.82 -45.34
C GLY H 92 4.26 25.04 -46.02
N ASP H 93 4.85 23.95 -46.51
CA ASP H 93 6.07 24.00 -47.31
C ASP H 93 5.78 23.95 -48.81
N TYR H 94 4.83 23.10 -49.21
CA TYR H 94 4.35 22.98 -50.58
C TYR H 94 3.08 22.16 -50.55
N ASN H 95 3.22 20.83 -50.67
CA ASN H 95 2.16 19.89 -50.32
C ASN H 95 2.38 19.27 -48.95
N ILE H 96 3.27 19.84 -48.15
CA ILE H 96 3.60 19.32 -46.83
C ILE H 96 3.31 20.40 -45.81
N ALA H 97 2.83 19.99 -44.64
CA ALA H 97 2.58 20.89 -43.53
C ALA H 97 3.57 20.62 -42.40
N VAL H 98 3.96 21.68 -41.71
CA VAL H 98 4.93 21.61 -40.62
C VAL H 98 4.42 22.45 -39.46
N PHE H 99 4.59 21.95 -38.24
CA PHE H 99 4.09 22.59 -37.04
C PHE H 99 5.26 23.00 -36.15
N GLY H 100 4.97 23.91 -35.22
CA GLY H 100 6.01 24.44 -34.35
C GLY H 100 6.26 23.56 -33.13
N SER H 101 7.31 23.92 -32.40
CA SER H 101 7.70 23.16 -31.21
C SER H 101 6.82 23.43 -30.01
N GLY H 102 6.06 24.53 -30.00
CA GLY H 102 5.20 24.85 -28.89
C GLY H 102 5.78 25.87 -27.93
N THR H 103 4.92 26.74 -27.40
CA THR H 103 5.32 27.74 -26.43
C THR H 103 4.32 27.75 -25.28
N THR H 104 4.81 27.49 -24.07
CA THR H 104 3.96 27.55 -22.88
C THR H 104 3.89 28.98 -22.37
N LEU H 105 2.69 29.54 -22.34
CA LEU H 105 2.47 30.90 -21.84
C LEU H 105 2.06 30.85 -20.38
N ILE H 106 2.78 31.59 -19.54
CA ILE H 106 2.50 31.69 -18.10
C ILE H 106 2.14 33.13 -17.78
N VAL H 107 1.07 33.32 -17.02
CA VAL H 107 0.61 34.64 -16.60
C VAL H 107 0.96 34.82 -15.13
N MET H 108 1.82 35.79 -14.85
CA MET H 108 2.29 36.07 -13.51
C MET H 108 1.44 37.17 -12.86
N GLY H 109 1.76 37.47 -11.61
CA GLY H 109 1.01 38.45 -10.84
C GLY H 109 -0.20 37.91 -10.13
N GLN H 110 -0.40 36.60 -10.13
CA GLN H 110 -1.49 35.98 -9.39
C GLN H 110 -1.06 35.78 -7.93
N PRO H 111 -2.01 35.80 -7.00
CA PRO H 111 -1.64 35.75 -5.58
C PRO H 111 -0.96 34.44 -5.21
N LYS H 112 0.11 34.55 -4.43
CA LYS H 112 0.85 33.38 -3.98
C LYS H 112 0.04 32.59 -2.97
N SER H 113 0.29 31.27 -2.93
CA SER H 113 -0.35 30.40 -1.96
C SER H 113 0.60 29.25 -1.61
N PRO H 114 0.71 28.89 -0.34
CA PRO H 114 1.48 27.71 0.02
C PRO H 114 0.67 26.45 -0.22
N PRO H 115 1.33 25.32 -0.49
CA PRO H 115 0.59 24.10 -0.82
C PRO H 115 0.00 23.43 0.42
N SER H 116 -1.24 22.97 0.27
CA SER H 116 -1.82 22.04 1.23
C SER H 116 -1.30 20.64 0.93
N VAL H 117 -0.85 19.94 1.96
CA VAL H 117 -0.23 18.62 1.81
C VAL H 117 -0.98 17.63 2.69
N THR H 118 -1.37 16.49 2.11
CA THR H 118 -1.96 15.39 2.84
C THR H 118 -1.23 14.11 2.46
N LEU H 119 -0.71 13.39 3.46
CA LEU H 119 0.03 12.16 3.25
C LEU H 119 -0.82 10.99 3.72
N PHE H 120 -1.32 10.20 2.77
CA PHE H 120 -2.17 9.06 3.10
C PHE H 120 -1.34 7.80 3.26
N PRO H 121 -1.65 6.99 4.27
CA PRO H 121 -1.00 5.68 4.41
C PRO H 121 -1.65 4.65 3.52
N PRO H 122 -1.02 3.49 3.32
CA PRO H 122 -1.69 2.42 2.56
C PRO H 122 -2.84 1.83 3.33
N SER H 123 -3.87 1.44 2.60
CA SER H 123 -5.05 0.84 3.20
C SER H 123 -4.77 -0.61 3.60
N THR H 124 -5.59 -1.11 4.53
CA THR H 124 -5.46 -2.51 4.95
C THR H 124 -5.78 -3.46 3.82
N GLU H 125 -6.68 -3.08 2.91
CA GLU H 125 -7.01 -3.96 1.79
C GLU H 125 -5.84 -4.13 0.83
N GLU H 126 -5.05 -3.08 0.64
CA GLU H 126 -3.86 -3.19 -0.20
C GLU H 126 -2.78 -4.00 0.50
N LEU H 127 -2.62 -3.81 1.82
CA LEU H 127 -1.64 -4.59 2.56
C LEU H 127 -1.94 -6.08 2.52
N ASN H 128 -3.21 -6.45 2.34
CA ASN H 128 -3.55 -7.85 2.18
C ASN H 128 -2.98 -8.44 0.90
N GLY H 129 -2.75 -7.60 -0.12
CA GLY H 129 -2.13 -8.05 -1.34
C GLY H 129 -0.63 -7.87 -1.31
N ASN H 130 -0.08 -7.69 -0.10
CA ASN H 130 1.36 -7.49 0.11
C ASN H 130 1.89 -6.30 -0.67
N LYS H 131 1.05 -5.29 -0.87
CA LYS H 131 1.43 -4.03 -1.50
C LYS H 131 1.22 -2.89 -0.51
N ALA H 132 1.90 -1.77 -0.77
CA ALA H 132 1.77 -0.61 0.10
C ALA H 132 2.21 0.63 -0.68
N THR H 133 1.25 1.48 -1.04
CA THR H 133 1.52 2.71 -1.76
C THR H 133 1.14 3.90 -0.89
N LEU H 134 2.08 4.81 -0.68
CA LEU H 134 1.84 6.03 0.07
C LEU H 134 1.52 7.16 -0.90
N VAL H 135 0.44 7.88 -0.64
CA VAL H 135 -0.06 8.92 -1.54
C VAL H 135 0.09 10.26 -0.84
N CYS H 136 0.85 11.16 -1.47
CA CYS H 136 1.08 12.52 -0.97
C CYS H 136 0.42 13.50 -1.93
N LEU H 137 -0.71 14.08 -1.51
CA LEU H 137 -1.48 14.99 -2.35
C LEU H 137 -1.15 16.43 -2.02
N ILE H 138 -1.01 17.24 -3.07
CA ILE H 138 -0.55 18.62 -2.98
C ILE H 138 -1.50 19.49 -3.77
N SER H 139 -1.92 20.61 -3.18
CA SER H 139 -2.94 21.44 -3.83
C SER H 139 -2.85 22.87 -3.31
N ASP H 140 -3.48 23.77 -4.07
CA ASP H 140 -3.64 25.18 -3.70
C ASP H 140 -2.29 25.88 -3.51
N PHE H 141 -1.39 25.70 -4.47
CA PHE H 141 -0.12 26.40 -4.48
C PHE H 141 0.07 27.16 -5.78
N TYR H 142 0.53 28.40 -5.67
CA TYR H 142 0.95 29.22 -6.80
C TYR H 142 2.20 29.97 -6.37
N PRO H 143 3.21 30.08 -7.24
CA PRO H 143 3.30 29.57 -8.62
C PRO H 143 3.30 28.04 -8.71
N GLY H 144 2.95 27.52 -9.88
CA GLY H 144 2.79 26.09 -10.07
C GLY H 144 4.10 25.35 -10.24
N SER H 145 4.87 25.23 -9.15
CA SER H 145 6.14 24.52 -9.20
C SER H 145 6.50 24.09 -7.79
N VAL H 146 6.56 22.77 -7.55
CA VAL H 146 6.94 22.22 -6.27
C VAL H 146 7.98 21.13 -6.48
N THR H 147 8.80 20.90 -5.46
CA THR H 147 9.72 19.78 -5.43
C THR H 147 9.38 18.90 -4.24
N VAL H 148 9.25 17.60 -4.48
CA VAL H 148 8.88 16.64 -3.45
C VAL H 148 10.08 15.74 -3.18
N VAL H 149 10.39 15.55 -1.90
CA VAL H 149 11.44 14.63 -1.46
C VAL H 149 10.86 13.75 -0.37
N TRP H 150 10.93 12.43 -0.56
CA TRP H 150 10.44 11.48 0.41
C TRP H 150 11.55 11.09 1.39
N LYS H 151 11.14 10.66 2.57
CA LYS H 151 12.10 10.28 3.61
C LYS H 151 11.54 9.13 4.42
N ALA H 152 12.44 8.36 5.01
CA ALA H 152 12.09 7.27 5.92
C ALA H 152 13.14 7.20 7.01
N ASP H 153 12.73 7.43 8.26
CA ASP H 153 13.64 7.53 9.40
C ASP H 153 14.70 8.60 9.15
N GLY H 154 14.27 9.74 8.63
CA GLY H 154 15.19 10.83 8.32
C GLY H 154 16.20 10.50 7.25
N SER H 155 15.85 9.62 6.31
CA SER H 155 16.75 9.20 5.24
C SER H 155 16.04 9.32 3.91
N THR H 156 16.64 10.06 2.98
CA THR H 156 16.01 10.33 1.70
C THR H 156 15.91 9.05 0.86
N ILE H 157 14.82 8.92 0.12
CA ILE H 157 14.57 7.78 -0.77
C ILE H 157 14.45 8.31 -2.19
N THR H 158 15.21 7.70 -3.11
CA THR H 158 15.17 8.07 -4.52
C THR H 158 14.42 7.07 -5.39
N ARG H 159 14.32 5.82 -4.97
CA ARG H 159 13.77 4.75 -5.80
C ARG H 159 12.31 4.49 -5.48
N ASN H 160 11.58 4.02 -6.49
CA ASN H 160 10.16 3.67 -6.36
C ASN H 160 9.32 4.86 -5.89
N VAL H 161 9.62 6.03 -6.44
CA VAL H 161 8.84 7.24 -6.17
C VAL H 161 8.54 7.92 -7.50
N GLU H 162 7.27 8.25 -7.72
CA GLU H 162 6.83 8.87 -8.97
C GLU H 162 5.99 10.09 -8.62
N THR H 163 6.45 11.27 -9.04
CA THR H 163 5.77 12.52 -8.77
C THR H 163 5.31 13.13 -10.09
N THR H 164 4.02 13.43 -10.18
CA THR H 164 3.50 14.08 -11.38
C THR H 164 3.89 15.55 -11.40
N ARG H 165 3.90 16.11 -12.61
CA ARG H 165 4.17 17.53 -12.76
C ARG H 165 2.98 18.33 -12.23
N ALA H 166 3.24 19.58 -11.86
CA ALA H 166 2.17 20.47 -11.42
C ALA H 166 1.14 20.63 -12.53
N SER H 167 -0.12 20.79 -12.13
CA SER H 167 -1.22 20.89 -13.09
C SER H 167 -2.25 21.87 -12.58
N LYS H 168 -2.86 22.59 -13.52
CA LYS H 168 -3.84 23.63 -13.18
C LYS H 168 -5.15 23.00 -12.74
N GLN H 169 -5.69 23.48 -11.62
CA GLN H 169 -6.96 23.01 -11.09
C GLN H 169 -8.04 24.07 -11.31
N SER H 170 -9.24 23.75 -10.82
CA SER H 170 -10.39 24.63 -11.03
C SER H 170 -10.18 26.01 -10.42
N ASN H 171 -9.46 26.09 -9.30
CA ASN H 171 -9.24 27.36 -8.61
C ASN H 171 -8.35 28.32 -9.38
N SER H 172 -7.68 27.86 -10.43
CA SER H 172 -6.61 28.51 -11.20
C SER H 172 -5.29 28.41 -10.44
N LYS H 173 -5.27 27.79 -9.27
CA LYS H 173 -4.04 27.42 -8.61
C LYS H 173 -3.56 26.08 -9.19
N TYR H 174 -2.52 25.51 -8.61
CA TYR H 174 -1.93 24.30 -9.16
C TYR H 174 -1.98 23.16 -8.13
N ALA H 175 -1.88 21.94 -8.65
CA ALA H 175 -1.92 20.74 -7.82
C ALA H 175 -0.90 19.74 -8.32
N ALA H 176 -0.46 18.87 -7.41
CA ALA H 176 0.47 17.80 -7.75
C ALA H 176 0.24 16.64 -6.80
N SER H 177 0.89 15.51 -7.10
CA SER H 177 0.75 14.32 -6.29
C SER H 177 1.99 13.46 -6.44
N SER H 178 2.41 12.82 -5.36
CA SER H 178 3.58 11.96 -5.34
C SER H 178 3.22 10.61 -4.73
N TYR H 179 3.77 9.55 -5.31
CA TYR H 179 3.46 8.19 -4.90
C TYR H 179 4.75 7.46 -4.53
N LEU H 180 4.68 6.64 -3.48
CA LEU H 180 5.80 5.82 -3.02
C LEU H 180 5.32 4.37 -2.94
N SER H 181 5.62 3.60 -3.98
CA SER H 181 5.20 2.20 -4.06
C SER H 181 6.27 1.31 -3.44
N LEU H 182 5.88 0.56 -2.40
CA LEU H 182 6.76 -0.40 -1.78
C LEU H 182 5.94 -1.59 -1.30
N THR H 183 6.63 -2.66 -0.92
CA THR H 183 5.95 -3.87 -0.50
C THR H 183 5.43 -3.73 0.93
N SER H 184 4.52 -4.65 1.30
CA SER H 184 3.93 -4.60 2.64
C SER H 184 4.98 -4.83 3.71
N SER H 185 5.98 -5.69 3.45
CA SER H 185 7.06 -5.87 4.41
C SER H 185 7.95 -4.65 4.47
N ASP H 186 8.14 -3.95 3.34
CA ASP H 186 8.84 -2.68 3.36
C ASP H 186 8.11 -1.65 4.19
N TRP H 187 6.78 -1.72 4.22
CA TRP H 187 5.98 -0.72 4.92
C TRP H 187 6.27 -0.68 6.41
N LYS H 188 6.21 -1.84 7.08
CA LYS H 188 6.44 -1.88 8.52
C LYS H 188 7.90 -2.02 8.91
N SER H 189 8.80 -2.22 7.95
CA SER H 189 10.21 -2.38 8.29
C SER H 189 10.82 -1.11 8.86
N LYS H 190 10.16 0.03 8.69
CA LYS H 190 10.67 1.33 9.10
C LYS H 190 9.70 2.00 10.07
N GLY H 191 10.23 2.97 10.82
CA GLY H 191 9.46 3.60 11.87
C GLY H 191 8.50 4.68 11.40
N SER H 192 8.95 5.56 10.50
CA SER H 192 8.12 6.67 10.05
C SER H 192 8.53 7.08 8.65
N TYR H 193 7.53 7.37 7.82
CA TYR H 193 7.73 7.93 6.48
C TYR H 193 7.19 9.36 6.46
N SER H 194 7.75 10.18 5.58
CA SER H 194 7.35 11.58 5.51
C SER H 194 7.43 12.08 4.08
N CYS H 195 6.66 13.13 3.81
CA CYS H 195 6.59 13.77 2.49
C CYS H 195 6.90 15.24 2.64
N GLU H 196 8.08 15.66 2.18
CA GLU H 196 8.51 17.06 2.25
C GLU H 196 8.21 17.75 0.93
N VAL H 197 7.39 18.79 0.98
CA VAL H 197 7.01 19.57 -0.19
C VAL H 197 7.57 20.97 -0.01
N THR H 198 8.56 21.33 -0.83
CA THR H 198 9.15 22.66 -0.82
C THR H 198 8.51 23.52 -1.90
N HIS H 199 8.31 24.80 -1.59
CA HIS H 199 7.62 25.70 -2.52
C HIS H 199 7.98 27.13 -2.14
N GLU H 200 8.68 27.82 -3.05
CA GLU H 200 9.13 29.19 -2.84
C GLU H 200 9.94 29.33 -1.55
N GLY H 201 10.96 28.46 -1.41
CA GLY H 201 11.84 28.51 -0.26
C GLY H 201 11.17 28.22 1.06
N SER H 202 10.11 27.42 1.06
CA SER H 202 9.42 27.06 2.30
C SER H 202 8.92 25.63 2.17
N THR H 203 9.21 24.81 3.18
CA THR H 203 8.95 23.38 3.14
C THR H 203 7.79 23.04 4.07
N VAL H 204 6.86 22.24 3.56
CA VAL H 204 5.75 21.69 4.34
C VAL H 204 5.93 20.18 4.38
N THR H 205 5.92 19.61 5.59
CA THR H 205 6.24 18.21 5.81
C THR H 205 5.10 17.52 6.55
N LYS H 206 4.65 16.40 6.00
CA LYS H 206 3.66 15.54 6.64
C LYS H 206 4.27 14.16 6.85
N THR H 207 3.98 13.56 8.00
CA THR H 207 4.62 12.32 8.41
C THR H 207 3.57 11.25 8.67
N VAL H 208 3.98 9.98 8.51
CA VAL H 208 3.10 8.84 8.73
C VAL H 208 3.91 7.74 9.41
N LYS H 209 3.26 7.00 10.30
CA LYS H 209 3.94 6.00 11.13
C LYS H 209 3.19 4.67 11.04
N PRO H 210 3.80 3.61 10.49
CA PRO H 210 3.12 2.30 10.46
C PRO H 210 2.91 1.71 11.84
N SER H 211 3.97 1.71 12.66
CA SER H 211 3.90 1.11 13.98
C SER H 211 2.76 1.71 14.80
N GLU H 212 2.53 3.01 14.68
CA GLU H 212 1.48 3.70 15.42
C GLU H 212 0.17 3.84 14.63
N CYS H 213 0.11 3.32 13.41
CA CYS H 213 -1.10 3.40 12.59
C CYS H 213 -2.26 2.68 13.27
C1 GOL I . -31.65 -44.46 25.81
O1 GOL I . -32.04 -43.51 24.87
C2 GOL I . -32.13 -45.83 25.32
O2 GOL I . -31.80 -46.06 23.99
C3 GOL I . -31.48 -46.86 26.27
O3 GOL I . -32.46 -47.26 27.17
#